data_2RS8
#
_entry.id   2RS8
#
_cell.length_a   1.000
_cell.length_b   1.000
_cell.length_c   1.000
_cell.angle_alpha   90.00
_cell.angle_beta   90.00
_cell.angle_gamma   90.00
#
_symmetry.space_group_name_H-M   'P 1'
#
_entity_poly.entity_id   1
_entity_poly.type   'polypeptide(L)'
_entity_poly.pdbx_seq_one_letter_code
;GSSGSSGGEKTFTQRSRLFVGNLPPDITEEEMRKLFEKYGKAGEVFIHKDKGFGFIRLETRTLAEIAKVELDNMPLRGKQ
LRVRFACHSASLTSGPSSG
;
_entity_poly.pdbx_strand_id   A
#
# COMPACT_ATOMS: atom_id res chain seq x y z
N GLY A 1 3.73 7.10 18.43
CA GLY A 1 4.64 6.98 19.58
C GLY A 1 6.06 7.30 19.18
N SER A 2 6.90 6.28 18.98
CA SER A 2 8.27 6.42 18.45
C SER A 2 8.28 6.38 16.90
N SER A 3 9.43 6.13 16.28
CA SER A 3 9.64 6.12 14.82
C SER A 3 10.76 5.15 14.42
N GLY A 4 10.70 4.61 13.19
CA GLY A 4 11.61 3.59 12.68
C GLY A 4 11.19 2.18 13.10
N SER A 5 12.18 1.36 13.49
CA SER A 5 12.00 -0.04 13.89
C SER A 5 13.15 -0.53 14.76
N SER A 6 12.90 -1.53 15.62
CA SER A 6 13.89 -2.23 16.44
C SER A 6 14.66 -3.32 15.68
N GLY A 7 14.29 -3.58 14.41
CA GLY A 7 14.88 -4.59 13.51
C GLY A 7 13.87 -5.60 12.96
N GLY A 8 12.71 -5.75 13.61
CA GLY A 8 11.59 -6.58 13.12
C GLY A 8 11.91 -8.07 13.05
N GLU A 9 11.53 -8.71 11.94
CA GLU A 9 11.69 -10.14 11.66
C GLU A 9 11.63 -10.38 10.15
N LYS A 10 12.42 -11.33 9.64
CA LYS A 10 12.43 -11.72 8.21
C LYS A 10 11.34 -12.78 7.90
N THR A 11 10.70 -12.67 6.73
CA THR A 11 9.56 -13.50 6.28
C THR A 11 9.69 -13.88 4.80
N PHE A 12 8.96 -14.92 4.40
CA PHE A 12 8.99 -15.50 3.04
C PHE A 12 8.42 -14.58 1.95
N THR A 13 7.71 -13.52 2.35
CA THR A 13 7.12 -12.47 1.50
C THR A 13 7.32 -11.15 2.22
N GLN A 14 7.75 -10.12 1.49
CA GLN A 14 7.97 -8.78 2.06
C GLN A 14 6.64 -8.04 2.25
N ARG A 15 6.61 -7.10 3.21
CA ARG A 15 5.42 -6.32 3.58
C ARG A 15 5.17 -5.16 2.59
N SER A 16 5.17 -5.48 1.30
CA SER A 16 5.08 -4.58 0.14
C SER A 16 3.64 -4.09 -0.14
N ARG A 17 2.84 -3.89 0.92
CA ARG A 17 1.41 -3.60 0.86
C ARG A 17 1.15 -2.09 0.92
N LEU A 18 0.42 -1.58 -0.07
CA LEU A 18 -0.01 -0.20 -0.21
C LEU A 18 -1.52 -0.08 0.02
N PHE A 19 -1.88 0.92 0.81
CA PHE A 19 -3.23 1.41 1.04
C PHE A 19 -3.53 2.48 -0.01
N VAL A 20 -4.73 2.48 -0.60
CA VAL A 20 -5.14 3.45 -1.62
C VAL A 20 -6.48 4.07 -1.21
N GLY A 21 -6.45 5.36 -0.87
CA GLY A 21 -7.61 6.17 -0.48
C GLY A 21 -7.98 7.21 -1.52
N ASN A 22 -9.12 7.88 -1.29
CA ASN A 22 -9.71 8.88 -2.20
C ASN A 22 -10.07 8.27 -3.57
N LEU A 23 -10.42 6.97 -3.61
CA LEU A 23 -10.78 6.26 -4.83
C LEU A 23 -12.09 6.81 -5.43
N PRO A 24 -12.21 6.93 -6.77
CA PRO A 24 -13.46 7.27 -7.44
C PRO A 24 -14.49 6.14 -7.28
N PRO A 25 -15.80 6.42 -7.49
CA PRO A 25 -16.85 5.41 -7.46
C PRO A 25 -16.87 4.52 -8.73
N ASP A 26 -16.05 4.87 -9.74
CA ASP A 26 -15.95 4.22 -11.06
C ASP A 26 -14.72 3.31 -11.18
N ILE A 27 -14.03 3.01 -10.08
CA ILE A 27 -12.84 2.14 -10.05
C ILE A 27 -13.25 0.65 -10.03
N THR A 28 -12.44 -0.19 -10.66
CA THR A 28 -12.58 -1.66 -10.71
C THR A 28 -11.24 -2.32 -10.41
N GLU A 29 -11.26 -3.63 -10.16
CA GLU A 29 -10.04 -4.43 -10.02
C GLU A 29 -9.15 -4.35 -11.28
N GLU A 30 -9.76 -4.20 -12.46
CA GLU A 30 -9.04 -4.07 -13.74
C GLU A 30 -8.43 -2.67 -13.92
N GLU A 31 -9.13 -1.60 -13.50
CA GLU A 31 -8.56 -0.25 -13.46
C GLU A 31 -7.38 -0.18 -12.48
N MET A 32 -7.51 -0.80 -11.29
CA MET A 32 -6.46 -0.80 -10.27
C MET A 32 -5.26 -1.65 -10.69
N ARG A 33 -5.48 -2.78 -11.38
CA ARG A 33 -4.42 -3.58 -12.00
C ARG A 33 -3.69 -2.78 -13.09
N LYS A 34 -4.41 -2.03 -13.94
CA LYS A 34 -3.83 -1.16 -14.97
C LYS A 34 -3.05 0.02 -14.41
N LEU A 35 -3.56 0.69 -13.37
CA LEU A 35 -2.88 1.79 -12.65
C LEU A 35 -1.51 1.38 -12.07
N PHE A 36 -1.32 0.07 -11.82
CA PHE A 36 -0.09 -0.50 -11.25
C PHE A 36 0.69 -1.36 -12.26
N GLU A 37 0.29 -1.42 -13.54
CA GLU A 37 0.90 -2.31 -14.54
C GLU A 37 2.35 -1.94 -14.90
N LYS A 38 2.74 -0.68 -14.65
CA LYS A 38 4.12 -0.19 -14.77
C LYS A 38 5.09 -0.87 -13.77
N TYR A 39 4.55 -1.41 -12.67
CA TYR A 39 5.28 -2.11 -11.59
C TYR A 39 5.05 -3.65 -11.64
N GLY A 40 4.39 -4.15 -12.69
CA GLY A 40 4.02 -5.56 -12.86
C GLY A 40 2.71 -5.92 -12.14
N LYS A 41 2.27 -7.17 -12.29
CA LYS A 41 1.05 -7.68 -11.66
C LYS A 41 1.22 -7.85 -10.13
N ALA A 42 0.28 -7.30 -9.35
CA ALA A 42 0.27 -7.40 -7.89
C ALA A 42 -0.06 -8.83 -7.40
N GLY A 43 0.42 -9.16 -6.19
CA GLY A 43 0.16 -10.45 -5.52
C GLY A 43 -1.16 -10.48 -4.76
N GLU A 44 -1.77 -9.32 -4.48
CA GLU A 44 -3.12 -9.18 -3.95
C GLU A 44 -3.72 -7.81 -4.32
N VAL A 45 -5.04 -7.75 -4.56
CA VAL A 45 -5.80 -6.56 -4.98
C VAL A 45 -7.20 -6.61 -4.35
N PHE A 46 -7.61 -5.54 -3.65
CA PHE A 46 -8.95 -5.39 -3.04
C PHE A 46 -9.47 -3.94 -3.15
N ILE A 47 -10.78 -3.80 -3.35
CA ILE A 47 -11.52 -2.51 -3.37
C ILE A 47 -12.87 -2.72 -2.68
N HIS A 48 -13.25 -1.80 -1.77
CA HIS A 48 -14.53 -1.83 -1.08
C HIS A 48 -15.34 -0.53 -1.26
N LYS A 49 -16.42 -0.58 -2.06
CA LYS A 49 -17.19 0.60 -2.48
C LYS A 49 -18.04 1.23 -1.36
N ASP A 50 -18.46 0.42 -0.37
CA ASP A 50 -19.23 0.90 0.79
C ASP A 50 -18.38 1.70 1.80
N LYS A 51 -17.05 1.69 1.67
CA LYS A 51 -16.11 2.49 2.48
C LYS A 51 -15.35 3.54 1.64
N GLY A 52 -15.07 3.26 0.35
CA GLY A 52 -14.36 4.17 -0.56
C GLY A 52 -12.83 4.01 -0.54
N PHE A 53 -12.34 2.81 -0.24
CA PHE A 53 -10.91 2.50 -0.03
C PHE A 53 -10.52 1.16 -0.68
N GLY A 54 -9.23 1.02 -0.99
CA GLY A 54 -8.62 -0.18 -1.57
C GLY A 54 -7.22 -0.45 -1.05
N PHE A 55 -6.71 -1.63 -1.41
CA PHE A 55 -5.45 -2.21 -0.94
C PHE A 55 -4.81 -3.00 -2.09
N ILE A 56 -3.47 -2.97 -2.17
CA ILE A 56 -2.71 -3.65 -3.23
C ILE A 56 -1.30 -4.00 -2.75
N ARG A 57 -0.83 -5.22 -3.02
CA ARG A 57 0.41 -5.76 -2.45
C ARG A 57 1.33 -6.24 -3.57
N LEU A 58 2.52 -5.65 -3.68
CA LEU A 58 3.44 -5.85 -4.82
C LEU A 58 4.48 -6.95 -4.52
N GLU A 59 5.35 -7.26 -5.49
CA GLU A 59 6.31 -8.37 -5.36
C GLU A 59 7.55 -8.02 -4.53
N THR A 60 7.97 -6.74 -4.48
CA THR A 60 9.17 -6.27 -3.77
C THR A 60 8.96 -4.91 -3.14
N ARG A 61 9.78 -4.60 -2.13
CA ARG A 61 9.86 -3.28 -1.49
C ARG A 61 10.20 -2.17 -2.51
N THR A 62 11.07 -2.44 -3.47
CA THR A 62 11.50 -1.51 -4.52
C THR A 62 10.32 -1.09 -5.39
N LEU A 63 9.51 -2.05 -5.84
CA LEU A 63 8.29 -1.78 -6.61
C LEU A 63 7.29 -0.96 -5.79
N ALA A 64 7.10 -1.29 -4.50
CA ALA A 64 6.16 -0.58 -3.62
C ALA A 64 6.62 0.86 -3.30
N GLU A 65 7.93 1.11 -3.16
CA GLU A 65 8.49 2.46 -3.00
C GLU A 65 8.31 3.30 -4.27
N ILE A 66 8.63 2.75 -5.44
CA ILE A 66 8.44 3.43 -6.73
C ILE A 66 6.97 3.74 -6.96
N ALA A 67 6.07 2.77 -6.75
CA ALA A 67 4.62 2.97 -6.84
C ALA A 67 4.11 4.07 -5.88
N LYS A 68 4.54 4.07 -4.61
CA LYS A 68 4.26 5.16 -3.67
C LYS A 68 4.72 6.52 -4.21
N VAL A 69 5.97 6.63 -4.68
CA VAL A 69 6.51 7.91 -5.20
C VAL A 69 5.80 8.37 -6.48
N GLU A 70 5.36 7.44 -7.33
CA GLU A 70 4.73 7.73 -8.62
C GLU A 70 3.22 8.05 -8.54
N LEU A 71 2.49 7.43 -7.59
CA LEU A 71 1.02 7.46 -7.54
C LEU A 71 0.41 8.38 -6.46
N ASP A 72 1.15 8.74 -5.42
CA ASP A 72 0.61 9.57 -4.34
C ASP A 72 0.36 11.02 -4.80
N ASN A 73 -0.85 11.52 -4.56
CA ASN A 73 -1.41 12.79 -5.05
C ASN A 73 -1.68 12.83 -6.57
N MET A 74 -1.68 11.67 -7.26
CA MET A 74 -1.95 11.59 -8.70
C MET A 74 -3.46 11.82 -8.99
N PRO A 75 -3.81 12.58 -10.04
CA PRO A 75 -5.18 12.79 -10.45
C PRO A 75 -5.75 11.55 -11.14
N LEU A 76 -6.98 11.16 -10.76
CA LEU A 76 -7.76 10.07 -11.36
C LEU A 76 -9.24 10.44 -11.40
N ARG A 77 -9.83 10.57 -12.60
CA ARG A 77 -11.27 10.86 -12.82
C ARG A 77 -11.74 12.18 -12.16
N GLY A 78 -10.82 13.10 -11.87
CA GLY A 78 -11.05 14.37 -11.15
C GLY A 78 -10.81 14.31 -9.63
N LYS A 79 -10.46 13.15 -9.08
CA LYS A 79 -10.09 12.94 -7.67
C LYS A 79 -8.57 12.94 -7.49
N GLN A 80 -8.05 13.25 -6.28
CA GLN A 80 -6.63 13.16 -5.96
C GLN A 80 -6.38 11.94 -5.07
N LEU A 81 -5.59 10.99 -5.57
CA LEU A 81 -5.34 9.71 -4.90
C LEU A 81 -4.42 9.87 -3.67
N ARG A 82 -4.77 9.20 -2.58
CA ARG A 82 -3.93 9.06 -1.38
C ARG A 82 -3.27 7.67 -1.41
N VAL A 83 -1.94 7.61 -1.34
CA VAL A 83 -1.18 6.35 -1.37
C VAL A 83 -0.17 6.31 -0.22
N ARG A 84 -0.19 5.25 0.57
CA ARG A 84 0.69 5.05 1.73
C ARG A 84 0.95 3.56 1.98
N PHE A 85 2.02 3.22 2.72
CA PHE A 85 2.25 1.84 3.17
C PHE A 85 1.20 1.46 4.23
N ALA A 86 0.61 0.27 4.09
CA ALA A 86 -0.45 -0.23 4.98
C ALA A 86 0.10 -0.63 6.38
N CYS A 87 1.41 -0.91 6.46
CA CYS A 87 2.19 -1.13 7.69
C CYS A 87 3.50 -0.32 7.59
N HIS A 88 3.89 0.37 8.65
CA HIS A 88 5.05 1.28 8.65
C HIS A 88 5.67 1.50 10.05
N SER A 89 4.86 1.80 11.06
CA SER A 89 5.28 1.86 12.46
C SER A 89 5.31 0.44 13.08
N ALA A 90 6.40 0.07 13.75
CA ALA A 90 6.59 -1.25 14.37
C ALA A 90 5.80 -1.40 15.69
N SER A 91 5.45 -2.63 16.04
CA SER A 91 4.83 -2.96 17.33
C SER A 91 5.85 -3.00 18.50
N LEU A 92 5.37 -3.20 19.73
CA LEU A 92 6.21 -3.29 20.94
C LEU A 92 7.06 -4.58 21.00
N THR A 93 8.01 -4.62 21.94
CA THR A 93 8.95 -5.73 22.17
C THR A 93 9.47 -5.72 23.60
N SER A 94 9.91 -6.87 24.08
CA SER A 94 10.43 -7.07 25.44
C SER A 94 11.98 -7.09 25.45
N GLY A 95 12.60 -5.98 25.86
CA GLY A 95 14.06 -5.82 25.92
C GLY A 95 14.49 -4.52 26.59
N PRO A 96 14.65 -4.49 27.93
CA PRO A 96 15.16 -3.34 28.68
C PRO A 96 16.68 -3.18 28.48
N SER A 97 17.21 -2.01 28.80
CA SER A 97 18.63 -1.66 28.66
C SER A 97 19.15 -0.88 29.88
N SER A 98 20.34 -1.23 30.37
CA SER A 98 20.99 -0.62 31.55
C SER A 98 22.13 0.34 31.17
N GLY A 99 22.54 1.20 32.11
CA GLY A 99 23.62 2.19 31.93
C GLY A 99 24.08 2.81 33.25
N GLY A 1 6.83 17.38 14.45
CA GLY A 1 7.10 16.61 13.21
C GLY A 1 7.56 15.20 13.53
N SER A 2 8.54 14.68 12.76
CA SER A 2 9.18 13.35 12.95
C SER A 2 8.30 12.16 12.53
N SER A 3 7.12 12.39 11.96
CA SER A 3 6.21 11.37 11.43
C SER A 3 6.70 10.79 10.09
N GLY A 4 6.56 9.48 9.88
CA GLY A 4 6.94 8.79 8.64
C GLY A 4 8.45 8.62 8.44
N SER A 5 9.22 8.55 9.53
CA SER A 5 10.69 8.44 9.52
C SER A 5 11.18 7.01 9.18
N SER A 6 10.73 6.48 8.04
CA SER A 6 11.02 5.12 7.56
C SER A 6 12.36 5.06 6.80
N GLY A 7 13.46 4.88 7.53
CA GLY A 7 14.84 4.89 7.03
C GLY A 7 15.33 3.56 6.43
N GLY A 8 14.41 2.68 5.98
CA GLY A 8 14.73 1.35 5.45
C GLY A 8 14.95 0.31 6.54
N GLU A 9 14.12 0.32 7.58
CA GLU A 9 14.24 -0.53 8.77
C GLU A 9 14.01 -2.02 8.44
N LYS A 10 14.99 -2.86 8.76
CA LYS A 10 15.00 -4.30 8.44
C LYS A 10 14.30 -5.13 9.54
N THR A 11 12.97 -5.02 9.63
CA THR A 11 12.10 -5.78 10.55
C THR A 11 12.03 -7.26 10.17
N PHE A 12 11.64 -8.10 11.14
CA PHE A 12 11.60 -9.57 11.02
C PHE A 12 10.79 -10.08 9.81
N THR A 13 9.69 -9.37 9.51
CA THR A 13 8.83 -9.54 8.34
C THR A 13 8.43 -8.16 7.83
N GLN A 14 8.18 -8.07 6.53
CA GLN A 14 7.99 -6.83 5.75
C GLN A 14 6.97 -7.12 4.64
N ARG A 15 6.21 -6.11 4.21
CA ARG A 15 5.13 -6.29 3.23
C ARG A 15 5.04 -5.09 2.27
N SER A 16 5.01 -5.40 0.98
CA SER A 16 4.90 -4.48 -0.17
C SER A 16 3.44 -4.01 -0.44
N ARG A 17 2.60 -3.99 0.60
CA ARG A 17 1.17 -3.65 0.54
C ARG A 17 0.98 -2.13 0.58
N LEU A 18 0.22 -1.60 -0.36
CA LEU A 18 -0.12 -0.19 -0.48
C LEU A 18 -1.63 0.01 -0.26
N PHE A 19 -1.95 1.02 0.53
CA PHE A 19 -3.28 1.56 0.78
C PHE A 19 -3.55 2.66 -0.26
N VAL A 20 -4.77 2.69 -0.83
CA VAL A 20 -5.19 3.70 -1.80
C VAL A 20 -6.55 4.28 -1.38
N GLY A 21 -6.52 5.55 -0.96
CA GLY A 21 -7.67 6.35 -0.56
C GLY A 21 -8.06 7.41 -1.59
N ASN A 22 -9.19 8.09 -1.33
CA ASN A 22 -9.84 9.06 -2.25
C ASN A 22 -10.34 8.42 -3.56
N LEU A 23 -10.52 7.09 -3.61
CA LEU A 23 -10.85 6.36 -4.84
C LEU A 23 -12.20 6.82 -5.46
N PRO A 24 -12.28 6.91 -6.81
CA PRO A 24 -13.51 7.23 -7.53
C PRO A 24 -14.51 6.08 -7.43
N PRO A 25 -15.82 6.32 -7.62
CA PRO A 25 -16.85 5.27 -7.65
C PRO A 25 -16.79 4.42 -8.94
N ASP A 26 -15.93 4.78 -9.90
CA ASP A 26 -15.77 4.13 -11.21
C ASP A 26 -14.50 3.24 -11.29
N ILE A 27 -13.81 2.99 -10.17
CA ILE A 27 -12.62 2.13 -10.13
C ILE A 27 -13.02 0.64 -10.04
N THR A 28 -12.24 -0.22 -10.70
CA THR A 28 -12.36 -1.69 -10.69
C THR A 28 -10.97 -2.30 -10.52
N GLU A 29 -10.91 -3.59 -10.21
CA GLU A 29 -9.65 -4.33 -10.12
C GLU A 29 -8.88 -4.32 -11.46
N GLU A 30 -9.58 -4.21 -12.59
CA GLU A 30 -8.96 -4.07 -13.91
C GLU A 30 -8.33 -2.68 -14.12
N GLU A 31 -8.99 -1.62 -13.66
CA GLU A 31 -8.40 -0.27 -13.64
C GLU A 31 -7.20 -0.21 -12.68
N MET A 32 -7.32 -0.82 -11.50
CA MET A 32 -6.27 -0.81 -10.47
C MET A 32 -5.04 -1.61 -10.89
N ARG A 33 -5.22 -2.75 -11.59
CA ARG A 33 -4.15 -3.50 -12.23
C ARG A 33 -3.45 -2.63 -13.30
N LYS A 34 -4.22 -1.95 -14.16
CA LYS A 34 -3.68 -1.10 -15.24
C LYS A 34 -2.92 0.14 -14.71
N LEU A 35 -3.43 0.79 -13.66
CA LEU A 35 -2.77 1.91 -12.97
C LEU A 35 -1.39 1.56 -12.37
N PHE A 36 -1.15 0.27 -12.12
CA PHE A 36 0.09 -0.25 -11.52
C PHE A 36 0.87 -1.17 -12.48
N GLU A 37 0.47 -1.29 -13.76
CA GLU A 37 1.01 -2.32 -14.67
C GLU A 37 2.48 -2.12 -15.07
N LYS A 38 3.02 -0.88 -14.96
CA LYS A 38 4.45 -0.61 -15.16
C LYS A 38 5.32 -1.25 -14.05
N TYR A 39 4.73 -1.54 -12.88
CA TYR A 39 5.32 -2.26 -11.76
C TYR A 39 5.02 -3.78 -11.79
N GLY A 40 4.46 -4.28 -12.90
CA GLY A 40 4.08 -5.69 -13.11
C GLY A 40 2.71 -6.03 -12.52
N LYS A 41 2.35 -7.31 -12.59
CA LYS A 41 1.10 -7.83 -11.99
C LYS A 41 1.21 -7.87 -10.46
N ALA A 42 0.21 -7.31 -9.75
CA ALA A 42 0.11 -7.36 -8.30
C ALA A 42 -0.27 -8.77 -7.81
N GLY A 43 0.24 -9.15 -6.63
CA GLY A 43 -0.06 -10.43 -5.97
C GLY A 43 -1.30 -10.41 -5.07
N GLU A 44 -1.96 -9.26 -4.97
CA GLU A 44 -3.11 -8.99 -4.11
C GLU A 44 -3.80 -7.71 -4.61
N VAL A 45 -5.12 -7.74 -4.84
CA VAL A 45 -5.94 -6.57 -5.24
C VAL A 45 -7.31 -6.68 -4.58
N PHE A 46 -7.69 -5.66 -3.80
CA PHE A 46 -9.01 -5.54 -3.15
C PHE A 46 -9.51 -4.09 -3.19
N ILE A 47 -10.80 -3.91 -3.47
CA ILE A 47 -11.48 -2.60 -3.55
C ILE A 47 -12.84 -2.73 -2.87
N HIS A 48 -13.14 -1.86 -1.90
CA HIS A 48 -14.38 -1.87 -1.12
C HIS A 48 -15.20 -0.58 -1.32
N LYS A 49 -16.33 -0.68 -2.03
CA LYS A 49 -17.17 0.47 -2.42
C LYS A 49 -17.94 1.09 -1.23
N ASP A 50 -18.30 0.28 -0.23
CA ASP A 50 -19.09 0.71 0.93
C ASP A 50 -18.31 1.62 1.91
N LYS A 51 -16.97 1.58 1.87
CA LYS A 51 -16.11 2.52 2.61
C LYS A 51 -15.31 3.48 1.71
N GLY A 52 -15.04 3.12 0.44
CA GLY A 52 -14.37 3.97 -0.56
C GLY A 52 -12.84 3.88 -0.54
N PHE A 53 -12.30 2.67 -0.32
CA PHE A 53 -10.86 2.41 -0.15
C PHE A 53 -10.43 1.11 -0.85
N GLY A 54 -9.14 1.06 -1.23
CA GLY A 54 -8.50 -0.08 -1.89
C GLY A 54 -7.12 -0.41 -1.33
N PHE A 55 -6.68 -1.63 -1.61
CA PHE A 55 -5.43 -2.23 -1.15
C PHE A 55 -4.81 -3.06 -2.29
N ILE A 56 -3.49 -2.96 -2.45
CA ILE A 56 -2.75 -3.64 -3.54
C ILE A 56 -1.33 -4.02 -3.07
N ARG A 57 -0.87 -5.24 -3.37
CA ARG A 57 0.46 -5.73 -2.93
C ARG A 57 1.33 -6.06 -4.14
N LEU A 58 2.50 -5.45 -4.24
CA LEU A 58 3.43 -5.62 -5.37
C LEU A 58 4.47 -6.72 -5.07
N GLU A 59 5.25 -7.13 -6.07
CA GLU A 59 6.18 -8.27 -5.91
C GLU A 59 7.47 -7.92 -5.14
N THR A 60 7.86 -6.64 -5.07
CA THR A 60 9.13 -6.17 -4.48
C THR A 60 8.97 -4.80 -3.83
N ARG A 61 9.68 -4.59 -2.70
CA ARG A 61 9.65 -3.33 -1.93
C ARG A 61 10.11 -2.10 -2.74
N THR A 62 11.06 -2.26 -3.68
CA THR A 62 11.58 -1.17 -4.53
C THR A 62 10.48 -0.63 -5.43
N LEU A 63 9.73 -1.51 -6.11
CA LEU A 63 8.58 -1.13 -6.91
C LEU A 63 7.45 -0.55 -6.05
N ALA A 64 7.23 -1.05 -4.83
CA ALA A 64 6.26 -0.48 -3.90
C ALA A 64 6.62 0.96 -3.44
N GLU A 65 7.91 1.26 -3.24
CA GLU A 65 8.39 2.63 -2.97
C GLU A 65 8.21 3.54 -4.18
N ILE A 66 8.61 3.09 -5.37
CA ILE A 66 8.46 3.88 -6.62
C ILE A 66 6.98 4.17 -6.87
N ALA A 67 6.11 3.15 -6.82
CA ALA A 67 4.66 3.32 -6.96
C ALA A 67 4.09 4.26 -5.89
N LYS A 68 4.50 4.13 -4.62
CA LYS A 68 4.10 5.06 -3.56
C LYS A 68 4.48 6.51 -3.89
N VAL A 69 5.72 6.76 -4.34
CA VAL A 69 6.19 8.12 -4.65
C VAL A 69 5.55 8.68 -5.94
N GLU A 70 5.29 7.84 -6.93
CA GLU A 70 4.76 8.24 -8.25
C GLU A 70 3.23 8.44 -8.28
N LEU A 71 2.46 7.71 -7.45
CA LEU A 71 0.99 7.74 -7.45
C LEU A 71 0.40 8.64 -6.35
N ASP A 72 1.20 9.02 -5.35
CA ASP A 72 0.86 9.96 -4.28
C ASP A 72 0.36 11.31 -4.84
N ASN A 73 -0.89 11.64 -4.55
CA ASN A 73 -1.63 12.82 -5.01
C ASN A 73 -1.86 12.89 -6.53
N MET A 74 -1.76 11.76 -7.26
CA MET A 74 -2.04 11.69 -8.70
C MET A 74 -3.55 11.84 -8.97
N PRO A 75 -3.96 12.63 -9.98
CA PRO A 75 -5.35 12.80 -10.37
C PRO A 75 -5.89 11.57 -11.11
N LEU A 76 -7.13 11.17 -10.80
CA LEU A 76 -7.88 10.11 -11.46
C LEU A 76 -9.36 10.51 -11.56
N ARG A 77 -9.89 10.70 -12.79
CA ARG A 77 -11.31 11.01 -13.07
C ARG A 77 -11.83 12.29 -12.35
N GLY A 78 -10.92 13.22 -12.02
CA GLY A 78 -11.20 14.46 -11.28
C GLY A 78 -11.08 14.34 -9.75
N LYS A 79 -10.81 13.13 -9.23
CA LYS A 79 -10.50 12.86 -7.82
C LYS A 79 -8.98 12.81 -7.59
N GLN A 80 -8.53 12.95 -6.34
CA GLN A 80 -7.13 12.72 -5.94
C GLN A 80 -6.91 11.24 -5.58
N LEU A 81 -5.66 10.87 -5.28
CA LEU A 81 -5.29 9.52 -4.80
C LEU A 81 -4.32 9.65 -3.62
N ARG A 82 -4.76 9.21 -2.42
CA ARG A 82 -3.93 9.19 -1.21
C ARG A 82 -3.24 7.82 -1.12
N VAL A 83 -1.90 7.77 -1.19
CA VAL A 83 -1.12 6.51 -1.27
C VAL A 83 -0.17 6.40 -0.08
N ARG A 84 -0.30 5.29 0.68
CA ARG A 84 0.46 4.98 1.89
C ARG A 84 0.84 3.49 1.94
N PHE A 85 1.79 3.11 2.80
CA PHE A 85 2.08 1.70 3.11
C PHE A 85 1.04 1.13 4.10
N ALA A 86 0.43 0.00 3.74
CA ALA A 86 -0.52 -0.75 4.55
C ALA A 86 0.21 -1.84 5.37
N CYS A 87 1.06 -1.42 6.31
CA CYS A 87 1.95 -2.29 7.07
C CYS A 87 2.11 -1.79 8.53
N HIS A 88 1.96 -2.71 9.48
CA HIS A 88 2.02 -2.50 10.94
C HIS A 88 2.18 -3.85 11.67
N SER A 89 2.66 -3.83 12.92
CA SER A 89 2.80 -5.02 13.76
C SER A 89 2.71 -4.64 15.26
N ALA A 90 1.70 -5.17 15.95
CA ALA A 90 1.54 -5.01 17.40
C ALA A 90 2.48 -5.96 18.16
N SER A 91 3.21 -5.44 19.15
CA SER A 91 4.18 -6.19 19.96
C SER A 91 4.45 -5.49 21.31
N LEU A 92 4.63 -6.27 22.37
CA LEU A 92 4.79 -5.78 23.75
C LEU A 92 6.26 -5.87 24.18
N THR A 93 7.11 -5.07 23.53
CA THR A 93 8.57 -5.00 23.75
C THR A 93 8.88 -4.20 25.03
N SER A 94 8.69 -4.85 26.17
CA SER A 94 8.96 -4.29 27.50
C SER A 94 10.47 -4.11 27.81
N GLY A 95 11.35 -4.67 26.97
CA GLY A 95 12.82 -4.53 27.03
C GLY A 95 13.51 -5.54 27.96
N PRO A 96 14.86 -5.64 27.88
CA PRO A 96 15.67 -6.50 28.73
C PRO A 96 15.83 -5.91 30.14
N SER A 97 16.36 -6.71 31.07
CA SER A 97 16.58 -6.33 32.48
C SER A 97 17.69 -7.16 33.13
N SER A 98 18.51 -6.53 33.98
CA SER A 98 19.66 -7.15 34.66
C SER A 98 20.14 -6.28 35.84
N GLY A 99 20.75 -6.90 36.86
CA GLY A 99 21.20 -6.24 38.11
C GLY A 99 20.07 -5.86 39.05
N GLY A 1 8.70 -29.76 7.41
CA GLY A 1 9.26 -29.92 8.77
C GLY A 1 8.92 -28.73 9.65
N SER A 2 8.28 -28.97 10.80
CA SER A 2 7.84 -27.93 11.73
C SER A 2 8.95 -27.48 12.71
N SER A 3 8.79 -26.31 13.34
CA SER A 3 9.69 -25.75 14.37
C SER A 3 8.87 -25.08 15.49
N GLY A 4 9.39 -25.07 16.72
CA GLY A 4 8.64 -24.68 17.93
C GLY A 4 8.42 -23.17 18.08
N SER A 5 9.39 -22.34 17.67
CA SER A 5 9.35 -20.87 17.80
C SER A 5 10.50 -20.20 17.02
N SER A 6 10.30 -18.94 16.64
CA SER A 6 11.33 -18.04 16.08
C SER A 6 12.14 -17.30 17.17
N GLY A 7 11.76 -17.45 18.44
CA GLY A 7 12.25 -16.66 19.59
C GLY A 7 11.34 -15.47 19.93
N GLY A 8 10.22 -15.29 19.20
CA GLY A 8 9.18 -14.29 19.50
C GLY A 8 9.47 -12.88 18.98
N GLU A 9 10.42 -12.74 18.03
CA GLU A 9 10.87 -11.47 17.46
C GLU A 9 11.10 -11.59 15.94
N LYS A 10 10.80 -10.51 15.21
CA LYS A 10 10.94 -10.46 13.74
C LYS A 10 12.40 -10.37 13.28
N THR A 11 12.70 -10.95 12.11
CA THR A 11 14.01 -10.98 11.45
C THR A 11 14.00 -10.25 10.11
N PHE A 12 12.93 -10.40 9.33
CA PHE A 12 12.69 -9.79 8.03
C PHE A 12 11.19 -9.56 7.80
N THR A 13 10.84 -8.55 6.99
CA THR A 13 9.47 -8.18 6.63
C THR A 13 9.42 -7.87 5.13
N GLN A 14 8.60 -8.62 4.40
CA GLN A 14 8.40 -8.49 2.95
C GLN A 14 6.90 -8.29 2.65
N ARG A 15 6.27 -7.39 3.41
CA ARG A 15 4.87 -6.99 3.22
C ARG A 15 4.81 -5.71 2.39
N SER A 16 5.00 -5.89 1.09
CA SER A 16 5.00 -4.89 0.00
C SER A 16 3.60 -4.34 -0.34
N ARG A 17 2.76 -4.18 0.71
CA ARG A 17 1.33 -3.88 0.60
C ARG A 17 1.07 -2.37 0.71
N LEU A 18 0.33 -1.84 -0.25
CA LEU A 18 -0.06 -0.43 -0.36
C LEU A 18 -1.56 -0.27 -0.12
N PHE A 19 -1.90 0.78 0.63
CA PHE A 19 -3.24 1.31 0.85
C PHE A 19 -3.51 2.41 -0.18
N VAL A 20 -4.70 2.42 -0.78
CA VAL A 20 -5.11 3.40 -1.80
C VAL A 20 -6.46 4.00 -1.39
N GLY A 21 -6.47 5.31 -1.13
CA GLY A 21 -7.63 6.06 -0.62
C GLY A 21 -8.09 7.19 -1.51
N ASN A 22 -9.30 7.68 -1.23
CA ASN A 22 -10.02 8.70 -2.00
C ASN A 22 -10.38 8.20 -3.43
N LEU A 23 -10.65 6.89 -3.55
CA LEU A 23 -10.89 6.25 -4.85
C LEU A 23 -12.20 6.74 -5.51
N PRO A 24 -12.23 6.89 -6.86
CA PRO A 24 -13.42 7.24 -7.62
C PRO A 24 -14.44 6.09 -7.64
N PRO A 25 -15.71 6.35 -8.01
CA PRO A 25 -16.73 5.30 -8.17
C PRO A 25 -16.54 4.48 -9.46
N ASP A 26 -15.63 4.88 -10.35
CA ASP A 26 -15.40 4.29 -11.68
C ASP A 26 -14.28 3.22 -11.69
N ILE A 27 -13.76 2.82 -10.53
CA ILE A 27 -12.62 1.90 -10.39
C ILE A 27 -13.07 0.45 -10.13
N THR A 28 -12.46 -0.51 -10.82
CA THR A 28 -12.57 -1.95 -10.58
C THR A 28 -11.18 -2.57 -10.52
N GLU A 29 -11.11 -3.88 -10.29
CA GLU A 29 -9.87 -4.65 -10.32
C GLU A 29 -9.12 -4.53 -11.67
N GLU A 30 -9.82 -4.24 -12.77
CA GLU A 30 -9.21 -4.06 -14.10
C GLU A 30 -8.45 -2.73 -14.20
N GLU A 31 -9.06 -1.62 -13.79
CA GLU A 31 -8.39 -0.32 -13.73
C GLU A 31 -7.23 -0.34 -12.73
N MET A 32 -7.42 -0.96 -11.57
CA MET A 32 -6.38 -1.02 -10.53
C MET A 32 -5.17 -1.87 -10.94
N ARG A 33 -5.36 -2.94 -11.72
CA ARG A 33 -4.27 -3.67 -12.36
C ARG A 33 -3.56 -2.82 -13.43
N LYS A 34 -4.29 -2.04 -14.22
CA LYS A 34 -3.73 -1.15 -15.26
C LYS A 34 -2.93 0.02 -14.66
N LEU A 35 -3.44 0.66 -13.59
CA LEU A 35 -2.78 1.76 -12.86
C LEU A 35 -1.39 1.39 -12.31
N PHE A 36 -1.17 0.10 -12.02
CA PHE A 36 0.07 -0.44 -11.45
C PHE A 36 0.85 -1.32 -12.45
N GLU A 37 0.46 -1.35 -13.74
CA GLU A 37 1.02 -2.28 -14.73
C GLU A 37 2.52 -2.04 -15.02
N LYS A 38 3.01 -0.82 -14.79
CA LYS A 38 4.43 -0.45 -14.88
C LYS A 38 5.31 -1.21 -13.86
N TYR A 39 4.70 -1.69 -12.76
CA TYR A 39 5.34 -2.41 -11.66
C TYR A 39 5.08 -3.94 -11.73
N GLY A 40 4.52 -4.43 -12.84
CA GLY A 40 4.14 -5.84 -13.03
C GLY A 40 2.78 -6.17 -12.38
N LYS A 41 2.37 -7.43 -12.48
CA LYS A 41 1.12 -7.91 -11.86
C LYS A 41 1.24 -8.00 -10.32
N ALA A 42 0.17 -7.63 -9.62
CA ALA A 42 0.09 -7.65 -8.14
C ALA A 42 -0.24 -9.05 -7.60
N GLY A 43 0.24 -9.35 -6.39
CA GLY A 43 -0.03 -10.60 -5.65
C GLY A 43 -1.31 -10.55 -4.81
N GLU A 44 -1.92 -9.37 -4.67
CA GLU A 44 -3.19 -9.11 -3.98
C GLU A 44 -3.79 -7.82 -4.55
N VAL A 45 -5.11 -7.79 -4.82
CA VAL A 45 -5.87 -6.60 -5.24
C VAL A 45 -7.27 -6.64 -4.61
N PHE A 46 -7.67 -5.57 -3.91
CA PHE A 46 -9.00 -5.42 -3.28
C PHE A 46 -9.50 -3.97 -3.35
N ILE A 47 -10.82 -3.79 -3.55
CA ILE A 47 -11.53 -2.50 -3.60
C ILE A 47 -12.89 -2.66 -2.90
N HIS A 48 -13.24 -1.73 -2.01
CA HIS A 48 -14.51 -1.73 -1.28
C HIS A 48 -15.27 -0.39 -1.45
N LYS A 49 -16.43 -0.44 -2.13
CA LYS A 49 -17.17 0.76 -2.57
C LYS A 49 -17.87 1.51 -1.42
N ASP A 50 -18.39 0.77 -0.43
CA ASP A 50 -19.18 1.33 0.68
C ASP A 50 -18.32 2.14 1.69
N LYS A 51 -17.00 1.84 1.77
CA LYS A 51 -16.03 2.60 2.56
C LYS A 51 -15.20 3.59 1.71
N GLY A 52 -14.97 3.31 0.42
CA GLY A 52 -14.25 4.20 -0.52
C GLY A 52 -12.74 4.00 -0.54
N PHE A 53 -12.27 2.78 -0.27
CA PHE A 53 -10.85 2.43 -0.09
C PHE A 53 -10.49 1.11 -0.78
N GLY A 54 -9.20 0.96 -1.09
CA GLY A 54 -8.61 -0.24 -1.69
C GLY A 54 -7.20 -0.54 -1.19
N PHE A 55 -6.72 -1.75 -1.53
CA PHE A 55 -5.43 -2.30 -1.14
C PHE A 55 -4.84 -3.12 -2.29
N ILE A 56 -3.50 -3.15 -2.38
CA ILE A 56 -2.76 -3.84 -3.44
C ILE A 56 -1.36 -4.22 -2.96
N ARG A 57 -0.84 -5.39 -3.35
CA ARG A 57 0.50 -5.87 -2.95
C ARG A 57 1.38 -6.18 -4.16
N LEU A 58 2.56 -5.55 -4.24
CA LEU A 58 3.47 -5.69 -5.39
C LEU A 58 4.53 -6.77 -5.10
N GLU A 59 5.31 -7.20 -6.11
CA GLU A 59 6.21 -8.35 -5.92
C GLU A 59 7.48 -8.06 -5.10
N THR A 60 7.82 -6.78 -4.83
CA THR A 60 8.93 -6.35 -3.97
C THR A 60 8.62 -5.06 -3.24
N ARG A 61 9.32 -4.82 -2.12
CA ARG A 61 9.32 -3.54 -1.40
C ARG A 61 9.83 -2.37 -2.27
N THR A 62 10.76 -2.64 -3.19
CA THR A 62 11.35 -1.64 -4.13
C THR A 62 10.28 -1.11 -5.07
N LEU A 63 9.50 -2.00 -5.68
CA LEU A 63 8.36 -1.63 -6.51
C LEU A 63 7.30 -0.87 -5.71
N ALA A 64 7.01 -1.32 -4.48
CA ALA A 64 6.04 -0.66 -3.60
C ALA A 64 6.46 0.77 -3.22
N GLU A 65 7.76 1.04 -3.00
CA GLU A 65 8.28 2.41 -2.79
C GLU A 65 8.09 3.29 -4.04
N ILE A 66 8.49 2.81 -5.22
CA ILE A 66 8.37 3.57 -6.48
C ILE A 66 6.89 3.87 -6.77
N ALA A 67 6.01 2.87 -6.69
CA ALA A 67 4.58 3.05 -6.87
C ALA A 67 3.98 4.03 -5.84
N LYS A 68 4.35 3.93 -4.56
CA LYS A 68 3.93 4.89 -3.53
C LYS A 68 4.37 6.33 -3.87
N VAL A 69 5.62 6.52 -4.31
CA VAL A 69 6.15 7.85 -4.69
C VAL A 69 5.45 8.40 -5.94
N GLU A 70 5.12 7.54 -6.92
CA GLU A 70 4.56 7.94 -8.21
C GLU A 70 3.03 8.13 -8.22
N LEU A 71 2.28 7.43 -7.37
CA LEU A 71 0.80 7.38 -7.41
C LEU A 71 0.11 8.22 -6.34
N ASP A 72 0.80 8.61 -5.25
CA ASP A 72 0.24 9.54 -4.26
C ASP A 72 0.00 10.92 -4.88
N ASN A 73 -1.11 11.56 -4.50
CA ASN A 73 -1.61 12.86 -4.97
C ASN A 73 -1.78 12.97 -6.51
N MET A 74 -1.85 11.83 -7.21
CA MET A 74 -2.15 11.75 -8.65
C MET A 74 -3.65 11.97 -8.92
N PRO A 75 -4.01 12.71 -9.99
CA PRO A 75 -5.40 12.91 -10.40
C PRO A 75 -5.95 11.67 -11.11
N LEU A 76 -7.21 11.32 -10.81
CA LEU A 76 -7.98 10.25 -11.46
C LEU A 76 -9.48 10.60 -11.44
N ARG A 77 -10.14 10.67 -12.62
CA ARG A 77 -11.60 10.90 -12.74
C ARG A 77 -12.08 12.21 -12.06
N GLY A 78 -11.22 13.23 -12.04
CA GLY A 78 -11.48 14.53 -11.38
C GLY A 78 -11.25 14.53 -9.87
N LYS A 79 -10.77 13.42 -9.29
CA LYS A 79 -10.50 13.22 -7.87
C LYS A 79 -8.97 13.14 -7.61
N GLN A 80 -8.53 13.42 -6.38
CA GLN A 80 -7.15 13.16 -5.95
C GLN A 80 -7.05 11.75 -5.34
N LEU A 81 -5.83 11.24 -5.11
CA LEU A 81 -5.58 9.90 -4.56
C LEU A 81 -4.59 9.99 -3.40
N ARG A 82 -4.82 9.20 -2.35
CA ARG A 82 -3.90 8.98 -1.23
C ARG A 82 -3.24 7.61 -1.43
N VAL A 83 -1.91 7.50 -1.34
CA VAL A 83 -1.18 6.22 -1.43
C VAL A 83 -0.10 6.15 -0.34
N ARG A 84 -0.23 5.12 0.52
CA ARG A 84 0.60 4.88 1.70
C ARG A 84 0.90 3.38 1.84
N PHE A 85 1.84 3.02 2.72
CA PHE A 85 2.05 1.61 3.10
C PHE A 85 0.97 1.13 4.07
N ALA A 86 0.45 -0.08 3.81
CA ALA A 86 -0.49 -0.78 4.70
C ALA A 86 0.23 -1.66 5.76
N CYS A 87 1.55 -1.79 5.67
CA CYS A 87 2.40 -2.53 6.61
C CYS A 87 2.59 -1.75 7.94
N HIS A 88 2.63 -2.49 9.05
CA HIS A 88 2.93 -1.99 10.40
C HIS A 88 4.46 -1.82 10.66
N SER A 89 4.86 -1.67 11.94
CA SER A 89 6.26 -1.54 12.35
C SER A 89 6.48 -1.94 13.82
N ALA A 90 5.64 -1.45 14.73
CA ALA A 90 5.68 -1.73 16.17
C ALA A 90 4.25 -1.95 16.74
N SER A 91 4.16 -2.55 17.93
CA SER A 91 2.89 -3.01 18.52
C SER A 91 1.99 -1.89 19.07
N LEU A 92 2.52 -0.66 19.22
CA LEU A 92 1.80 0.53 19.72
C LEU A 92 1.76 1.61 18.63
N THR A 93 0.57 2.20 18.41
CA THR A 93 0.34 3.31 17.47
C THR A 93 0.62 4.68 18.07
N SER A 94 0.62 4.78 19.40
CA SER A 94 0.85 6.03 20.17
C SER A 94 1.18 5.71 21.64
N GLY A 95 1.72 6.69 22.36
CA GLY A 95 2.18 6.58 23.76
C GLY A 95 3.44 7.41 24.07
N PRO A 96 3.89 7.45 25.34
CA PRO A 96 5.06 8.21 25.76
C PRO A 96 6.36 7.52 25.27
N SER A 97 7.21 8.29 24.59
CA SER A 97 8.49 7.86 23.98
C SER A 97 9.32 9.09 23.57
N SER A 98 10.66 8.93 23.52
CA SER A 98 11.63 9.90 22.95
C SER A 98 11.78 11.22 23.73
N GLY A 99 11.17 11.34 24.92
CA GLY A 99 11.24 12.50 25.83
C GLY A 99 12.46 12.48 26.75
N GLY A 1 7.37 4.58 21.22
CA GLY A 1 6.16 4.60 20.36
C GLY A 1 5.87 3.22 19.77
N SER A 2 4.68 3.05 19.18
CA SER A 2 4.23 1.78 18.57
C SER A 2 4.67 1.62 17.10
N SER A 3 5.15 2.68 16.45
CA SER A 3 5.71 2.68 15.10
C SER A 3 7.25 2.49 15.11
N GLY A 4 7.79 1.73 14.15
CA GLY A 4 9.21 1.42 14.04
C GLY A 4 9.64 0.22 14.90
N SER A 5 10.94 0.01 15.02
CA SER A 5 11.59 -1.11 15.72
C SER A 5 13.10 -0.83 15.93
N SER A 6 13.91 -1.88 16.16
CA SER A 6 15.36 -1.80 16.33
C SER A 6 16.07 -3.02 15.69
N GLY A 7 17.28 -2.81 15.17
CA GLY A 7 18.05 -3.79 14.38
C GLY A 7 18.18 -3.41 12.90
N GLY A 8 19.13 -4.04 12.20
CA GLY A 8 19.51 -3.72 10.83
C GLY A 8 18.60 -4.35 9.78
N GLU A 9 17.38 -3.83 9.65
CA GLU A 9 16.34 -4.12 8.63
C GLU A 9 15.90 -5.60 8.51
N LYS A 10 16.29 -6.47 9.45
CA LYS A 10 16.01 -7.92 9.40
C LYS A 10 14.51 -8.23 9.58
N THR A 11 13.93 -8.94 8.61
CA THR A 11 12.51 -9.37 8.55
C THR A 11 12.38 -10.72 7.86
N PHE A 12 11.26 -11.41 8.09
CA PHE A 12 11.00 -12.76 7.57
C PHE A 12 10.43 -12.78 6.13
N THR A 13 9.91 -11.65 5.65
CA THR A 13 9.31 -11.44 4.31
C THR A 13 9.06 -9.95 4.08
N GLN A 14 8.92 -9.54 2.82
CA GLN A 14 8.65 -8.15 2.43
C GLN A 14 7.13 -7.93 2.36
N ARG A 15 6.54 -7.34 3.41
CA ARG A 15 5.11 -7.01 3.51
C ARG A 15 4.77 -5.73 2.73
N SER A 16 5.08 -5.73 1.43
CA SER A 16 4.97 -4.60 0.50
C SER A 16 3.52 -4.36 0.02
N ARG A 17 2.61 -4.09 0.97
CA ARG A 17 1.23 -3.68 0.70
C ARG A 17 1.13 -2.16 0.62
N LEU A 18 0.42 -1.69 -0.40
CA LEU A 18 0.04 -0.30 -0.57
C LEU A 18 -1.48 -0.13 -0.40
N PHE A 19 -1.83 0.89 0.38
CA PHE A 19 -3.17 1.43 0.56
C PHE A 19 -3.43 2.44 -0.56
N VAL A 20 -4.67 2.52 -1.05
CA VAL A 20 -5.11 3.51 -2.04
C VAL A 20 -6.46 4.09 -1.61
N GLY A 21 -6.46 5.37 -1.20
CA GLY A 21 -7.65 6.12 -0.79
C GLY A 21 -8.02 7.23 -1.76
N ASN A 22 -9.21 7.81 -1.54
CA ASN A 22 -9.84 8.81 -2.42
C ASN A 22 -10.22 8.21 -3.79
N LEU A 23 -10.51 6.90 -3.85
CA LEU A 23 -10.81 6.20 -5.11
C LEU A 23 -12.12 6.70 -5.75
N PRO A 24 -12.20 6.78 -7.10
CA PRO A 24 -13.43 7.14 -7.80
C PRO A 24 -14.51 6.06 -7.63
N PRO A 25 -15.80 6.38 -7.85
CA PRO A 25 -16.91 5.44 -7.68
C PRO A 25 -17.05 4.45 -8.84
N ASP A 26 -16.18 4.54 -9.86
CA ASP A 26 -16.21 3.73 -11.10
C ASP A 26 -14.98 2.80 -11.24
N ILE A 27 -14.13 2.70 -10.21
CA ILE A 27 -12.88 1.91 -10.25
C ILE A 27 -13.19 0.40 -10.20
N THR A 28 -12.36 -0.39 -10.91
CA THR A 28 -12.38 -1.86 -10.92
C THR A 28 -10.99 -2.41 -10.62
N GLU A 29 -10.92 -3.68 -10.25
CA GLU A 29 -9.65 -4.39 -10.07
C GLU A 29 -8.83 -4.42 -11.37
N GLU A 30 -9.48 -4.36 -12.54
CA GLU A 30 -8.82 -4.28 -13.85
C GLU A 30 -8.18 -2.89 -14.06
N GLU A 31 -8.88 -1.81 -13.68
CA GLU A 31 -8.32 -0.46 -13.70
C GLU A 31 -7.18 -0.31 -12.68
N MET A 32 -7.28 -0.93 -11.51
CA MET A 32 -6.23 -0.92 -10.48
C MET A 32 -4.99 -1.71 -10.94
N ARG A 33 -5.17 -2.85 -11.62
CA ARG A 33 -4.10 -3.59 -12.28
C ARG A 33 -3.43 -2.78 -13.38
N LYS A 34 -4.18 -1.98 -14.15
CA LYS A 34 -3.64 -1.09 -15.19
C LYS A 34 -2.87 0.11 -14.60
N LEU A 35 -3.40 0.75 -13.55
CA LEU A 35 -2.75 1.85 -12.82
C LEU A 35 -1.37 1.47 -12.24
N PHE A 36 -1.18 0.18 -11.93
CA PHE A 36 0.04 -0.38 -11.36
C PHE A 36 0.84 -1.24 -12.36
N GLU A 37 0.51 -1.21 -13.66
CA GLU A 37 1.11 -2.10 -14.66
C GLU A 37 2.61 -1.85 -14.89
N LYS A 38 3.11 -0.65 -14.56
CA LYS A 38 4.54 -0.30 -14.55
C LYS A 38 5.36 -1.16 -13.56
N TYR A 39 4.68 -1.73 -12.55
CA TYR A 39 5.25 -2.53 -11.45
C TYR A 39 4.91 -4.02 -11.58
N GLY A 40 4.39 -4.45 -12.75
CA GLY A 40 3.98 -5.83 -13.03
C GLY A 40 2.62 -6.19 -12.43
N LYS A 41 2.26 -7.48 -12.50
CA LYS A 41 1.07 -8.02 -11.87
C LYS A 41 1.24 -8.08 -10.34
N ALA A 42 0.21 -7.64 -9.60
CA ALA A 42 0.17 -7.65 -8.14
C ALA A 42 -0.17 -9.04 -7.58
N GLY A 43 0.31 -9.35 -6.38
CA GLY A 43 0.09 -10.62 -5.68
C GLY A 43 -1.20 -10.66 -4.86
N GLU A 44 -1.85 -9.51 -4.66
CA GLU A 44 -3.16 -9.36 -4.01
C GLU A 44 -3.78 -8.01 -4.42
N VAL A 45 -5.09 -7.97 -4.70
CA VAL A 45 -5.86 -6.77 -5.04
C VAL A 45 -7.23 -6.82 -4.33
N PHE A 46 -7.62 -5.74 -3.66
CA PHE A 46 -8.93 -5.55 -3.05
C PHE A 46 -9.43 -4.11 -3.21
N ILE A 47 -10.73 -3.94 -3.47
CA ILE A 47 -11.45 -2.65 -3.53
C ILE A 47 -12.83 -2.83 -2.89
N HIS A 48 -13.20 -1.95 -1.95
CA HIS A 48 -14.51 -1.97 -1.30
C HIS A 48 -15.32 -0.68 -1.57
N LYS A 49 -16.37 -0.81 -2.40
CA LYS A 49 -17.17 0.32 -2.91
C LYS A 49 -18.07 1.01 -1.86
N ASP A 50 -18.38 0.32 -0.76
CA ASP A 50 -19.18 0.86 0.36
C ASP A 50 -18.36 1.74 1.31
N LYS A 51 -17.01 1.69 1.23
CA LYS A 51 -16.09 2.46 2.06
C LYS A 51 -15.21 3.46 1.26
N GLY A 52 -14.96 3.20 -0.03
CA GLY A 52 -14.20 4.10 -0.92
C GLY A 52 -12.67 3.93 -0.84
N PHE A 53 -12.21 2.72 -0.49
CA PHE A 53 -10.80 2.39 -0.25
C PHE A 53 -10.41 1.08 -0.93
N GLY A 54 -9.13 0.99 -1.33
CA GLY A 54 -8.51 -0.19 -1.94
C GLY A 54 -7.11 -0.46 -1.41
N PHE A 55 -6.62 -1.66 -1.73
CA PHE A 55 -5.35 -2.23 -1.24
C PHE A 55 -4.73 -3.11 -2.34
N ILE A 56 -3.40 -3.09 -2.45
CA ILE A 56 -2.66 -3.81 -3.49
C ILE A 56 -1.26 -4.21 -3.00
N ARG A 57 -0.85 -5.46 -3.23
CA ARG A 57 0.41 -6.02 -2.72
C ARG A 57 1.38 -6.32 -3.87
N LEU A 58 2.57 -5.72 -3.83
CA LEU A 58 3.60 -5.89 -4.88
C LEU A 58 4.64 -6.95 -4.44
N GLU A 59 5.43 -7.44 -5.40
CA GLU A 59 6.34 -8.58 -5.17
C GLU A 59 7.63 -8.18 -4.42
N THR A 60 8.03 -6.91 -4.46
CA THR A 60 9.29 -6.38 -3.90
C THR A 60 9.14 -4.94 -3.43
N ARG A 61 9.82 -4.60 -2.33
CA ARG A 61 9.77 -3.27 -1.70
C ARG A 61 10.21 -2.12 -2.61
N THR A 62 11.16 -2.35 -3.52
CA THR A 62 11.66 -1.36 -4.50
C THR A 62 10.53 -0.86 -5.40
N LEU A 63 9.74 -1.79 -5.96
CA LEU A 63 8.58 -1.46 -6.78
C LEU A 63 7.50 -0.73 -5.96
N ALA A 64 7.29 -1.11 -4.70
CA ALA A 64 6.31 -0.46 -3.82
C ALA A 64 6.72 0.97 -3.42
N GLU A 65 8.02 1.25 -3.25
CA GLU A 65 8.55 2.60 -3.05
C GLU A 65 8.38 3.47 -4.30
N ILE A 66 8.72 2.95 -5.49
CA ILE A 66 8.52 3.67 -6.76
C ILE A 66 7.03 3.95 -6.97
N ALA A 67 6.15 2.97 -6.77
CA ALA A 67 4.71 3.13 -6.87
C ALA A 67 4.17 4.18 -5.87
N LYS A 68 4.60 4.15 -4.60
CA LYS A 68 4.30 5.21 -3.62
C LYS A 68 4.73 6.60 -4.14
N VAL A 69 5.98 6.75 -4.60
CA VAL A 69 6.50 8.05 -5.08
C VAL A 69 5.77 8.53 -6.36
N GLU A 70 5.35 7.62 -7.24
CA GLU A 70 4.70 7.93 -8.51
C GLU A 70 3.18 8.20 -8.41
N LEU A 71 2.48 7.55 -7.48
CA LEU A 71 1.01 7.53 -7.42
C LEU A 71 0.39 8.40 -6.30
N ASP A 72 1.13 8.76 -5.26
CA ASP A 72 0.61 9.59 -4.17
C ASP A 72 0.40 11.04 -4.63
N ASN A 73 -0.82 11.55 -4.40
CA ASN A 73 -1.38 12.83 -4.91
C ASN A 73 -1.70 12.80 -6.42
N MET A 74 -1.70 11.64 -7.08
CA MET A 74 -1.95 11.56 -8.53
C MET A 74 -3.43 11.83 -8.85
N PRO A 75 -3.73 12.66 -9.86
CA PRO A 75 -5.11 12.94 -10.28
C PRO A 75 -5.69 11.75 -11.05
N LEU A 76 -6.91 11.35 -10.69
CA LEU A 76 -7.70 10.33 -11.40
C LEU A 76 -9.16 10.78 -11.51
N ARG A 77 -9.59 11.22 -12.71
CA ARG A 77 -10.99 11.56 -13.03
C ARG A 77 -11.59 12.67 -12.13
N GLY A 78 -10.74 13.54 -11.59
CA GLY A 78 -11.09 14.63 -10.65
C GLY A 78 -10.82 14.31 -9.17
N LYS A 79 -10.55 13.05 -8.83
CA LYS A 79 -10.06 12.64 -7.51
C LYS A 79 -8.53 12.84 -7.37
N GLN A 80 -8.00 12.81 -6.15
CA GLN A 80 -6.57 12.91 -5.86
C GLN A 80 -6.16 11.77 -4.92
N LEU A 81 -5.48 10.78 -5.49
CA LEU A 81 -5.21 9.48 -4.87
C LEU A 81 -4.25 9.59 -3.68
N ARG A 82 -4.66 9.07 -2.52
CA ARG A 82 -3.82 8.96 -1.32
C ARG A 82 -3.17 7.58 -1.30
N VAL A 83 -1.84 7.51 -1.34
CA VAL A 83 -1.09 6.24 -1.39
C VAL A 83 -0.13 6.16 -0.21
N ARG A 84 -0.22 5.07 0.55
CA ARG A 84 0.51 4.84 1.81
C ARG A 84 0.91 3.36 1.94
N PHE A 85 1.91 3.04 2.77
CA PHE A 85 2.23 1.65 3.11
C PHE A 85 1.29 1.11 4.21
N ALA A 86 0.62 -0.01 3.93
CA ALA A 86 -0.24 -0.70 4.91
C ALA A 86 0.60 -1.60 5.85
N CYS A 87 1.31 -0.97 6.78
CA CYS A 87 2.19 -1.61 7.77
C CYS A 87 1.46 -2.07 9.05
N HIS A 88 0.21 -2.53 8.92
CA HIS A 88 -0.61 -3.00 10.04
C HIS A 88 -0.01 -4.22 10.78
N SER A 89 -0.07 -4.20 12.11
CA SER A 89 0.43 -5.23 13.03
C SER A 89 -0.37 -5.22 14.35
N ALA A 90 -0.23 -6.28 15.16
CA ALA A 90 -0.90 -6.43 16.46
C ALA A 90 0.05 -7.04 17.50
N SER A 91 0.66 -6.19 18.34
CA SER A 91 1.61 -6.53 19.40
C SER A 91 1.85 -5.31 20.33
N LEU A 92 2.54 -5.52 21.45
CA LEU A 92 2.75 -4.55 22.53
C LEU A 92 4.02 -4.81 23.37
N THR A 93 5.07 -5.36 22.75
CA THR A 93 6.38 -5.62 23.36
C THR A 93 7.02 -4.33 23.89
N SER A 94 7.66 -4.43 25.05
CA SER A 94 8.21 -3.30 25.82
C SER A 94 9.16 -3.78 26.95
N GLY A 95 9.86 -2.85 27.61
CA GLY A 95 10.81 -3.11 28.70
C GLY A 95 12.25 -3.26 28.19
N PRO A 96 13.03 -2.16 28.11
CA PRO A 96 14.39 -2.18 27.57
C PRO A 96 15.36 -2.85 28.57
N SER A 97 16.00 -3.94 28.15
CA SER A 97 17.02 -4.69 28.92
C SER A 97 16.49 -5.38 30.20
N SER A 98 15.17 -5.39 30.41
CA SER A 98 14.52 -5.88 31.63
C SER A 98 13.03 -6.23 31.37
N GLY A 99 12.67 -7.51 31.54
CA GLY A 99 11.31 -8.04 31.37
C GLY A 99 11.30 -9.55 31.10
N GLY A 1 0.49 -26.01 -5.25
CA GLY A 1 -0.71 -25.19 -5.52
C GLY A 1 -1.31 -24.67 -4.23
N SER A 2 -2.59 -24.97 -3.95
CA SER A 2 -3.27 -24.58 -2.71
C SER A 2 -3.15 -25.67 -1.63
N SER A 3 -2.64 -25.33 -0.45
CA SER A 3 -2.39 -26.25 0.68
C SER A 3 -2.10 -25.45 1.98
N GLY A 4 -2.10 -26.14 3.13
CA GLY A 4 -1.80 -25.52 4.43
C GLY A 4 -2.95 -24.66 4.97
N SER A 5 -4.18 -25.20 4.93
CA SER A 5 -5.42 -24.45 5.20
C SER A 5 -5.57 -23.90 6.63
N SER A 6 -4.77 -24.39 7.59
CA SER A 6 -4.70 -23.88 8.98
C SER A 6 -3.49 -22.96 9.25
N GLY A 7 -2.71 -22.62 8.21
CA GLY A 7 -1.53 -21.72 8.25
C GLY A 7 -0.33 -22.26 7.47
N GLY A 8 -0.11 -23.58 7.50
CA GLY A 8 0.95 -24.27 6.74
C GLY A 8 2.36 -23.97 7.25
N GLU A 9 3.33 -24.07 6.34
CA GLU A 9 4.76 -23.74 6.59
C GLU A 9 5.00 -22.21 6.55
N LYS A 10 6.20 -21.77 6.95
CA LYS A 10 6.63 -20.38 6.88
C LYS A 10 6.64 -19.82 5.42
N THR A 11 6.23 -18.56 5.27
CA THR A 11 6.09 -17.83 3.99
C THR A 11 6.50 -16.36 4.13
N PHE A 12 6.57 -15.65 3.00
CA PHE A 12 6.89 -14.21 2.94
C PHE A 12 5.84 -13.33 3.64
N THR A 13 6.27 -12.15 4.10
CA THR A 13 5.41 -11.12 4.72
C THR A 13 4.84 -10.18 3.66
N GLN A 14 3.77 -9.46 4.03
CA GLN A 14 3.04 -8.52 3.16
C GLN A 14 3.54 -7.08 3.28
N ARG A 15 4.77 -6.84 3.74
CA ARG A 15 5.28 -5.48 4.01
C ARG A 15 5.36 -4.57 2.76
N SER A 16 5.33 -5.14 1.56
CA SER A 16 5.24 -4.44 0.27
C SER A 16 3.81 -3.97 -0.09
N ARG A 17 2.84 -4.08 0.83
CA ARG A 17 1.44 -3.69 0.64
C ARG A 17 1.25 -2.16 0.71
N LEU A 18 0.59 -1.62 -0.30
CA LEU A 18 0.19 -0.23 -0.43
C LEU A 18 -1.33 -0.08 -0.18
N PHE A 19 -1.67 1.01 0.51
CA PHE A 19 -3.03 1.52 0.72
C PHE A 19 -3.29 2.63 -0.33
N VAL A 20 -4.53 2.72 -0.83
CA VAL A 20 -4.95 3.76 -1.78
C VAL A 20 -6.28 4.37 -1.33
N GLY A 21 -6.25 5.67 -0.99
CA GLY A 21 -7.41 6.48 -0.61
C GLY A 21 -7.78 7.52 -1.67
N ASN A 22 -8.92 8.20 -1.44
CA ASN A 22 -9.56 9.16 -2.35
C ASN A 22 -10.07 8.50 -3.66
N LEU A 23 -10.27 7.18 -3.66
CA LEU A 23 -10.65 6.41 -4.85
C LEU A 23 -12.01 6.86 -5.42
N PRO A 24 -12.15 6.93 -6.77
CA PRO A 24 -13.37 7.33 -7.46
C PRO A 24 -14.47 6.26 -7.35
N PRO A 25 -15.74 6.60 -7.65
CA PRO A 25 -16.87 5.66 -7.62
C PRO A 25 -16.90 4.70 -8.82
N ASP A 26 -15.88 4.71 -9.69
CA ASP A 26 -15.82 3.97 -10.96
C ASP A 26 -14.53 3.13 -11.13
N ILE A 27 -13.76 2.92 -10.04
CA ILE A 27 -12.56 2.08 -10.03
C ILE A 27 -12.95 0.60 -9.91
N THR A 28 -12.19 -0.27 -10.60
CA THR A 28 -12.32 -1.73 -10.60
C THR A 28 -10.96 -2.37 -10.39
N GLU A 29 -10.94 -3.68 -10.11
CA GLU A 29 -9.70 -4.46 -10.04
C GLU A 29 -8.94 -4.45 -11.38
N GLU A 30 -9.65 -4.32 -12.51
CA GLU A 30 -9.07 -4.20 -13.85
C GLU A 30 -8.37 -2.83 -14.01
N GLU A 31 -9.03 -1.74 -13.60
CA GLU A 31 -8.40 -0.40 -13.62
C GLU A 31 -7.22 -0.31 -12.65
N MET A 32 -7.30 -0.93 -11.47
CA MET A 32 -6.23 -0.90 -10.48
C MET A 32 -5.01 -1.72 -10.94
N ARG A 33 -5.22 -2.87 -11.60
CA ARG A 33 -4.14 -3.62 -12.27
C ARG A 33 -3.50 -2.83 -13.41
N LYS A 34 -4.29 -2.06 -14.17
CA LYS A 34 -3.80 -1.22 -15.27
C LYS A 34 -3.02 0.00 -14.77
N LEU A 35 -3.50 0.69 -13.73
CA LEU A 35 -2.82 1.82 -13.06
C LEU A 35 -1.42 1.45 -12.53
N PHE A 36 -1.22 0.18 -12.17
CA PHE A 36 0.03 -0.35 -11.62
C PHE A 36 0.83 -1.19 -12.63
N GLU A 37 0.43 -1.23 -13.91
CA GLU A 37 0.98 -2.16 -14.91
C GLU A 37 2.47 -1.94 -15.23
N LYS A 38 2.98 -0.70 -15.04
CA LYS A 38 4.40 -0.39 -15.19
C LYS A 38 5.28 -1.11 -14.15
N TYR A 39 4.69 -1.53 -13.03
CA TYR A 39 5.34 -2.22 -11.92
C TYR A 39 5.05 -3.75 -11.93
N GLY A 40 4.38 -4.24 -12.99
CA GLY A 40 3.92 -5.63 -13.11
C GLY A 40 2.61 -5.88 -12.36
N LYS A 41 2.04 -7.08 -12.52
CA LYS A 41 0.84 -7.49 -11.81
C LYS A 41 1.11 -7.66 -10.29
N ALA A 42 0.20 -7.15 -9.46
CA ALA A 42 0.23 -7.33 -8.01
C ALA A 42 -0.06 -8.78 -7.60
N GLY A 43 0.40 -9.17 -6.40
CA GLY A 43 0.13 -10.48 -5.78
C GLY A 43 -1.14 -10.51 -4.92
N GLU A 44 -1.72 -9.34 -4.62
CA GLU A 44 -3.02 -9.17 -3.96
C GLU A 44 -3.62 -7.83 -4.38
N VAL A 45 -4.93 -7.81 -4.68
CA VAL A 45 -5.73 -6.62 -5.04
C VAL A 45 -7.09 -6.71 -4.35
N PHE A 46 -7.50 -5.66 -3.61
CA PHE A 46 -8.82 -5.53 -3.00
C PHE A 46 -9.30 -4.07 -3.03
N ILE A 47 -10.61 -3.87 -3.30
CA ILE A 47 -11.28 -2.56 -3.39
C ILE A 47 -12.65 -2.68 -2.72
N HIS A 48 -12.99 -1.77 -1.81
CA HIS A 48 -14.26 -1.78 -1.07
C HIS A 48 -15.06 -0.48 -1.26
N LYS A 49 -16.21 -0.57 -1.94
CA LYS A 49 -17.04 0.59 -2.33
C LYS A 49 -17.73 1.29 -1.15
N ASP A 50 -18.16 0.54 -0.14
CA ASP A 50 -18.89 1.06 1.03
C ASP A 50 -18.01 1.89 1.98
N LYS A 51 -16.69 1.66 1.98
CA LYS A 51 -15.70 2.45 2.73
C LYS A 51 -14.91 3.45 1.86
N GLY A 52 -14.74 3.19 0.56
CA GLY A 52 -14.08 4.09 -0.40
C GLY A 52 -12.55 3.97 -0.42
N PHE A 53 -12.02 2.76 -0.25
CA PHE A 53 -10.58 2.47 -0.08
C PHE A 53 -10.16 1.20 -0.81
N GLY A 54 -8.88 1.14 -1.19
CA GLY A 54 -8.23 0.02 -1.87
C GLY A 54 -6.88 -0.35 -1.24
N PHE A 55 -6.47 -1.60 -1.48
CA PHE A 55 -5.25 -2.22 -0.98
C PHE A 55 -4.63 -3.06 -2.11
N ILE A 56 -3.31 -2.99 -2.27
CA ILE A 56 -2.58 -3.65 -3.37
C ILE A 56 -1.15 -4.01 -2.94
N ARG A 57 -0.72 -5.25 -3.18
CA ARG A 57 0.55 -5.79 -2.67
C ARG A 57 1.47 -6.20 -3.82
N LEU A 58 2.60 -5.51 -3.98
CA LEU A 58 3.53 -5.71 -5.11
C LEU A 58 4.60 -6.76 -4.75
N GLU A 59 5.34 -7.26 -5.75
CA GLU A 59 6.22 -8.41 -5.54
C GLU A 59 7.56 -8.09 -4.86
N THR A 60 7.99 -6.80 -4.82
CA THR A 60 9.21 -6.34 -4.17
C THR A 60 9.02 -4.96 -3.53
N ARG A 61 9.87 -4.65 -2.54
CA ARG A 61 9.91 -3.32 -1.90
C ARG A 61 10.25 -2.22 -2.92
N THR A 62 11.16 -2.48 -3.85
CA THR A 62 11.58 -1.52 -4.90
C THR A 62 10.41 -1.09 -5.77
N LEU A 63 9.60 -2.03 -6.23
CA LEU A 63 8.39 -1.77 -7.00
C LEU A 63 7.37 -0.97 -6.16
N ALA A 64 7.18 -1.34 -4.89
CA ALA A 64 6.26 -0.65 -3.97
C ALA A 64 6.70 0.80 -3.66
N GLU A 65 8.01 1.06 -3.54
CA GLU A 65 8.55 2.42 -3.36
C GLU A 65 8.35 3.28 -4.61
N ILE A 66 8.66 2.75 -5.80
CA ILE A 66 8.47 3.48 -7.07
C ILE A 66 6.99 3.79 -7.27
N ALA A 67 6.09 2.80 -7.10
CA ALA A 67 4.66 3.00 -7.18
C ALA A 67 4.15 4.02 -6.16
N LYS A 68 4.60 3.97 -4.89
CA LYS A 68 4.32 5.00 -3.88
C LYS A 68 4.74 6.39 -4.38
N VAL A 69 5.98 6.56 -4.83
CA VAL A 69 6.49 7.89 -5.24
C VAL A 69 5.79 8.41 -6.50
N GLU A 70 5.41 7.53 -7.43
CA GLU A 70 4.76 7.90 -8.69
C GLU A 70 3.24 8.17 -8.56
N LEU A 71 2.52 7.42 -7.72
CA LEU A 71 1.05 7.44 -7.68
C LEU A 71 0.48 8.36 -6.58
N ASP A 72 1.25 8.69 -5.55
CA ASP A 72 0.77 9.59 -4.49
C ASP A 72 0.60 11.02 -5.00
N ASN A 73 -0.60 11.58 -4.76
CA ASN A 73 -1.08 12.88 -5.26
C ASN A 73 -1.39 12.89 -6.78
N MET A 74 -1.43 11.73 -7.45
CA MET A 74 -1.76 11.63 -8.89
C MET A 74 -3.27 11.84 -9.12
N PRO A 75 -3.66 12.60 -10.16
CA PRO A 75 -5.07 12.79 -10.52
C PRO A 75 -5.62 11.56 -11.23
N LEU A 76 -6.88 11.21 -10.92
CA LEU A 76 -7.66 10.15 -11.56
C LEU A 76 -9.09 10.63 -11.83
N ARG A 77 -9.41 10.95 -13.09
CA ARG A 77 -10.76 11.27 -13.58
C ARG A 77 -11.43 12.48 -12.87
N GLY A 78 -10.63 13.37 -12.27
CA GLY A 78 -11.07 14.54 -11.49
C GLY A 78 -10.94 14.39 -9.97
N LYS A 79 -10.65 13.19 -9.46
CA LYS A 79 -10.29 12.94 -8.06
C LYS A 79 -8.76 12.93 -7.87
N GLN A 80 -8.29 12.98 -6.62
CA GLN A 80 -6.89 12.76 -6.25
C GLN A 80 -6.68 11.30 -5.79
N LEU A 81 -5.44 10.91 -5.50
CA LEU A 81 -5.08 9.59 -4.99
C LEU A 81 -4.09 9.74 -3.83
N ARG A 82 -4.48 9.30 -2.63
CA ARG A 82 -3.61 9.29 -1.45
C ARG A 82 -2.99 7.91 -1.29
N VAL A 83 -1.69 7.76 -1.50
CA VAL A 83 -0.98 6.47 -1.53
C VAL A 83 0.05 6.43 -0.41
N ARG A 84 0.03 5.33 0.36
CA ARG A 84 0.89 5.11 1.54
C ARG A 84 1.14 3.62 1.75
N PHE A 85 2.15 3.26 2.55
CA PHE A 85 2.36 1.87 2.98
C PHE A 85 1.30 1.44 4.00
N ALA A 86 0.78 0.23 3.84
CA ALA A 86 -0.19 -0.40 4.76
C ALA A 86 0.46 -1.25 5.87
N CYS A 87 1.80 -1.25 5.93
CA CYS A 87 2.64 -2.07 6.80
C CYS A 87 3.85 -1.30 7.39
N HIS A 88 3.77 0.04 7.36
CA HIS A 88 4.79 1.00 7.80
C HIS A 88 4.15 2.40 7.93
N SER A 89 4.45 3.16 8.99
CA SER A 89 3.78 4.44 9.28
C SER A 89 4.73 5.38 10.05
N ALA A 90 5.59 6.09 9.28
CA ALA A 90 6.64 6.98 9.78
C ALA A 90 7.67 6.26 10.69
N SER A 91 7.80 4.94 10.56
CA SER A 91 8.55 4.04 11.45
C SER A 91 10.09 4.08 11.26
N LEU A 92 10.62 5.24 10.85
CA LEU A 92 12.02 5.47 10.49
C LEU A 92 12.89 5.69 11.74
N THR A 93 13.10 4.62 12.52
CA THR A 93 13.93 4.61 13.74
C THR A 93 15.41 4.57 13.36
N SER A 94 15.93 5.72 12.93
CA SER A 94 17.31 5.93 12.47
C SER A 94 17.66 7.43 12.42
N GLY A 95 18.92 7.76 12.72
CA GLY A 95 19.47 9.12 12.69
C GLY A 95 20.65 9.26 11.72
N PRO A 96 20.42 9.38 10.40
CA PRO A 96 21.46 9.61 9.40
C PRO A 96 21.99 11.06 9.48
N SER A 97 23.06 11.35 8.76
CA SER A 97 23.73 12.67 8.75
C SER A 97 24.36 12.98 7.38
N SER A 98 24.19 14.22 6.90
CA SER A 98 24.63 14.70 5.58
C SER A 98 24.56 16.24 5.52
N GLY A 99 25.24 16.85 4.54
CA GLY A 99 25.32 18.31 4.34
C GLY A 99 26.10 18.70 3.09
N GLY A 1 -1.63 6.95 21.69
CA GLY A 1 -1.63 5.91 20.65
C GLY A 1 -0.36 5.09 20.69
N SER A 2 0.32 4.93 19.55
CA SER A 2 1.65 4.32 19.44
C SER A 2 2.77 5.24 19.97
N SER A 3 3.95 4.69 20.28
CA SER A 3 5.10 5.45 20.78
C SER A 3 5.88 6.16 19.67
N GLY A 4 5.85 5.61 18.43
CA GLY A 4 6.41 6.26 17.24
C GLY A 4 7.94 6.33 17.23
N SER A 5 8.61 5.25 17.65
CA SER A 5 10.08 5.16 17.71
C SER A 5 10.76 5.26 16.33
N SER A 6 12.02 5.75 16.30
CA SER A 6 12.77 6.02 15.07
C SER A 6 13.93 5.02 14.85
N GLY A 7 14.41 4.94 13.60
CA GLY A 7 15.44 4.00 13.14
C GLY A 7 14.84 2.70 12.57
N GLY A 8 15.64 1.99 11.76
CA GLY A 8 15.27 0.72 11.13
C GLY A 8 15.60 -0.51 11.98
N GLU A 9 15.27 -1.69 11.44
CA GLU A 9 15.52 -3.01 12.03
C GLU A 9 15.48 -4.10 10.95
N LYS A 10 16.18 -5.21 11.19
CA LYS A 10 16.28 -6.34 10.25
C LYS A 10 15.28 -7.45 10.65
N THR A 11 14.44 -7.87 9.70
CA THR A 11 13.36 -8.88 9.86
C THR A 11 13.15 -9.67 8.58
N PHE A 12 12.63 -10.89 8.72
CA PHE A 12 12.30 -11.84 7.65
C PHE A 12 10.93 -11.55 7.00
N THR A 13 10.60 -10.26 6.81
CA THR A 13 9.29 -9.76 6.40
C THR A 13 9.39 -8.82 5.19
N GLN A 14 8.27 -8.23 4.78
CA GLN A 14 8.14 -7.40 3.57
C GLN A 14 7.05 -6.34 3.74
N ARG A 15 7.15 -5.25 2.97
CA ARG A 15 6.26 -4.07 3.03
C ARG A 15 5.88 -3.59 1.62
N SER A 16 5.55 -4.53 0.74
CA SER A 16 5.08 -4.23 -0.63
C SER A 16 3.58 -3.90 -0.70
N ARG A 17 2.88 -3.91 0.44
CA ARG A 17 1.46 -3.59 0.58
C ARG A 17 1.24 -2.06 0.62
N LEU A 18 0.42 -1.55 -0.30
CA LEU A 18 0.03 -0.15 -0.41
C LEU A 18 -1.47 0.01 -0.16
N PHE A 19 -1.80 1.09 0.53
CA PHE A 19 -3.14 1.62 0.78
C PHE A 19 -3.43 2.71 -0.26
N VAL A 20 -4.65 2.76 -0.78
CA VAL A 20 -5.10 3.77 -1.76
C VAL A 20 -6.44 4.35 -1.31
N GLY A 21 -6.43 5.60 -0.85
CA GLY A 21 -7.60 6.39 -0.48
C GLY A 21 -7.99 7.43 -1.52
N ASN A 22 -9.15 8.05 -1.31
CA ASN A 22 -9.76 9.03 -2.22
C ASN A 22 -10.09 8.41 -3.60
N LEU A 23 -10.41 7.10 -3.62
CA LEU A 23 -10.77 6.39 -4.84
C LEU A 23 -12.11 6.90 -5.43
N PRO A 24 -12.24 6.97 -6.77
CA PRO A 24 -13.53 7.24 -7.42
C PRO A 24 -14.52 6.08 -7.21
N PRO A 25 -15.83 6.29 -7.42
CA PRO A 25 -16.83 5.23 -7.41
C PRO A 25 -16.80 4.39 -8.70
N ASP A 26 -16.02 4.80 -9.71
CA ASP A 26 -15.87 4.17 -11.03
C ASP A 26 -14.66 3.22 -11.13
N ILE A 27 -13.97 2.96 -10.02
CA ILE A 27 -12.78 2.08 -9.98
C ILE A 27 -13.18 0.60 -9.92
N THR A 28 -12.38 -0.27 -10.54
CA THR A 28 -12.48 -1.73 -10.53
C THR A 28 -11.11 -2.34 -10.27
N GLU A 29 -11.06 -3.63 -9.95
CA GLU A 29 -9.81 -4.37 -9.84
C GLU A 29 -9.05 -4.41 -11.18
N GLU A 30 -9.74 -4.28 -12.32
CA GLU A 30 -9.13 -4.21 -13.65
C GLU A 30 -8.49 -2.83 -13.91
N GLU A 31 -9.15 -1.74 -13.49
CA GLU A 31 -8.55 -0.40 -13.52
C GLU A 31 -7.34 -0.32 -12.56
N MET A 32 -7.46 -0.91 -11.37
CA MET A 32 -6.38 -0.89 -10.36
C MET A 32 -5.17 -1.73 -10.78
N ARG A 33 -5.37 -2.86 -11.45
CA ARG A 33 -4.31 -3.63 -12.10
C ARG A 33 -3.61 -2.81 -13.21
N LYS A 34 -4.37 -2.07 -14.03
CA LYS A 34 -3.78 -1.25 -15.10
C LYS A 34 -3.03 -0.01 -14.58
N LEU A 35 -3.55 0.67 -13.55
CA LEU A 35 -2.90 1.80 -12.86
C LEU A 35 -1.51 1.46 -12.28
N PHE A 36 -1.25 0.17 -12.03
CA PHE A 36 -0.01 -0.35 -11.47
C PHE A 36 0.76 -1.25 -12.46
N GLU A 37 0.38 -1.29 -13.75
CA GLU A 37 0.95 -2.21 -14.74
C GLU A 37 2.45 -1.99 -15.01
N LYS A 38 2.96 -0.78 -14.75
CA LYS A 38 4.39 -0.42 -14.82
C LYS A 38 5.25 -1.19 -13.80
N TYR A 39 4.63 -1.67 -12.72
CA TYR A 39 5.27 -2.33 -11.58
C TYR A 39 5.04 -3.86 -11.55
N GLY A 40 4.48 -4.41 -12.65
CA GLY A 40 4.17 -5.83 -12.80
C GLY A 40 2.81 -6.22 -12.19
N LYS A 41 2.51 -7.51 -12.22
CA LYS A 41 1.26 -8.06 -11.64
C LYS A 41 1.32 -8.06 -10.10
N ALA A 42 0.30 -7.51 -9.45
CA ALA A 42 0.15 -7.52 -8.00
C ALA A 42 -0.26 -8.92 -7.48
N GLY A 43 0.25 -9.32 -6.31
CA GLY A 43 -0.07 -10.60 -5.67
C GLY A 43 -1.39 -10.60 -4.89
N GLU A 44 -1.98 -9.42 -4.66
CA GLU A 44 -3.29 -9.22 -4.03
C GLU A 44 -3.84 -7.84 -4.42
N VAL A 45 -5.15 -7.76 -4.72
CA VAL A 45 -5.87 -6.53 -5.06
C VAL A 45 -7.27 -6.59 -4.42
N PHE A 46 -7.66 -5.56 -3.66
CA PHE A 46 -9.00 -5.43 -3.04
C PHE A 46 -9.47 -3.98 -3.01
N ILE A 47 -10.78 -3.76 -3.20
CA ILE A 47 -11.45 -2.45 -3.25
C ILE A 47 -12.80 -2.56 -2.53
N HIS A 48 -13.11 -1.61 -1.65
CA HIS A 48 -14.41 -1.52 -0.96
C HIS A 48 -15.07 -0.14 -1.15
N LYS A 49 -16.09 -0.08 -2.01
CA LYS A 49 -16.74 1.18 -2.44
C LYS A 49 -17.61 1.82 -1.34
N ASP A 50 -18.11 1.03 -0.39
CA ASP A 50 -18.90 1.51 0.75
C ASP A 50 -18.07 2.26 1.82
N LYS A 51 -16.73 2.17 1.75
CA LYS A 51 -15.79 2.93 2.59
C LYS A 51 -14.87 3.87 1.78
N GLY A 52 -14.69 3.64 0.48
CA GLY A 52 -13.90 4.50 -0.43
C GLY A 52 -12.40 4.21 -0.42
N PHE A 53 -12.00 2.98 -0.09
CA PHE A 53 -10.61 2.57 0.11
C PHE A 53 -10.26 1.28 -0.66
N GLY A 54 -9.01 1.21 -1.12
CA GLY A 54 -8.42 0.06 -1.79
C GLY A 54 -7.04 -0.28 -1.25
N PHE A 55 -6.61 -1.50 -1.56
CA PHE A 55 -5.43 -2.17 -1.03
C PHE A 55 -4.79 -3.00 -2.14
N ILE A 56 -3.47 -2.96 -2.27
CA ILE A 56 -2.73 -3.64 -3.36
C ILE A 56 -1.34 -4.07 -2.89
N ARG A 57 -0.87 -5.23 -3.36
CA ARG A 57 0.38 -5.88 -2.91
C ARG A 57 1.32 -6.11 -4.09
N LEU A 58 2.45 -5.42 -4.15
CA LEU A 58 3.40 -5.54 -5.27
C LEU A 58 4.44 -6.65 -5.01
N GLU A 59 5.32 -6.92 -5.98
CA GLU A 59 6.27 -8.03 -5.91
C GLU A 59 7.47 -7.74 -4.96
N THR A 60 7.83 -6.47 -4.76
CA THR A 60 8.94 -6.05 -3.88
C THR A 60 8.64 -4.73 -3.16
N ARG A 61 9.35 -4.49 -2.06
CA ARG A 61 9.34 -3.21 -1.33
C ARG A 61 9.82 -2.04 -2.21
N THR A 62 10.76 -2.28 -3.13
CA THR A 62 11.33 -1.29 -4.06
C THR A 62 10.28 -0.83 -5.07
N LEU A 63 9.54 -1.78 -5.65
CA LEU A 63 8.42 -1.47 -6.54
C LEU A 63 7.33 -0.68 -5.81
N ALA A 64 7.04 -1.01 -4.55
CA ALA A 64 6.05 -0.30 -3.74
C ALA A 64 6.50 1.12 -3.36
N GLU A 65 7.79 1.36 -3.09
CA GLU A 65 8.34 2.71 -2.93
C GLU A 65 8.14 3.54 -4.21
N ILE A 66 8.56 3.00 -5.36
CA ILE A 66 8.46 3.69 -6.66
C ILE A 66 6.99 3.99 -6.99
N ALA A 67 6.09 3.01 -6.87
CA ALA A 67 4.67 3.19 -7.09
C ALA A 67 4.08 4.26 -6.15
N LYS A 68 4.40 4.23 -4.84
CA LYS A 68 3.96 5.25 -3.89
C LYS A 68 4.46 6.65 -4.28
N VAL A 69 5.75 6.78 -4.66
CA VAL A 69 6.34 8.06 -5.10
C VAL A 69 5.71 8.58 -6.41
N GLU A 70 5.30 7.68 -7.31
CA GLU A 70 4.73 8.03 -8.62
C GLU A 70 3.21 8.30 -8.60
N LEU A 71 2.46 7.73 -7.64
CA LEU A 71 0.99 7.73 -7.64
C LEU A 71 0.35 8.68 -6.60
N ASP A 72 1.08 9.15 -5.58
CA ASP A 72 0.53 10.08 -4.59
C ASP A 72 0.16 11.44 -5.21
N ASN A 73 -1.03 11.94 -4.87
CA ASN A 73 -1.66 13.16 -5.38
C ASN A 73 -2.01 13.10 -6.89
N MET A 74 -2.01 11.92 -7.52
CA MET A 74 -2.32 11.76 -8.94
C MET A 74 -3.84 11.95 -9.19
N PRO A 75 -4.23 12.70 -10.23
CA PRO A 75 -5.63 12.91 -10.59
C PRO A 75 -6.21 11.66 -11.27
N LEU A 76 -7.39 11.21 -10.82
CA LEU A 76 -8.16 10.12 -11.40
C LEU A 76 -9.66 10.44 -11.31
N ARG A 77 -10.35 10.63 -12.44
CA ARG A 77 -11.80 10.90 -12.52
C ARG A 77 -12.24 12.12 -11.66
N GLY A 78 -11.37 13.15 -11.58
CA GLY A 78 -11.58 14.37 -10.78
C GLY A 78 -11.19 14.26 -9.30
N LYS A 79 -10.67 13.10 -8.85
CA LYS A 79 -10.27 12.81 -7.46
C LYS A 79 -8.74 12.81 -7.33
N GLN A 80 -8.21 13.18 -6.16
CA GLN A 80 -6.77 13.22 -5.88
C GLN A 80 -6.38 12.02 -5.01
N LEU A 81 -5.63 11.08 -5.59
CA LEU A 81 -5.34 9.78 -4.99
C LEU A 81 -4.34 9.89 -3.81
N ARG A 82 -4.74 9.35 -2.64
CA ARG A 82 -3.89 9.32 -1.44
C ARG A 82 -3.25 7.93 -1.34
N VAL A 83 -1.96 7.83 -1.63
CA VAL A 83 -1.21 6.56 -1.65
C VAL A 83 -0.15 6.55 -0.54
N ARG A 84 -0.12 5.46 0.24
CA ARG A 84 0.79 5.25 1.37
C ARG A 84 1.05 3.75 1.60
N PHE A 85 2.01 3.40 2.46
CA PHE A 85 2.21 2.02 2.93
C PHE A 85 1.08 1.59 3.87
N ALA A 86 0.62 0.34 3.70
CA ALA A 86 -0.31 -0.31 4.62
C ALA A 86 0.48 -1.09 5.67
N CYS A 87 0.66 -0.49 6.85
CA CYS A 87 1.54 -0.97 7.92
C CYS A 87 1.17 -0.31 9.27
N HIS A 88 1.40 -1.03 10.37
CA HIS A 88 1.22 -0.55 11.73
C HIS A 88 2.20 -1.24 12.71
N SER A 89 3.18 -0.49 13.22
CA SER A 89 4.06 -0.95 14.31
C SER A 89 3.44 -0.57 15.66
N ALA A 90 3.35 -1.54 16.58
CA ALA A 90 2.75 -1.32 17.90
C ALA A 90 3.59 -0.36 18.77
N SER A 91 4.90 -0.57 18.82
CA SER A 91 5.91 0.23 19.57
C SER A 91 5.64 0.37 21.09
N LEU A 92 4.68 -0.40 21.62
CA LEU A 92 4.16 -0.31 22.99
C LEU A 92 5.13 -0.90 24.03
N THR A 93 5.15 -0.32 25.23
CA THR A 93 5.98 -0.72 26.38
C THR A 93 5.52 -2.00 27.09
N SER A 94 4.28 -2.44 26.86
CA SER A 94 3.76 -3.72 27.33
C SER A 94 4.08 -4.85 26.35
N GLY A 95 4.76 -5.91 26.82
CA GLY A 95 5.24 -7.04 26.00
C GLY A 95 6.26 -7.92 26.72
N PRO A 96 7.10 -8.68 25.99
CA PRO A 96 8.07 -9.62 26.55
C PRO A 96 9.36 -8.93 27.05
N SER A 97 9.25 -7.73 27.62
CA SER A 97 10.35 -6.88 28.08
C SER A 97 9.84 -5.75 29.01
N SER A 98 10.75 -5.06 29.71
CA SER A 98 10.44 -4.00 30.67
C SER A 98 11.70 -3.17 31.02
N GLY A 99 11.60 -1.84 30.96
CA GLY A 99 12.67 -0.89 31.28
C GLY A 99 12.40 0.52 30.75
N GLY A 1 14.33 -9.01 18.84
CA GLY A 1 15.09 -9.91 19.74
C GLY A 1 14.17 -10.78 20.58
N SER A 2 14.46 -12.07 20.69
CA SER A 2 13.72 -13.05 21.53
C SER A 2 12.30 -13.37 21.00
N SER A 3 12.08 -13.25 19.69
CA SER A 3 10.79 -13.48 19.01
C SER A 3 10.96 -14.25 17.69
N GLY A 4 9.96 -15.05 17.31
CA GLY A 4 9.97 -15.89 16.11
C GLY A 4 10.65 -17.23 16.35
N SER A 5 9.96 -18.14 17.03
CA SER A 5 10.49 -19.49 17.37
C SER A 5 10.38 -20.51 16.21
N SER A 6 9.69 -20.15 15.12
CA SER A 6 9.47 -20.97 13.93
C SER A 6 9.43 -20.09 12.66
N GLY A 7 9.84 -20.63 11.51
CA GLY A 7 9.87 -19.92 10.23
C GLY A 7 10.02 -20.83 9.01
N GLY A 8 10.12 -20.22 7.82
CA GLY A 8 10.25 -20.90 6.53
C GLY A 8 10.35 -19.92 5.35
N GLU A 9 10.22 -20.45 4.13
CA GLU A 9 10.21 -19.67 2.89
C GLU A 9 8.78 -19.19 2.53
N LYS A 10 8.68 -18.02 1.89
CA LYS A 10 7.43 -17.46 1.33
C LYS A 10 6.29 -17.34 2.37
N THR A 11 6.62 -16.85 3.57
CA THR A 11 5.69 -16.60 4.70
C THR A 11 4.61 -15.58 4.35
N PHE A 12 3.52 -15.61 5.12
CA PHE A 12 2.29 -14.83 4.86
C PHE A 12 2.36 -13.36 5.30
N THR A 13 3.54 -12.89 5.75
CA THR A 13 3.82 -11.49 6.14
C THR A 13 3.74 -10.56 4.93
N GLN A 14 3.28 -9.33 5.16
CA GLN A 14 2.90 -8.37 4.11
C GLN A 14 4.00 -7.32 3.88
N ARG A 15 5.09 -7.75 3.24
CA ARG A 15 6.31 -6.95 3.03
C ARG A 15 6.14 -5.75 2.07
N SER A 16 5.21 -5.86 1.10
CA SER A 16 5.10 -4.93 -0.04
C SER A 16 3.65 -4.43 -0.27
N ARG A 17 2.85 -4.34 0.80
CA ARG A 17 1.43 -3.98 0.76
C ARG A 17 1.22 -2.46 0.88
N LEU A 18 0.50 -1.90 -0.09
CA LEU A 18 0.12 -0.49 -0.20
C LEU A 18 -1.38 -0.30 0.02
N PHE A 19 -1.70 0.84 0.62
CA PHE A 19 -3.04 1.40 0.84
C PHE A 19 -3.34 2.43 -0.26
N VAL A 20 -4.59 2.50 -0.73
CA VAL A 20 -5.03 3.47 -1.74
C VAL A 20 -6.38 4.08 -1.31
N GLY A 21 -6.38 5.37 -1.00
CA GLY A 21 -7.57 6.17 -0.61
C GLY A 21 -7.96 7.21 -1.65
N ASN A 22 -9.10 7.87 -1.39
CA ASN A 22 -9.75 8.86 -2.27
C ASN A 22 -10.25 8.25 -3.61
N LEU A 23 -10.45 6.92 -3.66
CA LEU A 23 -10.78 6.20 -4.89
C LEU A 23 -12.12 6.67 -5.50
N PRO A 24 -12.23 6.74 -6.85
CA PRO A 24 -13.43 7.17 -7.54
C PRO A 24 -14.56 6.13 -7.48
N PRO A 25 -15.81 6.51 -7.78
CA PRO A 25 -16.93 5.57 -7.93
C PRO A 25 -16.86 4.72 -9.22
N ASP A 26 -15.76 4.81 -9.98
CA ASP A 26 -15.57 4.20 -11.31
C ASP A 26 -14.32 3.29 -11.39
N ILE A 27 -13.68 2.96 -10.25
CA ILE A 27 -12.52 2.06 -10.20
C ILE A 27 -12.98 0.58 -10.21
N THR A 28 -12.19 -0.29 -10.86
CA THR A 28 -12.36 -1.75 -10.91
C THR A 28 -11.02 -2.43 -10.64
N GLU A 29 -11.05 -3.74 -10.41
CA GLU A 29 -9.83 -4.55 -10.27
C GLU A 29 -8.96 -4.50 -11.54
N GLU A 30 -9.58 -4.35 -12.72
CA GLU A 30 -8.88 -4.22 -14.00
C GLU A 30 -8.22 -2.83 -14.14
N GLU A 31 -8.89 -1.76 -13.72
CA GLU A 31 -8.30 -0.42 -13.68
C GLU A 31 -7.15 -0.35 -12.65
N MET A 32 -7.29 -1.01 -11.50
CA MET A 32 -6.25 -1.02 -10.47
C MET A 32 -5.00 -1.82 -10.91
N ARG A 33 -5.19 -2.92 -11.65
CA ARG A 33 -4.09 -3.63 -12.32
C ARG A 33 -3.42 -2.78 -13.39
N LYS A 34 -4.18 -2.00 -14.17
CA LYS A 34 -3.66 -1.10 -15.21
C LYS A 34 -2.90 0.11 -14.62
N LEU A 35 -3.39 0.72 -13.54
CA LEU A 35 -2.77 1.84 -12.82
C LEU A 35 -1.36 1.51 -12.27
N PHE A 36 -1.08 0.22 -12.04
CA PHE A 36 0.17 -0.29 -11.50
C PHE A 36 0.96 -1.12 -12.54
N GLU A 37 0.58 -1.11 -13.82
CA GLU A 37 1.15 -1.98 -14.85
C GLU A 37 2.64 -1.74 -15.15
N LYS A 38 3.16 -0.55 -14.83
CA LYS A 38 4.60 -0.22 -14.91
C LYS A 38 5.46 -1.09 -13.95
N TYR A 39 4.84 -1.60 -12.89
CA TYR A 39 5.46 -2.36 -11.80
C TYR A 39 5.16 -3.87 -11.90
N GLY A 40 4.66 -4.33 -13.05
CA GLY A 40 4.20 -5.70 -13.27
C GLY A 40 2.78 -5.93 -12.72
N LYS A 41 2.31 -7.17 -12.75
CA LYS A 41 1.04 -7.54 -12.10
C LYS A 41 1.16 -7.53 -10.56
N ALA A 42 0.06 -7.18 -9.87
CA ALA A 42 -0.02 -7.23 -8.42
C ALA A 42 -0.21 -8.66 -7.90
N GLY A 43 0.34 -8.95 -6.72
CA GLY A 43 0.21 -10.23 -6.02
C GLY A 43 -1.08 -10.35 -5.19
N GLU A 44 -1.73 -9.22 -4.90
CA GLU A 44 -3.08 -9.15 -4.31
C GLU A 44 -3.73 -7.80 -4.61
N VAL A 45 -5.06 -7.77 -4.76
CA VAL A 45 -5.91 -6.60 -5.07
C VAL A 45 -7.23 -6.69 -4.29
N PHE A 46 -7.59 -5.62 -3.59
CA PHE A 46 -8.90 -5.45 -2.93
C PHE A 46 -9.41 -4.01 -3.06
N ILE A 47 -10.71 -3.84 -3.32
CA ILE A 47 -11.40 -2.55 -3.47
C ILE A 47 -12.75 -2.63 -2.77
N HIS A 48 -13.04 -1.74 -1.83
CA HIS A 48 -14.29 -1.72 -1.06
C HIS A 48 -15.06 -0.40 -1.23
N LYS A 49 -16.12 -0.43 -2.06
CA LYS A 49 -16.90 0.75 -2.44
C LYS A 49 -17.81 1.31 -1.33
N ASP A 50 -18.11 0.52 -0.30
CA ASP A 50 -18.92 0.93 0.87
C ASP A 50 -18.13 1.79 1.86
N LYS A 51 -16.78 1.82 1.76
CA LYS A 51 -15.89 2.68 2.56
C LYS A 51 -15.11 3.71 1.71
N GLY A 52 -14.84 3.42 0.43
CA GLY A 52 -14.12 4.30 -0.50
C GLY A 52 -12.59 4.11 -0.50
N PHE A 53 -12.13 2.91 -0.16
CA PHE A 53 -10.72 2.57 0.02
C PHE A 53 -10.37 1.20 -0.62
N GLY A 54 -9.10 1.05 -0.99
CA GLY A 54 -8.53 -0.16 -1.56
C GLY A 54 -7.11 -0.44 -1.08
N PHE A 55 -6.62 -1.63 -1.42
CA PHE A 55 -5.33 -2.20 -1.00
C PHE A 55 -4.74 -3.02 -2.15
N ILE A 56 -3.41 -3.06 -2.24
CA ILE A 56 -2.69 -3.72 -3.34
C ILE A 56 -1.29 -4.15 -2.86
N ARG A 57 -0.85 -5.36 -3.23
CA ARG A 57 0.48 -5.88 -2.86
C ARG A 57 1.32 -6.08 -4.13
N LEU A 58 2.52 -5.49 -4.18
CA LEU A 58 3.42 -5.61 -5.36
C LEU A 58 4.45 -6.72 -5.15
N GLU A 59 5.19 -7.07 -6.21
CA GLU A 59 6.09 -8.23 -6.23
C GLU A 59 7.37 -8.02 -5.39
N THR A 60 7.82 -6.77 -5.20
CA THR A 60 8.98 -6.39 -4.38
C THR A 60 8.72 -5.07 -3.66
N ARG A 61 9.42 -4.87 -2.53
CA ARG A 61 9.31 -3.63 -1.75
C ARG A 61 9.93 -2.43 -2.50
N THR A 62 10.91 -2.66 -3.37
CA THR A 62 11.51 -1.65 -4.27
C THR A 62 10.45 -1.12 -5.24
N LEU A 63 9.67 -2.01 -5.88
CA LEU A 63 8.55 -1.62 -6.73
C LEU A 63 7.46 -0.91 -5.92
N ALA A 64 7.17 -1.35 -4.68
CA ALA A 64 6.22 -0.68 -3.79
C ALA A 64 6.66 0.74 -3.39
N GLU A 65 7.95 0.99 -3.16
CA GLU A 65 8.48 2.34 -2.93
C GLU A 65 8.32 3.23 -4.16
N ILE A 66 8.74 2.75 -5.33
CA ILE A 66 8.63 3.52 -6.60
C ILE A 66 7.16 3.85 -6.89
N ALA A 67 6.25 2.87 -6.81
CA ALA A 67 4.82 3.08 -7.00
C ALA A 67 4.25 4.07 -5.98
N LYS A 68 4.58 3.94 -4.68
CA LYS A 68 4.15 4.90 -3.66
C LYS A 68 4.64 6.32 -3.96
N VAL A 69 5.90 6.48 -4.38
CA VAL A 69 6.49 7.79 -4.73
C VAL A 69 5.88 8.38 -6.02
N GLU A 70 5.49 7.53 -6.98
CA GLU A 70 4.95 7.96 -8.28
C GLU A 70 3.43 8.18 -8.31
N LEU A 71 2.65 7.54 -7.43
CA LEU A 71 1.17 7.54 -7.49
C LEU A 71 0.50 8.48 -6.47
N ASP A 72 1.18 8.93 -5.41
CA ASP A 72 0.59 9.82 -4.41
C ASP A 72 0.25 11.20 -5.02
N ASN A 73 -0.99 11.65 -4.77
CA ASN A 73 -1.60 12.87 -5.30
C ASN A 73 -1.80 12.85 -6.84
N MET A 74 -1.77 11.67 -7.48
CA MET A 74 -2.07 11.52 -8.92
C MET A 74 -3.58 11.69 -9.17
N PRO A 75 -3.98 12.46 -10.20
CA PRO A 75 -5.38 12.66 -10.55
C PRO A 75 -5.94 11.43 -11.29
N LEU A 76 -7.18 11.06 -10.94
CA LEU A 76 -7.95 9.99 -11.59
C LEU A 76 -9.41 10.44 -11.76
N ARG A 77 -9.81 10.75 -13.00
CA ARG A 77 -11.16 11.19 -13.38
C ARG A 77 -11.68 12.43 -12.58
N GLY A 78 -10.75 13.28 -12.10
CA GLY A 78 -11.02 14.48 -11.29
C GLY A 78 -10.90 14.28 -9.77
N LYS A 79 -10.74 13.03 -9.31
CA LYS A 79 -10.43 12.71 -7.90
C LYS A 79 -8.90 12.67 -7.69
N GLN A 80 -8.45 12.88 -6.45
CA GLN A 80 -7.04 12.66 -6.06
C GLN A 80 -6.84 11.19 -5.62
N LEU A 81 -5.59 10.78 -5.38
CA LEU A 81 -5.26 9.43 -4.89
C LEU A 81 -4.26 9.53 -3.73
N ARG A 82 -4.67 9.06 -2.54
CA ARG A 82 -3.81 9.00 -1.35
C ARG A 82 -3.15 7.62 -1.28
N VAL A 83 -1.82 7.56 -1.42
CA VAL A 83 -1.06 6.29 -1.50
C VAL A 83 0.02 6.26 -0.41
N ARG A 84 0.01 5.19 0.39
CA ARG A 84 0.91 4.97 1.53
C ARG A 84 1.18 3.47 1.77
N PHE A 85 2.15 3.14 2.61
CA PHE A 85 2.40 1.76 3.05
C PHE A 85 1.41 1.33 4.15
N ALA A 86 0.89 0.10 4.03
CA ALA A 86 0.05 -0.56 5.04
C ALA A 86 0.87 -1.41 6.05
N CYS A 87 2.14 -1.05 6.26
CA CYS A 87 3.10 -1.79 7.10
C CYS A 87 2.83 -1.65 8.61
N HIS A 88 2.29 -0.51 9.05
CA HIS A 88 1.83 -0.29 10.43
C HIS A 88 0.42 -0.88 10.68
N SER A 89 0.04 -1.05 11.95
CA SER A 89 -1.24 -1.66 12.36
C SER A 89 -1.69 -1.18 13.75
N ALA A 90 -3.00 -1.30 14.05
CA ALA A 90 -3.60 -0.85 15.30
C ALA A 90 -3.32 -1.83 16.45
N SER A 91 -2.76 -1.32 17.55
CA SER A 91 -2.40 -2.07 18.77
C SER A 91 -2.05 -1.10 19.92
N LEU A 92 -1.86 -1.62 21.14
CA LEU A 92 -1.40 -0.86 22.30
C LEU A 92 0.11 -0.57 22.21
N THR A 93 0.54 0.56 22.80
CA THR A 93 1.95 1.01 22.81
C THR A 93 2.82 0.14 23.72
N SER A 94 4.11 0.09 23.43
CA SER A 94 5.10 -0.80 24.07
C SER A 94 6.55 -0.35 23.76
N GLY A 95 7.55 -1.03 24.34
CA GLY A 95 8.98 -0.69 24.24
C GLY A 95 9.49 0.10 25.45
N PRO A 96 10.53 0.94 25.31
CA PRO A 96 11.13 1.69 26.42
C PRO A 96 10.20 2.81 26.91
N SER A 97 10.30 3.16 28.18
CA SER A 97 9.50 4.20 28.83
C SER A 97 10.34 5.47 29.09
N SER A 98 9.81 6.65 28.73
CA SER A 98 10.49 7.95 28.84
C SER A 98 9.48 9.11 28.74
N GLY A 99 9.80 10.26 29.33
CA GLY A 99 8.99 11.49 29.31
C GLY A 99 9.07 12.25 27.98
N GLY A 1 11.95 1.77 23.77
CA GLY A 1 11.07 0.79 23.09
C GLY A 1 11.41 -0.64 23.46
N SER A 2 10.66 -1.60 22.92
CA SER A 2 10.76 -3.04 23.22
C SER A 2 10.38 -3.90 22.00
N SER A 3 10.87 -5.14 21.94
CA SER A 3 10.58 -6.10 20.86
C SER A 3 9.38 -7.01 21.17
N GLY A 4 8.69 -7.48 20.11
CA GLY A 4 7.56 -8.44 20.18
C GLY A 4 7.94 -9.83 19.66
N SER A 5 7.21 -10.85 20.10
CA SER A 5 7.38 -12.24 19.68
C SER A 5 6.84 -12.50 18.26
N SER A 6 7.52 -13.36 17.48
CA SER A 6 7.08 -13.76 16.13
C SER A 6 6.08 -14.95 16.18
N GLY A 7 5.04 -14.88 15.33
CA GLY A 7 3.95 -15.87 15.28
C GLY A 7 4.11 -16.98 14.23
N GLY A 8 5.03 -16.83 13.27
CA GLY A 8 5.25 -17.77 12.16
C GLY A 8 4.10 -17.77 11.15
N GLU A 9 3.96 -18.89 10.42
CA GLU A 9 2.85 -19.16 9.49
C GLU A 9 2.79 -18.13 8.33
N LYS A 10 3.94 -17.84 7.72
CA LYS A 10 4.13 -16.80 6.69
C LYS A 10 5.17 -17.21 5.63
N THR A 11 4.93 -16.86 4.36
CA THR A 11 5.76 -17.19 3.18
C THR A 11 5.85 -15.97 2.25
N PHE A 12 6.34 -14.87 2.81
CA PHE A 12 6.47 -13.55 2.14
C PHE A 12 7.74 -12.84 2.62
N THR A 13 8.54 -12.33 1.68
CA THR A 13 9.89 -11.79 1.92
C THR A 13 9.87 -10.50 2.73
N GLN A 14 8.98 -9.58 2.40
CA GLN A 14 8.81 -8.26 3.02
C GLN A 14 7.36 -7.79 2.87
N ARG A 15 6.89 -6.93 3.78
CA ARG A 15 5.53 -6.36 3.76
C ARG A 15 5.40 -5.29 2.66
N SER A 16 5.31 -5.73 1.42
CA SER A 16 5.24 -4.91 0.20
C SER A 16 3.79 -4.47 -0.15
N ARG A 17 3.02 -4.12 0.90
CA ARG A 17 1.58 -3.84 0.87
C ARG A 17 1.30 -2.34 0.82
N LEU A 18 0.43 -1.92 -0.09
CA LEU A 18 -0.01 -0.53 -0.29
C LEU A 18 -1.52 -0.38 -0.03
N PHE A 19 -1.86 0.77 0.55
CA PHE A 19 -3.19 1.31 0.76
C PHE A 19 -3.46 2.39 -0.29
N VAL A 20 -4.67 2.44 -0.84
CA VAL A 20 -5.08 3.42 -1.85
C VAL A 20 -6.42 4.04 -1.42
N GLY A 21 -6.41 5.35 -1.17
CA GLY A 21 -7.56 6.13 -0.70
C GLY A 21 -7.99 7.24 -1.64
N ASN A 22 -9.18 7.79 -1.37
CA ASN A 22 -9.84 8.82 -2.17
C ASN A 22 -10.25 8.29 -3.56
N LEU A 23 -10.57 7.00 -3.66
CA LEU A 23 -10.83 6.31 -4.93
C LEU A 23 -12.12 6.83 -5.62
N PRO A 24 -12.13 6.91 -6.98
CA PRO A 24 -13.34 7.24 -7.74
C PRO A 24 -14.36 6.10 -7.70
N PRO A 25 -15.66 6.38 -7.96
CA PRO A 25 -16.70 5.35 -8.03
C PRO A 25 -16.60 4.46 -9.29
N ASP A 26 -15.73 4.82 -10.25
CA ASP A 26 -15.56 4.14 -11.54
C ASP A 26 -14.43 3.07 -11.53
N ILE A 27 -13.81 2.81 -10.37
CA ILE A 27 -12.64 1.91 -10.25
C ILE A 27 -13.08 0.43 -10.08
N THR A 28 -12.39 -0.47 -10.77
CA THR A 28 -12.47 -1.94 -10.58
C THR A 28 -11.05 -2.50 -10.55
N GLU A 29 -10.94 -3.81 -10.32
CA GLU A 29 -9.66 -4.52 -10.34
C GLU A 29 -8.95 -4.44 -11.72
N GLU A 30 -9.69 -4.16 -12.81
CA GLU A 30 -9.12 -4.00 -14.14
C GLU A 30 -8.37 -2.65 -14.27
N GLU A 31 -8.98 -1.54 -13.84
CA GLU A 31 -8.32 -0.24 -13.76
C GLU A 31 -7.15 -0.28 -12.78
N MET A 32 -7.34 -0.90 -11.61
CA MET A 32 -6.31 -0.98 -10.57
C MET A 32 -5.07 -1.80 -11.01
N ARG A 33 -5.25 -2.85 -11.81
CA ARG A 33 -4.14 -3.56 -12.46
C ARG A 33 -3.45 -2.72 -13.55
N LYS A 34 -4.19 -1.91 -14.31
CA LYS A 34 -3.64 -1.03 -15.34
C LYS A 34 -2.85 0.15 -14.73
N LEU A 35 -3.38 0.78 -13.68
CA LEU A 35 -2.73 1.86 -12.91
C LEU A 35 -1.36 1.45 -12.33
N PHE A 36 -1.17 0.16 -12.05
CA PHE A 36 0.05 -0.41 -11.48
C PHE A 36 0.85 -1.26 -12.49
N GLU A 37 0.52 -1.22 -13.79
CA GLU A 37 1.10 -2.12 -14.80
C GLU A 37 2.61 -1.92 -15.04
N LYS A 38 3.14 -0.73 -14.72
CA LYS A 38 4.59 -0.43 -14.75
C LYS A 38 5.38 -1.29 -13.75
N TYR A 39 4.71 -1.79 -12.71
CA TYR A 39 5.27 -2.55 -11.58
C TYR A 39 4.95 -4.06 -11.67
N GLY A 40 4.47 -4.52 -12.83
CA GLY A 40 4.03 -5.90 -13.06
C GLY A 40 2.63 -6.18 -12.51
N LYS A 41 2.22 -7.44 -12.51
CA LYS A 41 0.98 -7.88 -11.85
C LYS A 41 1.11 -7.83 -10.31
N ALA A 42 0.04 -7.44 -9.63
CA ALA A 42 -0.05 -7.44 -8.17
C ALA A 42 -0.34 -8.86 -7.63
N GLY A 43 0.19 -9.16 -6.43
CA GLY A 43 0.00 -10.43 -5.73
C GLY A 43 -1.27 -10.51 -4.87
N GLU A 44 -1.93 -9.37 -4.66
CA GLU A 44 -3.23 -9.24 -3.99
C GLU A 44 -3.86 -7.91 -4.41
N VAL A 45 -5.17 -7.89 -4.69
CA VAL A 45 -5.95 -6.69 -5.06
C VAL A 45 -7.32 -6.74 -4.37
N PHE A 46 -7.70 -5.67 -3.69
CA PHE A 46 -9.03 -5.50 -3.07
C PHE A 46 -9.52 -4.05 -3.17
N ILE A 47 -10.81 -3.88 -3.45
CA ILE A 47 -11.52 -2.59 -3.59
C ILE A 47 -12.91 -2.74 -2.94
N HIS A 48 -13.29 -1.84 -2.03
CA HIS A 48 -14.59 -1.89 -1.34
C HIS A 48 -15.39 -0.57 -1.48
N LYS A 49 -16.51 -0.65 -2.21
CA LYS A 49 -17.31 0.53 -2.60
C LYS A 49 -18.18 1.13 -1.48
N ASP A 50 -18.46 0.37 -0.42
CA ASP A 50 -19.20 0.84 0.77
C ASP A 50 -18.33 1.68 1.71
N LYS A 51 -17.00 1.54 1.62
CA LYS A 51 -16.02 2.31 2.40
C LYS A 51 -15.31 3.40 1.57
N GLY A 52 -15.09 3.17 0.27
CA GLY A 52 -14.41 4.12 -0.65
C GLY A 52 -12.88 3.99 -0.65
N PHE A 53 -12.37 2.78 -0.37
CA PHE A 53 -10.94 2.48 -0.16
C PHE A 53 -10.54 1.15 -0.79
N GLY A 54 -9.25 1.00 -1.09
CA GLY A 54 -8.64 -0.19 -1.66
C GLY A 54 -7.23 -0.48 -1.14
N PHE A 55 -6.76 -1.69 -1.42
CA PHE A 55 -5.48 -2.25 -0.98
C PHE A 55 -4.88 -3.10 -2.10
N ILE A 56 -3.55 -3.14 -2.19
CA ILE A 56 -2.81 -3.82 -3.27
C ILE A 56 -1.41 -4.22 -2.80
N ARG A 57 -1.00 -5.48 -3.04
CA ARG A 57 0.33 -6.00 -2.68
C ARG A 57 1.19 -6.16 -3.93
N LEU A 58 2.38 -5.56 -3.93
CA LEU A 58 3.38 -5.76 -5.00
C LEU A 58 4.41 -6.80 -4.56
N GLU A 59 5.20 -7.33 -5.49
CA GLU A 59 6.06 -8.49 -5.21
C GLU A 59 7.41 -8.14 -4.53
N THR A 60 7.77 -6.84 -4.48
CA THR A 60 9.05 -6.34 -3.91
C THR A 60 8.87 -4.95 -3.30
N ARG A 61 9.62 -4.68 -2.22
CA ARG A 61 9.63 -3.38 -1.53
C ARG A 61 10.04 -2.20 -2.43
N THR A 62 10.94 -2.43 -3.40
CA THR A 62 11.45 -1.40 -4.33
C THR A 62 10.34 -0.94 -5.27
N LEU A 63 9.59 -1.88 -5.86
CA LEU A 63 8.42 -1.55 -6.68
C LEU A 63 7.31 -0.90 -5.85
N ALA A 64 7.10 -1.34 -4.60
CA ALA A 64 6.13 -0.71 -3.69
C ALA A 64 6.48 0.75 -3.34
N GLU A 65 7.77 1.06 -3.12
CA GLU A 65 8.27 2.43 -2.93
C GLU A 65 8.04 3.29 -4.18
N ILE A 66 8.45 2.79 -5.36
CA ILE A 66 8.30 3.51 -6.65
C ILE A 66 6.82 3.77 -6.93
N ALA A 67 5.94 2.77 -6.78
CA ALA A 67 4.51 2.91 -6.94
C ALA A 67 3.91 3.95 -5.96
N LYS A 68 4.28 3.91 -4.67
CA LYS A 68 3.87 4.93 -3.70
C LYS A 68 4.30 6.34 -4.16
N VAL A 69 5.56 6.51 -4.55
CA VAL A 69 6.11 7.81 -5.00
C VAL A 69 5.44 8.31 -6.28
N GLU A 70 5.09 7.42 -7.22
CA GLU A 70 4.48 7.76 -8.51
C GLU A 70 2.96 8.01 -8.44
N LEU A 71 2.24 7.36 -7.51
CA LEU A 71 0.76 7.35 -7.48
C LEU A 71 0.14 8.22 -6.38
N ASP A 72 0.86 8.54 -5.31
CA ASP A 72 0.38 9.47 -4.28
C ASP A 72 0.25 10.89 -4.86
N ASN A 73 -0.90 11.53 -4.64
CA ASN A 73 -1.31 12.84 -5.17
C ASN A 73 -1.68 12.83 -6.67
N MET A 74 -1.78 11.65 -7.33
CA MET A 74 -2.09 11.54 -8.76
C MET A 74 -3.60 11.79 -9.04
N PRO A 75 -3.96 12.55 -10.09
CA PRO A 75 -5.34 12.77 -10.49
C PRO A 75 -5.90 11.55 -11.23
N LEU A 76 -7.14 11.16 -10.89
CA LEU A 76 -7.92 10.11 -11.55
C LEU A 76 -9.41 10.47 -11.51
N ARG A 77 -10.06 10.63 -12.67
CA ARG A 77 -11.52 10.89 -12.79
C ARG A 77 -11.98 12.17 -12.05
N GLY A 78 -11.08 13.13 -11.84
CA GLY A 78 -11.30 14.37 -11.08
C GLY A 78 -11.05 14.25 -9.56
N LYS A 79 -10.69 13.05 -9.06
CA LYS A 79 -10.30 12.79 -7.68
C LYS A 79 -8.76 12.86 -7.53
N GLN A 80 -8.26 13.28 -6.37
CA GLN A 80 -6.86 13.31 -6.02
C GLN A 80 -6.57 12.05 -5.19
N LEU A 81 -5.83 11.08 -5.74
CA LEU A 81 -5.52 9.81 -5.08
C LEU A 81 -4.51 10.00 -3.94
N ARG A 82 -4.64 9.19 -2.90
CA ARG A 82 -3.72 9.12 -1.76
C ARG A 82 -3.18 7.70 -1.65
N VAL A 83 -1.86 7.52 -1.52
CA VAL A 83 -1.20 6.21 -1.46
C VAL A 83 -0.18 6.16 -0.33
N ARG A 84 -0.28 5.12 0.50
CA ARG A 84 0.56 4.86 1.69
C ARG A 84 0.89 3.37 1.80
N PHE A 85 1.81 2.99 2.69
CA PHE A 85 2.02 1.58 3.06
C PHE A 85 0.92 1.10 4.01
N ALA A 86 0.37 -0.08 3.76
CA ALA A 86 -0.57 -0.76 4.64
C ALA A 86 0.21 -1.66 5.62
N CYS A 87 0.16 -1.35 6.91
CA CYS A 87 1.00 -1.95 7.95
C CYS A 87 0.45 -1.75 9.37
N HIS A 88 0.78 -2.69 10.26
CA HIS A 88 0.35 -2.74 11.66
C HIS A 88 1.47 -3.30 12.57
N SER A 89 1.46 -2.95 13.86
CA SER A 89 2.47 -3.33 14.85
C SER A 89 1.98 -3.13 16.30
N ALA A 90 2.75 -3.62 17.29
CA ALA A 90 2.43 -3.56 18.72
C ALA A 90 3.72 -3.67 19.57
N SER A 91 3.60 -3.42 20.87
CA SER A 91 4.71 -3.46 21.84
C SER A 91 4.19 -3.73 23.26
N LEU A 92 4.95 -4.47 24.07
CA LEU A 92 4.59 -4.82 25.44
C LEU A 92 5.12 -3.75 26.41
N THR A 93 4.26 -2.75 26.69
CA THR A 93 4.52 -1.66 27.64
C THR A 93 4.72 -2.20 29.05
N SER A 94 5.65 -1.61 29.80
CA SER A 94 6.00 -2.04 31.17
C SER A 94 6.40 -0.83 32.04
N GLY A 95 5.87 -0.78 33.27
CA GLY A 95 6.15 0.25 34.28
C GLY A 95 6.78 -0.35 35.54
N PRO A 96 8.11 -0.58 35.57
CA PRO A 96 8.81 -1.12 36.73
C PRO A 96 8.90 -0.09 37.87
N SER A 97 9.06 -0.57 39.10
CA SER A 97 9.24 0.28 40.29
C SER A 97 10.67 0.84 40.40
N SER A 98 10.81 2.11 40.77
CA SER A 98 12.09 2.83 40.81
C SER A 98 12.02 4.11 41.67
N GLY A 99 13.17 4.61 42.12
CA GLY A 99 13.30 5.82 42.97
C GLY A 99 14.76 6.22 43.21
N GLY A 1 -11.68 12.60 8.12
CA GLY A 1 -11.08 13.77 8.81
C GLY A 1 -9.92 13.33 9.69
N SER A 2 -8.68 13.53 9.24
CA SER A 2 -7.45 13.08 9.92
C SER A 2 -6.28 14.01 9.57
N SER A 3 -5.35 14.23 10.50
CA SER A 3 -4.19 15.12 10.36
C SER A 3 -3.11 14.84 11.43
N GLY A 4 -1.91 15.39 11.23
CA GLY A 4 -0.72 15.18 12.09
C GLY A 4 0.59 15.21 11.30
N SER A 5 1.65 14.63 11.87
CA SER A 5 2.94 14.45 11.21
C SER A 5 2.92 13.32 10.15
N SER A 6 3.90 13.32 9.23
CA SER A 6 4.04 12.31 8.18
C SER A 6 5.27 11.42 8.43
N GLY A 7 5.07 10.10 8.45
CA GLY A 7 6.08 9.09 8.80
C GLY A 7 6.09 8.80 10.31
N GLY A 8 5.76 7.56 10.67
CA GLY A 8 5.75 7.05 12.06
C GLY A 8 7.03 6.28 12.40
N GLU A 9 6.88 5.21 13.18
CA GLU A 9 7.96 4.27 13.54
C GLU A 9 7.68 2.89 12.93
N LYS A 10 8.71 2.27 12.33
CA LYS A 10 8.62 1.00 11.62
C LYS A 10 9.98 0.27 11.59
N THR A 11 10.05 -0.92 12.20
CA THR A 11 11.20 -1.82 12.21
C THR A 11 11.13 -2.82 11.06
N PHE A 12 10.07 -3.63 11.01
CA PHE A 12 9.80 -4.58 9.95
C PHE A 12 9.14 -3.89 8.74
N THR A 13 9.95 -3.61 7.70
CA THR A 13 9.53 -3.07 6.39
C THR A 13 9.34 -4.17 5.34
N GLN A 14 9.15 -5.41 5.79
CA GLN A 14 9.12 -6.62 4.96
C GLN A 14 7.74 -6.92 4.33
N ARG A 15 6.81 -5.96 4.35
CA ARG A 15 5.46 -6.08 3.76
C ARG A 15 5.26 -4.97 2.73
N SER A 16 5.21 -5.36 1.46
CA SER A 16 5.09 -4.47 0.28
C SER A 16 3.64 -4.05 -0.02
N ARG A 17 2.83 -3.88 1.04
CA ARG A 17 1.40 -3.55 0.96
C ARG A 17 1.17 -2.04 0.89
N LEU A 18 0.38 -1.63 -0.10
CA LEU A 18 -0.02 -0.25 -0.37
C LEU A 18 -1.52 -0.06 -0.19
N PHE A 19 -1.87 1.03 0.48
CA PHE A 19 -3.21 1.56 0.66
C PHE A 19 -3.53 2.51 -0.49
N VAL A 20 -4.77 2.52 -0.98
CA VAL A 20 -5.22 3.46 -2.02
C VAL A 20 -6.57 4.06 -1.59
N GLY A 21 -6.54 5.30 -1.12
CA GLY A 21 -7.70 6.07 -0.65
C GLY A 21 -8.14 7.14 -1.63
N ASN A 22 -9.33 7.70 -1.39
CA ASN A 22 -9.99 8.68 -2.25
C ASN A 22 -10.27 8.11 -3.66
N LEU A 23 -10.54 6.80 -3.76
CA LEU A 23 -10.81 6.13 -5.03
C LEU A 23 -12.11 6.68 -5.68
N PRO A 24 -12.16 6.80 -7.03
CA PRO A 24 -13.39 7.15 -7.73
C PRO A 24 -14.43 6.03 -7.61
N PRO A 25 -15.73 6.34 -7.80
CA PRO A 25 -16.81 5.36 -7.74
C PRO A 25 -16.85 4.42 -8.96
N ASP A 26 -16.03 4.69 -9.99
CA ASP A 26 -15.98 3.98 -11.27
C ASP A 26 -14.77 3.02 -11.39
N ILE A 27 -13.99 2.84 -10.32
CA ILE A 27 -12.78 1.99 -10.31
C ILE A 27 -13.16 0.49 -10.27
N THR A 28 -12.35 -0.34 -10.92
CA THR A 28 -12.46 -1.81 -10.94
C THR A 28 -11.10 -2.44 -10.65
N GLU A 29 -11.09 -3.74 -10.34
CA GLU A 29 -9.86 -4.51 -10.19
C GLU A 29 -9.00 -4.45 -11.46
N GLU A 30 -9.61 -4.36 -12.65
CA GLU A 30 -8.91 -4.22 -13.92
C GLU A 30 -8.26 -2.83 -14.08
N GLU A 31 -8.90 -1.77 -13.59
CA GLU A 31 -8.28 -0.44 -13.56
C GLU A 31 -7.17 -0.34 -12.51
N MET A 32 -7.32 -0.98 -11.35
CA MET A 32 -6.25 -1.06 -10.34
C MET A 32 -5.06 -1.89 -10.83
N ARG A 33 -5.29 -2.99 -11.56
CA ARG A 33 -4.25 -3.75 -12.26
C ARG A 33 -3.54 -2.89 -13.32
N LYS A 34 -4.28 -2.06 -14.07
CA LYS A 34 -3.70 -1.19 -15.11
C LYS A 34 -2.92 0.00 -14.54
N LEU A 35 -3.43 0.66 -13.48
CA LEU A 35 -2.75 1.76 -12.77
C LEU A 35 -1.36 1.38 -12.23
N PHE A 36 -1.13 0.08 -12.00
CA PHE A 36 0.11 -0.47 -11.47
C PHE A 36 0.87 -1.34 -12.50
N GLU A 37 0.49 -1.32 -13.78
CA GLU A 37 1.03 -2.25 -14.80
C GLU A 37 2.52 -2.02 -15.11
N LYS A 38 3.04 -0.81 -14.85
CA LYS A 38 4.49 -0.51 -14.94
C LYS A 38 5.33 -1.34 -13.95
N TYR A 39 4.71 -1.79 -12.86
CA TYR A 39 5.32 -2.53 -11.76
C TYR A 39 4.99 -4.04 -11.81
N GLY A 40 4.42 -4.52 -12.92
CA GLY A 40 4.02 -5.91 -13.12
C GLY A 40 2.70 -6.26 -12.43
N LYS A 41 2.37 -7.55 -12.40
CA LYS A 41 1.18 -8.07 -11.70
C LYS A 41 1.36 -8.03 -10.17
N ALA A 42 0.34 -7.56 -9.47
CA ALA A 42 0.27 -7.54 -8.01
C ALA A 42 -0.06 -8.94 -7.45
N GLY A 43 0.45 -9.26 -6.24
CA GLY A 43 0.18 -10.52 -5.55
C GLY A 43 -1.15 -10.52 -4.78
N GLU A 44 -1.76 -9.35 -4.57
CA GLU A 44 -3.11 -9.22 -4.00
C GLU A 44 -3.75 -7.89 -4.42
N VAL A 45 -5.07 -7.88 -4.64
CA VAL A 45 -5.91 -6.73 -5.05
C VAL A 45 -7.28 -6.79 -4.35
N PHE A 46 -7.67 -5.70 -3.69
CA PHE A 46 -9.01 -5.48 -3.11
C PHE A 46 -9.48 -4.03 -3.27
N ILE A 47 -10.77 -3.85 -3.51
CA ILE A 47 -11.47 -2.55 -3.63
C ILE A 47 -12.81 -2.66 -2.89
N HIS A 48 -13.09 -1.77 -1.94
CA HIS A 48 -14.33 -1.74 -1.17
C HIS A 48 -15.10 -0.42 -1.36
N LYS A 49 -16.16 -0.45 -2.17
CA LYS A 49 -16.91 0.74 -2.61
C LYS A 49 -17.80 1.34 -1.51
N ASP A 50 -18.21 0.54 -0.53
CA ASP A 50 -19.05 0.97 0.61
C ASP A 50 -18.29 1.89 1.59
N LYS A 51 -16.95 1.82 1.62
CA LYS A 51 -16.09 2.72 2.41
C LYS A 51 -15.28 3.72 1.54
N GLY A 52 -14.99 3.39 0.27
CA GLY A 52 -14.26 4.24 -0.68
C GLY A 52 -12.74 4.05 -0.67
N PHE A 53 -12.27 2.85 -0.34
CA PHE A 53 -10.86 2.52 -0.13
C PHE A 53 -10.48 1.16 -0.77
N GLY A 54 -9.23 1.06 -1.23
CA GLY A 54 -8.63 -0.14 -1.80
C GLY A 54 -7.23 -0.42 -1.28
N PHE A 55 -6.74 -1.61 -1.60
CA PHE A 55 -5.51 -2.21 -1.08
C PHE A 55 -4.85 -3.06 -2.17
N ILE A 56 -3.52 -3.01 -2.25
CA ILE A 56 -2.74 -3.73 -3.27
C ILE A 56 -1.37 -4.13 -2.71
N ARG A 57 -0.83 -5.27 -3.15
CA ARG A 57 0.47 -5.82 -2.68
C ARG A 57 1.35 -6.10 -3.88
N LEU A 58 2.49 -5.42 -3.99
CA LEU A 58 3.46 -5.63 -5.09
C LEU A 58 4.52 -6.66 -4.68
N GLU A 59 5.26 -7.22 -5.64
CA GLU A 59 6.16 -8.35 -5.39
C GLU A 59 7.46 -7.98 -4.65
N THR A 60 7.87 -6.70 -4.68
CA THR A 60 9.11 -6.21 -4.05
C THR A 60 8.94 -4.83 -3.41
N ARG A 61 9.74 -4.57 -2.38
CA ARG A 61 9.84 -3.27 -1.70
C ARG A 61 10.22 -2.13 -2.66
N THR A 62 11.12 -2.38 -3.62
CA THR A 62 11.60 -1.39 -4.60
C THR A 62 10.46 -0.91 -5.49
N LEU A 63 9.71 -1.84 -6.07
CA LEU A 63 8.54 -1.51 -6.89
C LEU A 63 7.44 -0.83 -6.07
N ALA A 64 7.20 -1.27 -4.83
CA ALA A 64 6.23 -0.65 -3.92
C ALA A 64 6.60 0.79 -3.55
N GLU A 65 7.88 1.10 -3.30
CA GLU A 65 8.35 2.48 -3.05
C GLU A 65 8.17 3.37 -4.29
N ILE A 66 8.57 2.90 -5.47
CA ILE A 66 8.41 3.65 -6.73
C ILE A 66 6.93 3.93 -6.99
N ALA A 67 6.06 2.92 -6.88
CA ALA A 67 4.61 3.09 -7.03
C ALA A 67 4.04 4.08 -5.99
N LYS A 68 4.44 4.01 -4.72
CA LYS A 68 4.03 4.98 -3.69
C LYS A 68 4.43 6.42 -4.08
N VAL A 69 5.68 6.61 -4.53
CA VAL A 69 6.18 7.93 -4.96
C VAL A 69 5.45 8.44 -6.22
N GLU A 70 5.14 7.56 -7.18
CA GLU A 70 4.52 7.94 -8.46
C GLU A 70 2.99 8.11 -8.40
N LEU A 71 2.28 7.50 -7.44
CA LEU A 71 0.81 7.46 -7.41
C LEU A 71 0.18 8.32 -6.29
N ASP A 72 0.91 8.66 -5.22
CA ASP A 72 0.39 9.56 -4.19
C ASP A 72 0.21 10.99 -4.73
N ASN A 73 -0.95 11.59 -4.46
CA ASN A 73 -1.39 12.90 -4.94
C ASN A 73 -1.67 12.95 -6.46
N MET A 74 -1.73 11.79 -7.15
CA MET A 74 -2.02 11.71 -8.59
C MET A 74 -3.52 11.94 -8.86
N PRO A 75 -3.88 12.72 -9.90
CA PRO A 75 -5.27 12.91 -10.32
C PRO A 75 -5.79 11.69 -11.08
N LEU A 76 -7.00 11.24 -10.74
CA LEU A 76 -7.73 10.17 -11.43
C LEU A 76 -9.23 10.53 -11.51
N ARG A 77 -9.75 10.76 -12.73
CA ARG A 77 -11.16 11.10 -13.00
C ARG A 77 -11.65 12.36 -12.23
N GLY A 78 -10.73 13.24 -11.84
CA GLY A 78 -10.98 14.46 -11.04
C GLY A 78 -10.80 14.27 -9.52
N LYS A 79 -10.54 13.06 -9.04
CA LYS A 79 -10.22 12.73 -7.64
C LYS A 79 -8.70 12.82 -7.41
N GLN A 80 -8.26 13.24 -6.22
CA GLN A 80 -6.88 13.20 -5.79
C GLN A 80 -6.68 11.86 -5.05
N LEU A 81 -5.78 11.01 -5.53
CA LEU A 81 -5.48 9.72 -4.89
C LEU A 81 -4.57 9.89 -3.67
N ARG A 82 -4.92 9.22 -2.57
CA ARG A 82 -4.08 9.07 -1.38
C ARG A 82 -3.39 7.70 -1.43
N VAL A 83 -2.06 7.64 -1.34
CA VAL A 83 -1.30 6.38 -1.37
C VAL A 83 -0.24 6.37 -0.27
N ARG A 84 -0.26 5.32 0.56
CA ARG A 84 0.64 5.09 1.70
C ARG A 84 0.93 3.59 1.88
N PHE A 85 1.90 3.24 2.73
CA PHE A 85 2.11 1.84 3.14
C PHE A 85 1.07 1.43 4.20
N ALA A 86 0.58 0.19 4.10
CA ALA A 86 -0.39 -0.40 5.03
C ALA A 86 0.27 -1.50 5.89
N CYS A 87 0.27 -1.30 7.22
CA CYS A 87 0.85 -2.21 8.22
C CYS A 87 -0.01 -2.27 9.49
N HIS A 88 0.29 -3.24 10.35
CA HIS A 88 -0.28 -3.43 11.69
C HIS A 88 0.83 -3.63 12.75
N SER A 89 0.52 -3.37 14.02
CA SER A 89 1.46 -3.47 15.15
C SER A 89 0.94 -4.47 16.20
N ALA A 90 1.71 -5.52 16.47
CA ALA A 90 1.32 -6.60 17.40
C ALA A 90 1.58 -6.23 18.87
N SER A 91 2.68 -5.51 19.15
CA SER A 91 3.09 -5.09 20.51
C SER A 91 3.26 -6.27 21.49
N LEU A 92 3.59 -7.46 20.97
CA LEU A 92 3.57 -8.75 21.68
C LEU A 92 4.53 -8.79 22.88
N THR A 93 5.74 -8.23 22.71
CA THR A 93 6.79 -8.12 23.73
C THR A 93 7.85 -7.11 23.31
N SER A 94 8.50 -6.49 24.29
CA SER A 94 9.55 -5.46 24.14
C SER A 94 10.25 -5.22 25.49
N GLY A 95 11.52 -4.80 25.48
CA GLY A 95 12.31 -4.53 26.67
C GLY A 95 13.71 -3.93 26.41
N PRO A 96 14.49 -3.66 27.48
CA PRO A 96 15.79 -3.01 27.40
C PRO A 96 16.96 -3.95 27.05
N SER A 97 16.72 -5.26 26.91
CA SER A 97 17.77 -6.25 26.58
C SER A 97 18.29 -6.09 25.13
N SER A 98 19.61 -6.16 24.93
CA SER A 98 20.26 -5.93 23.64
C SER A 98 19.95 -7.04 22.60
N GLY A 99 19.42 -6.64 21.43
CA GLY A 99 19.10 -7.54 20.31
C GLY A 99 18.30 -6.85 19.20
N GLY A 1 -5.28 -10.75 29.60
CA GLY A 1 -4.11 -9.85 29.72
C GLY A 1 -2.95 -10.57 30.37
N SER A 2 -1.87 -10.82 29.60
CA SER A 2 -0.74 -11.66 30.01
C SER A 2 0.57 -11.20 29.33
N SER A 3 1.73 -11.62 29.85
CA SER A 3 3.06 -11.30 29.29
C SER A 3 4.09 -12.37 29.70
N GLY A 4 4.91 -12.83 28.74
CA GLY A 4 5.98 -13.83 28.94
C GLY A 4 7.37 -13.19 29.11
N SER A 5 8.40 -14.00 28.90
CA SER A 5 9.81 -13.57 28.88
C SER A 5 10.33 -13.49 27.43
N SER A 6 11.08 -12.44 27.10
CA SER A 6 11.62 -12.19 25.75
C SER A 6 12.93 -12.96 25.47
N GLY A 7 13.18 -13.31 24.20
CA GLY A 7 14.36 -14.04 23.74
C GLY A 7 14.48 -14.15 22.22
N GLY A 8 15.60 -14.72 21.76
CA GLY A 8 15.93 -14.86 20.34
C GLY A 8 16.52 -13.58 19.72
N GLU A 9 16.80 -13.63 18.41
CA GLU A 9 17.37 -12.53 17.63
C GLU A 9 16.40 -12.12 16.51
N LYS A 10 16.14 -10.82 16.38
CA LYS A 10 15.26 -10.23 15.35
C LYS A 10 15.99 -9.90 14.04
N THR A 11 15.23 -9.52 13.00
CA THR A 11 15.73 -9.21 11.64
C THR A 11 14.90 -8.08 11.00
N PHE A 12 15.24 -7.72 9.76
CA PHE A 12 14.55 -6.70 8.96
C PHE A 12 13.13 -7.15 8.54
N THR A 13 12.21 -6.20 8.38
CA THR A 13 10.81 -6.43 7.95
C THR A 13 10.15 -5.13 7.46
N GLN A 14 9.37 -5.25 6.38
CA GLN A 14 8.54 -4.20 5.77
C GLN A 14 7.56 -4.85 4.79
N ARG A 15 6.29 -4.44 4.81
CA ARG A 15 5.24 -4.96 3.93
C ARG A 15 5.30 -4.30 2.54
N SER A 16 5.01 -5.06 1.48
CA SER A 16 4.84 -4.53 0.11
C SER A 16 3.37 -4.16 -0.22
N ARG A 17 2.47 -4.24 0.77
CA ARG A 17 1.06 -3.87 0.68
C ARG A 17 0.90 -2.35 0.73
N LEU A 18 0.28 -1.78 -0.30
CA LEU A 18 -0.08 -0.37 -0.41
C LEU A 18 -1.58 -0.20 -0.17
N PHE A 19 -1.92 0.82 0.63
CA PHE A 19 -3.25 1.34 0.87
C PHE A 19 -3.52 2.46 -0.14
N VAL A 20 -4.73 2.51 -0.72
CA VAL A 20 -5.12 3.48 -1.75
C VAL A 20 -6.50 4.05 -1.40
N GLY A 21 -6.54 5.33 -1.01
CA GLY A 21 -7.74 6.07 -0.62
C GLY A 21 -8.15 7.16 -1.60
N ASN A 22 -9.34 7.72 -1.37
CA ASN A 22 -10.00 8.74 -2.21
C ASN A 22 -10.49 8.19 -3.57
N LEU A 23 -10.65 6.86 -3.68
CA LEU A 23 -10.92 6.17 -4.95
C LEU A 23 -12.25 6.62 -5.59
N PRO A 24 -12.31 6.72 -6.94
CA PRO A 24 -13.50 7.11 -7.69
C PRO A 24 -14.57 6.01 -7.66
N PRO A 25 -15.83 6.31 -8.03
CA PRO A 25 -16.88 5.30 -8.19
C PRO A 25 -16.72 4.45 -9.47
N ASP A 26 -15.71 4.75 -10.31
CA ASP A 26 -15.48 4.14 -11.63
C ASP A 26 -14.27 3.16 -11.66
N ILE A 27 -13.65 2.88 -10.51
CA ILE A 27 -12.49 1.96 -10.42
C ILE A 27 -12.97 0.50 -10.36
N THR A 28 -12.18 -0.40 -10.97
CA THR A 28 -12.32 -1.87 -10.92
C THR A 28 -10.97 -2.48 -10.62
N GLU A 29 -10.95 -3.79 -10.31
CA GLU A 29 -9.69 -4.54 -10.18
C GLU A 29 -8.88 -4.55 -11.49
N GLU A 30 -9.54 -4.42 -12.65
CA GLU A 30 -8.88 -4.33 -13.95
C GLU A 30 -8.25 -2.95 -14.19
N GLU A 31 -8.94 -1.88 -13.79
CA GLU A 31 -8.35 -0.52 -13.78
C GLU A 31 -7.18 -0.43 -12.79
N MET A 32 -7.27 -1.08 -11.63
CA MET A 32 -6.20 -1.14 -10.64
C MET A 32 -4.97 -1.89 -11.18
N ARG A 33 -5.19 -3.04 -11.83
CA ARG A 33 -4.13 -3.80 -12.53
C ARG A 33 -3.48 -2.97 -13.64
N LYS A 34 -4.22 -2.09 -14.32
CA LYS A 34 -3.68 -1.16 -15.33
C LYS A 34 -2.90 0.01 -14.70
N LEU A 35 -3.42 0.65 -13.65
CA LEU A 35 -2.77 1.74 -12.89
C LEU A 35 -1.40 1.33 -12.33
N PHE A 36 -1.23 0.05 -11.98
CA PHE A 36 -0.01 -0.51 -11.39
C PHE A 36 0.77 -1.40 -12.39
N GLU A 37 0.43 -1.39 -13.69
CA GLU A 37 0.97 -2.35 -14.67
C GLU A 37 2.49 -2.25 -14.89
N LYS A 38 3.08 -1.06 -14.71
CA LYS A 38 4.52 -0.83 -14.85
C LYS A 38 5.35 -1.49 -13.73
N TYR A 39 4.69 -1.88 -12.64
CA TYR A 39 5.25 -2.60 -11.49
C TYR A 39 4.93 -4.11 -11.52
N GLY A 40 4.39 -4.60 -12.64
CA GLY A 40 3.99 -6.00 -12.82
C GLY A 40 2.62 -6.33 -12.20
N LYS A 41 2.21 -7.59 -12.28
CA LYS A 41 0.98 -8.09 -11.67
C LYS A 41 1.11 -8.15 -10.13
N ALA A 42 0.08 -7.68 -9.43
CA ALA A 42 0.01 -7.67 -7.96
C ALA A 42 -0.34 -9.06 -7.39
N GLY A 43 0.17 -9.36 -6.19
CA GLY A 43 -0.10 -10.61 -5.45
C GLY A 43 -1.39 -10.57 -4.63
N GLU A 44 -2.01 -9.39 -4.48
CA GLU A 44 -3.30 -9.17 -3.80
C GLU A 44 -3.90 -7.84 -4.31
N VAL A 45 -5.21 -7.81 -4.58
CA VAL A 45 -5.98 -6.60 -4.95
C VAL A 45 -7.35 -6.65 -4.27
N PHE A 46 -7.75 -5.57 -3.59
CA PHE A 46 -9.08 -5.41 -2.99
C PHE A 46 -9.57 -3.96 -3.09
N ILE A 47 -10.85 -3.76 -3.40
CA ILE A 47 -11.51 -2.45 -3.55
C ILE A 47 -12.90 -2.52 -2.89
N HIS A 48 -13.20 -1.59 -1.97
CA HIS A 48 -14.46 -1.53 -1.24
C HIS A 48 -15.21 -0.20 -1.49
N LYS A 49 -16.27 -0.25 -2.31
CA LYS A 49 -16.99 0.94 -2.81
C LYS A 49 -17.88 1.62 -1.74
N ASP A 50 -18.34 0.87 -0.74
CA ASP A 50 -19.17 1.38 0.35
C ASP A 50 -18.41 2.28 1.33
N LYS A 51 -17.08 2.15 1.40
CA LYS A 51 -16.18 3.02 2.19
C LYS A 51 -15.35 4.00 1.32
N GLY A 52 -15.02 3.64 0.08
CA GLY A 52 -14.24 4.48 -0.86
C GLY A 52 -12.72 4.25 -0.78
N PHE A 53 -12.29 3.04 -0.39
CA PHE A 53 -10.89 2.68 -0.13
C PHE A 53 -10.55 1.30 -0.70
N GLY A 54 -9.26 1.08 -0.97
CA GLY A 54 -8.71 -0.17 -1.50
C GLY A 54 -7.26 -0.42 -1.11
N PHE A 55 -6.75 -1.57 -1.52
CA PHE A 55 -5.42 -2.09 -1.22
C PHE A 55 -4.86 -2.86 -2.42
N ILE A 56 -3.53 -2.92 -2.52
CA ILE A 56 -2.80 -3.65 -3.57
C ILE A 56 -1.40 -4.03 -3.09
N ARG A 57 -0.97 -5.29 -3.26
CA ARG A 57 0.32 -5.80 -2.79
C ARG A 57 1.24 -6.16 -3.95
N LEU A 58 2.43 -5.53 -4.01
CA LEU A 58 3.38 -5.73 -5.10
C LEU A 58 4.41 -6.82 -4.76
N GLU A 59 5.15 -7.30 -5.76
CA GLU A 59 6.06 -8.46 -5.61
C GLU A 59 7.34 -8.12 -4.81
N THR A 60 7.74 -6.84 -4.77
CA THR A 60 8.98 -6.37 -4.10
C THR A 60 8.78 -4.99 -3.47
N ARG A 61 9.47 -4.77 -2.34
CA ARG A 61 9.44 -3.51 -1.59
C ARG A 61 9.83 -2.30 -2.45
N THR A 62 10.88 -2.41 -3.28
CA THR A 62 11.39 -1.34 -4.15
C THR A 62 10.33 -0.83 -5.13
N LEU A 63 9.61 -1.74 -5.79
CA LEU A 63 8.49 -1.39 -6.67
C LEU A 63 7.34 -0.70 -5.91
N ALA A 64 7.06 -1.11 -4.66
CA ALA A 64 6.06 -0.48 -3.81
C ALA A 64 6.45 0.95 -3.38
N GLU A 65 7.75 1.23 -3.16
CA GLU A 65 8.25 2.60 -2.92
C GLU A 65 8.01 3.49 -4.16
N ILE A 66 8.42 3.00 -5.34
CA ILE A 66 8.26 3.73 -6.61
C ILE A 66 6.79 3.99 -6.90
N ALA A 67 5.92 2.98 -6.78
CA ALA A 67 4.48 3.12 -6.97
C ALA A 67 3.88 4.13 -5.97
N LYS A 68 4.25 4.08 -4.68
CA LYS A 68 3.83 5.08 -3.70
C LYS A 68 4.26 6.49 -4.12
N VAL A 69 5.53 6.68 -4.50
CA VAL A 69 6.06 8.00 -4.91
C VAL A 69 5.38 8.53 -6.19
N GLU A 70 5.03 7.64 -7.13
CA GLU A 70 4.39 8.01 -8.40
C GLU A 70 2.87 8.24 -8.31
N LEU A 71 2.17 7.62 -7.33
CA LEU A 71 0.70 7.60 -7.27
C LEU A 71 0.11 8.46 -6.13
N ASP A 72 0.85 8.74 -5.06
CA ASP A 72 0.35 9.58 -3.95
C ASP A 72 0.18 11.04 -4.43
N ASN A 73 -1.05 11.55 -4.30
CA ASN A 73 -1.55 12.85 -4.77
C ASN A 73 -1.79 12.91 -6.30
N MET A 74 -1.84 11.78 -7.00
CA MET A 74 -2.17 11.72 -8.44
C MET A 74 -3.69 11.90 -8.66
N PRO A 75 -4.11 12.70 -9.67
CA PRO A 75 -5.52 12.85 -10.04
C PRO A 75 -6.03 11.64 -10.84
N LEU A 76 -7.27 11.23 -10.57
CA LEU A 76 -8.01 10.19 -11.30
C LEU A 76 -9.50 10.55 -11.37
N ARG A 77 -10.05 10.74 -12.59
CA ARG A 77 -11.49 10.97 -12.85
C ARG A 77 -12.07 12.21 -12.14
N GLY A 78 -11.23 13.19 -11.81
CA GLY A 78 -11.59 14.41 -11.04
C GLY A 78 -11.45 14.26 -9.53
N LYS A 79 -11.14 13.07 -9.02
CA LYS A 79 -10.76 12.79 -7.63
C LYS A 79 -9.21 12.80 -7.48
N GLN A 80 -8.72 12.73 -6.24
CA GLN A 80 -7.31 12.50 -5.93
C GLN A 80 -7.08 11.03 -5.59
N LEU A 81 -5.85 10.69 -5.20
CA LEU A 81 -5.45 9.35 -4.75
C LEU A 81 -4.45 9.50 -3.59
N ARG A 82 -4.79 8.97 -2.43
CA ARG A 82 -3.93 8.99 -1.24
C ARG A 82 -3.27 7.62 -1.10
N VAL A 83 -1.95 7.54 -1.19
CA VAL A 83 -1.20 6.27 -1.27
C VAL A 83 -0.11 6.19 -0.20
N ARG A 84 -0.19 5.15 0.62
CA ARG A 84 0.70 4.87 1.77
C ARG A 84 0.98 3.37 1.88
N PHE A 85 2.03 2.98 2.60
CA PHE A 85 2.25 1.59 2.99
C PHE A 85 1.26 1.19 4.08
N ALA A 86 0.58 0.05 3.90
CA ALA A 86 -0.35 -0.52 4.87
C ALA A 86 0.41 -1.21 6.03
N CYS A 87 0.99 -0.39 6.92
CA CYS A 87 1.84 -0.79 8.04
C CYS A 87 1.02 -1.30 9.25
N HIS A 88 0.10 -2.23 9.01
CA HIS A 88 -0.76 -2.84 10.02
C HIS A 88 0.04 -3.54 11.15
N SER A 89 -0.47 -3.47 12.37
CA SER A 89 0.11 -4.08 13.57
C SER A 89 -0.98 -4.33 14.62
N ALA A 90 -0.77 -5.34 15.49
CA ALA A 90 -1.74 -5.84 16.47
C ALA A 90 -1.28 -5.66 17.94
N SER A 91 -0.24 -4.86 18.18
CA SER A 91 0.35 -4.63 19.51
C SER A 91 0.87 -3.20 19.67
N LEU A 92 0.67 -2.61 20.86
CA LEU A 92 1.06 -1.24 21.18
C LEU A 92 2.54 -1.16 21.57
N THR A 93 3.19 -0.04 21.22
CA THR A 93 4.61 0.33 21.47
C THR A 93 5.65 -0.46 20.66
N SER A 94 5.23 -1.46 19.89
CA SER A 94 6.10 -2.27 19.03
C SER A 94 6.63 -1.46 17.82
N GLY A 95 7.87 -0.99 17.89
CA GLY A 95 8.54 -0.20 16.86
C GLY A 95 9.36 -1.08 15.90
N PRO A 96 10.65 -1.34 16.19
CA PRO A 96 11.49 -2.26 15.43
C PRO A 96 11.19 -3.73 15.74
N SER A 97 10.44 -4.03 16.82
CA SER A 97 10.03 -5.37 17.24
C SER A 97 8.77 -5.88 16.51
N SER A 98 8.65 -7.19 16.34
CA SER A 98 7.56 -7.85 15.59
C SER A 98 6.27 -8.09 16.41
N GLY A 99 6.35 -8.03 17.74
CA GLY A 99 5.23 -8.19 18.69
C GLY A 99 5.62 -8.97 19.95
N GLY A 1 16.91 4.64 11.58
CA GLY A 1 15.94 3.82 12.35
C GLY A 1 15.38 2.69 11.49
N SER A 2 15.65 1.44 11.84
CA SER A 2 15.28 0.24 11.08
C SER A 2 15.47 -1.05 11.92
N SER A 3 14.87 -2.16 11.49
CA SER A 3 14.90 -3.46 12.20
C SER A 3 16.18 -4.27 11.93
N GLY A 4 17.35 -3.61 12.03
CA GLY A 4 18.69 -4.18 11.80
C GLY A 4 19.15 -5.06 12.96
N SER A 5 18.53 -6.24 13.09
CA SER A 5 18.70 -7.19 14.20
C SER A 5 18.64 -8.65 13.70
N SER A 6 19.12 -9.61 14.51
CA SER A 6 19.19 -11.04 14.20
C SER A 6 19.34 -11.89 15.48
N GLY A 7 19.05 -13.20 15.39
CA GLY A 7 19.20 -14.15 16.50
C GLY A 7 18.67 -15.56 16.21
N GLY A 8 17.58 -15.66 15.42
CA GLY A 8 17.01 -16.93 14.94
C GLY A 8 17.62 -17.39 13.61
N GLU A 9 17.21 -18.58 13.17
CA GLU A 9 17.62 -19.19 11.88
C GLU A 9 16.79 -18.69 10.67
N LYS A 10 15.91 -17.72 10.88
CA LYS A 10 14.96 -17.19 9.89
C LYS A 10 14.63 -15.70 10.13
N THR A 11 14.07 -15.02 9.11
CA THR A 11 13.70 -13.59 9.12
C THR A 11 12.38 -13.37 8.38
N PHE A 12 11.71 -12.25 8.69
CA PHE A 12 10.44 -11.87 8.08
C PHE A 12 10.65 -11.14 6.73
N THR A 13 9.70 -11.32 5.80
CA THR A 13 9.63 -10.58 4.53
C THR A 13 9.17 -9.14 4.79
N GLN A 14 9.92 -8.16 4.29
CA GLN A 14 9.56 -6.75 4.44
C GLN A 14 8.30 -6.42 3.61
N ARG A 15 7.27 -5.87 4.27
CA ARG A 15 5.96 -5.64 3.66
C ARG A 15 5.99 -4.74 2.40
N SER A 16 5.29 -5.18 1.36
CA SER A 16 5.21 -4.52 0.03
C SER A 16 3.76 -4.11 -0.31
N ARG A 17 2.94 -3.90 0.73
CA ARG A 17 1.51 -3.57 0.65
C ARG A 17 1.23 -2.07 0.78
N LEU A 18 0.27 -1.60 -0.01
CA LEU A 18 -0.10 -0.20 -0.20
C LEU A 18 -1.61 -0.03 -0.03
N PHE A 19 -1.97 1.09 0.59
CA PHE A 19 -3.33 1.61 0.75
C PHE A 19 -3.56 2.71 -0.28
N VAL A 20 -4.75 2.76 -0.88
CA VAL A 20 -5.13 3.76 -1.89
C VAL A 20 -6.48 4.36 -1.52
N GLY A 21 -6.48 5.66 -1.22
CA GLY A 21 -7.64 6.42 -0.74
C GLY A 21 -8.09 7.53 -1.68
N ASN A 22 -9.32 8.00 -1.42
CA ASN A 22 -10.03 9.03 -2.19
C ASN A 22 -10.50 8.53 -3.58
N LEU A 23 -10.58 7.20 -3.76
CA LEU A 23 -10.85 6.55 -5.05
C LEU A 23 -12.18 7.02 -5.70
N PRO A 24 -12.27 7.04 -7.05
CA PRO A 24 -13.52 7.31 -7.77
C PRO A 24 -14.53 6.16 -7.58
N PRO A 25 -15.83 6.39 -7.86
CA PRO A 25 -16.86 5.35 -7.84
C PRO A 25 -16.80 4.45 -9.10
N ASP A 26 -15.96 4.80 -10.08
CA ASP A 26 -15.80 4.14 -11.37
C ASP A 26 -14.57 3.20 -11.43
N ILE A 27 -13.91 2.94 -10.29
CA ILE A 27 -12.72 2.07 -10.22
C ILE A 27 -13.13 0.58 -10.15
N THR A 28 -12.32 -0.28 -10.77
CA THR A 28 -12.47 -1.75 -10.79
C THR A 28 -11.12 -2.40 -10.52
N GLU A 29 -11.12 -3.70 -10.25
CA GLU A 29 -9.89 -4.49 -10.13
C GLU A 29 -9.02 -4.40 -11.40
N GLU A 30 -9.65 -4.30 -12.58
CA GLU A 30 -8.97 -4.20 -13.87
C GLU A 30 -8.43 -2.80 -14.16
N GLU A 31 -9.02 -1.75 -13.59
CA GLU A 31 -8.43 -0.39 -13.61
C GLU A 31 -7.30 -0.28 -12.59
N MET A 32 -7.43 -0.88 -11.40
CA MET A 32 -6.39 -0.82 -10.35
C MET A 32 -5.15 -1.64 -10.72
N ARG A 33 -5.33 -2.79 -11.37
CA ARG A 33 -4.24 -3.58 -11.96
C ARG A 33 -3.53 -2.79 -13.07
N LYS A 34 -4.27 -2.04 -13.89
CA LYS A 34 -3.75 -1.21 -14.98
C LYS A 34 -3.02 0.06 -14.49
N LEU A 35 -3.52 0.73 -13.45
CA LEU A 35 -2.87 1.88 -12.79
C LEU A 35 -1.47 1.54 -12.24
N PHE A 36 -1.23 0.28 -11.91
CA PHE A 36 0.02 -0.24 -11.35
C PHE A 36 0.81 -1.10 -12.36
N GLU A 37 0.42 -1.15 -13.64
CA GLU A 37 1.01 -2.06 -14.63
C GLU A 37 2.48 -1.73 -14.99
N LYS A 38 2.92 -0.49 -14.72
CA LYS A 38 4.34 -0.08 -14.79
C LYS A 38 5.24 -0.89 -13.84
N TYR A 39 4.63 -1.47 -12.79
CA TYR A 39 5.27 -2.26 -11.73
C TYR A 39 4.91 -3.75 -11.83
N GLY A 40 4.28 -4.19 -12.92
CA GLY A 40 3.80 -5.57 -13.11
C GLY A 40 2.44 -5.80 -12.45
N LYS A 41 1.93 -7.03 -12.54
CA LYS A 41 0.69 -7.42 -11.84
C LYS A 41 0.90 -7.51 -10.31
N ALA A 42 -0.11 -7.14 -9.54
CA ALA A 42 -0.11 -7.21 -8.07
C ALA A 42 -0.40 -8.65 -7.58
N GLY A 43 0.11 -8.99 -6.40
CA GLY A 43 -0.11 -10.28 -5.72
C GLY A 43 -1.35 -10.30 -4.83
N GLU A 44 -1.99 -9.15 -4.62
CA GLU A 44 -3.25 -8.96 -3.89
C GLU A 44 -3.88 -7.62 -4.33
N VAL A 45 -5.19 -7.60 -4.59
CA VAL A 45 -5.97 -6.40 -4.96
C VAL A 45 -7.34 -6.46 -4.28
N PHE A 46 -7.74 -5.39 -3.58
CA PHE A 46 -9.06 -5.23 -2.93
C PHE A 46 -9.56 -3.78 -3.01
N ILE A 47 -10.86 -3.59 -3.23
CA ILE A 47 -11.54 -2.29 -3.32
C ILE A 47 -12.89 -2.38 -2.61
N HIS A 48 -13.22 -1.40 -1.77
CA HIS A 48 -14.51 -1.32 -1.07
C HIS A 48 -15.17 0.07 -1.24
N LYS A 49 -16.25 0.12 -2.03
CA LYS A 49 -16.92 1.37 -2.45
C LYS A 49 -17.68 2.06 -1.31
N ASP A 50 -18.25 1.30 -0.38
CA ASP A 50 -19.00 1.81 0.78
C ASP A 50 -18.12 2.61 1.77
N LYS A 51 -16.81 2.34 1.80
CA LYS A 51 -15.83 3.12 2.56
C LYS A 51 -15.07 4.15 1.70
N GLY A 52 -14.83 3.85 0.41
CA GLY A 52 -14.14 4.73 -0.55
C GLY A 52 -12.62 4.51 -0.61
N PHE A 53 -12.16 3.28 -0.33
CA PHE A 53 -10.75 2.92 -0.18
C PHE A 53 -10.44 1.54 -0.77
N GLY A 54 -9.16 1.31 -1.07
CA GLY A 54 -8.62 0.04 -1.56
C GLY A 54 -7.22 -0.27 -1.04
N PHE A 55 -6.79 -1.51 -1.26
CA PHE A 55 -5.49 -2.06 -0.89
C PHE A 55 -4.90 -2.84 -2.06
N ILE A 56 -3.58 -2.86 -2.18
CA ILE A 56 -2.84 -3.53 -3.26
C ILE A 56 -1.42 -3.92 -2.80
N ARG A 57 -0.93 -5.09 -3.20
CA ARG A 57 0.40 -5.61 -2.78
C ARG A 57 1.26 -5.92 -4.00
N LEU A 58 2.46 -5.34 -4.08
CA LEU A 58 3.38 -5.51 -5.21
C LEU A 58 4.45 -6.57 -4.90
N GLU A 59 5.19 -7.00 -5.92
CA GLU A 59 6.09 -8.17 -5.83
C GLU A 59 7.36 -7.89 -4.99
N THR A 60 7.80 -6.64 -4.88
CA THR A 60 9.01 -6.23 -4.13
C THR A 60 8.82 -4.89 -3.44
N ARG A 61 9.62 -4.66 -2.39
CA ARG A 61 9.71 -3.38 -1.67
C ARG A 61 10.12 -2.22 -2.59
N THR A 62 11.00 -2.46 -3.57
CA THR A 62 11.46 -1.48 -4.57
C THR A 62 10.30 -0.99 -5.42
N LEU A 63 9.50 -1.92 -5.96
CA LEU A 63 8.30 -1.60 -6.74
C LEU A 63 7.27 -0.87 -5.88
N ALA A 64 7.05 -1.31 -4.64
CA ALA A 64 6.12 -0.67 -3.70
C ALA A 64 6.53 0.77 -3.35
N GLU A 65 7.81 1.05 -3.12
CA GLU A 65 8.32 2.42 -2.88
C GLU A 65 8.10 3.33 -4.10
N ILE A 66 8.49 2.88 -5.29
CA ILE A 66 8.32 3.67 -6.53
C ILE A 66 6.83 3.96 -6.76
N ALA A 67 5.97 2.94 -6.69
CA ALA A 67 4.52 3.12 -6.86
C ALA A 67 3.93 4.09 -5.82
N LYS A 68 4.32 3.99 -4.55
CA LYS A 68 3.89 4.92 -3.50
C LYS A 68 4.31 6.36 -3.84
N VAL A 69 5.56 6.58 -4.25
CA VAL A 69 6.07 7.92 -4.61
C VAL A 69 5.41 8.47 -5.89
N GLU A 70 5.10 7.61 -6.88
CA GLU A 70 4.59 8.02 -8.19
C GLU A 70 3.06 8.22 -8.25
N LEU A 71 2.28 7.50 -7.41
CA LEU A 71 0.82 7.49 -7.47
C LEU A 71 0.13 8.37 -6.42
N ASP A 72 0.82 8.75 -5.34
CA ASP A 72 0.33 9.76 -4.39
C ASP A 72 0.26 11.15 -5.07
N ASN A 73 -0.81 11.90 -4.80
CA ASN A 73 -1.10 13.23 -5.37
C ASN A 73 -1.42 13.20 -6.89
N MET A 74 -1.75 12.02 -7.45
CA MET A 74 -2.11 11.84 -8.87
C MET A 74 -3.63 12.01 -9.09
N PRO A 75 -4.05 12.77 -10.11
CA PRO A 75 -5.46 12.91 -10.47
C PRO A 75 -5.96 11.69 -11.26
N LEU A 76 -7.20 11.27 -10.99
CA LEU A 76 -7.90 10.17 -11.65
C LEU A 76 -9.41 10.49 -11.76
N ARG A 77 -9.92 10.65 -12.99
CA ARG A 77 -11.34 10.88 -13.29
C ARG A 77 -11.94 12.13 -12.59
N GLY A 78 -11.10 13.11 -12.24
CA GLY A 78 -11.46 14.34 -11.50
C GLY A 78 -11.28 14.25 -9.98
N LYS A 79 -10.86 13.10 -9.45
CA LYS A 79 -10.56 12.89 -8.02
C LYS A 79 -9.04 12.87 -7.77
N GLN A 80 -8.60 13.37 -6.62
CA GLN A 80 -7.23 13.18 -6.13
C GLN A 80 -7.04 11.76 -5.61
N LEU A 81 -5.79 11.35 -5.36
CA LEU A 81 -5.44 10.04 -4.80
C LEU A 81 -4.39 10.18 -3.68
N ARG A 82 -4.63 9.45 -2.59
CA ARG A 82 -3.77 9.32 -1.42
C ARG A 82 -3.18 7.91 -1.39
N VAL A 83 -1.85 7.76 -1.39
CA VAL A 83 -1.17 6.46 -1.47
C VAL A 83 -0.08 6.38 -0.40
N ARG A 84 -0.14 5.32 0.43
CA ARG A 84 0.71 5.12 1.62
C ARG A 84 0.86 3.64 1.98
N PHE A 85 1.92 3.26 2.70
CA PHE A 85 2.13 1.89 3.16
C PHE A 85 1.11 1.48 4.24
N ALA A 86 0.50 0.30 4.08
CA ALA A 86 -0.47 -0.25 5.03
C ALA A 86 0.24 -1.02 6.16
N CYS A 87 0.70 -0.29 7.18
CA CYS A 87 1.45 -0.82 8.32
C CYS A 87 1.51 0.18 9.50
N HIS A 88 1.64 -0.36 10.72
CA HIS A 88 1.93 0.38 11.95
C HIS A 88 3.43 0.27 12.31
N SER A 89 3.95 1.23 13.07
CA SER A 89 5.32 1.22 13.58
C SER A 89 5.50 0.20 14.73
N ALA A 90 6.43 -0.75 14.58
CA ALA A 90 6.75 -1.77 15.60
C ALA A 90 7.59 -1.23 16.78
N SER A 91 8.14 -0.02 16.62
CA SER A 91 8.88 0.76 17.61
C SER A 91 8.94 2.23 17.16
N LEU A 92 9.20 3.16 18.09
CA LEU A 92 9.11 4.62 17.85
C LEU A 92 10.39 5.36 18.28
N THR A 93 10.50 6.64 17.88
CA THR A 93 11.68 7.49 18.14
C THR A 93 11.85 7.75 19.63
N SER A 94 13.07 7.59 20.11
CA SER A 94 13.46 7.59 21.54
C SER A 94 14.99 7.56 21.69
N GLY A 95 15.49 7.81 22.91
CA GLY A 95 16.92 7.86 23.25
C GLY A 95 17.34 9.24 23.78
N PRO A 96 16.99 9.59 25.04
CA PRO A 96 17.26 10.91 25.62
C PRO A 96 18.75 11.14 25.94
N SER A 97 19.59 10.10 25.90
CA SER A 97 21.06 10.23 26.04
C SER A 97 21.76 10.67 24.74
N SER A 98 21.04 10.79 23.62
CA SER A 98 21.56 11.25 22.32
C SER A 98 21.32 12.76 22.11
N GLY A 99 22.40 13.52 21.85
CA GLY A 99 22.36 14.98 21.64
C GLY A 99 23.75 15.57 21.34
N GLY A 1 15.04 -11.34 20.91
CA GLY A 1 14.86 -11.33 19.44
C GLY A 1 13.94 -12.44 18.97
N SER A 2 14.03 -12.82 17.70
CA SER A 2 13.22 -13.89 17.09
C SER A 2 13.58 -15.29 17.61
N SER A 3 12.63 -16.24 17.53
CA SER A 3 12.79 -17.63 17.99
C SER A 3 11.75 -18.56 17.34
N GLY A 4 11.89 -19.88 17.55
CA GLY A 4 11.07 -20.93 16.93
C GLY A 4 11.70 -21.54 15.67
N SER A 5 10.98 -22.48 15.06
CA SER A 5 11.46 -23.33 13.94
C SER A 5 10.42 -23.48 12.81
N SER A 6 9.53 -22.49 12.64
CA SER A 6 8.42 -22.50 11.67
C SER A 6 7.98 -21.07 11.28
N GLY A 7 7.01 -20.95 10.36
CA GLY A 7 6.51 -19.68 9.80
C GLY A 7 7.02 -19.44 8.38
N GLY A 8 6.67 -20.32 7.44
CA GLY A 8 7.08 -20.28 6.03
C GLY A 8 8.34 -21.08 5.71
N GLU A 9 8.64 -21.22 4.42
CA GLU A 9 9.79 -22.00 3.93
C GLU A 9 11.13 -21.26 4.06
N LYS A 10 11.12 -19.94 4.24
CA LYS A 10 12.28 -19.08 4.49
C LYS A 10 12.03 -18.15 5.70
N THR A 11 13.11 -17.71 6.36
CA THR A 11 13.12 -16.83 7.55
C THR A 11 12.71 -15.39 7.25
N PHE A 12 12.66 -14.99 5.98
CA PHE A 12 12.50 -13.60 5.54
C PHE A 12 11.48 -13.47 4.40
N THR A 13 10.73 -12.36 4.38
CA THR A 13 9.59 -12.09 3.50
C THR A 13 9.52 -10.60 3.14
N GLN A 14 8.62 -10.22 2.23
CA GLN A 14 8.50 -8.86 1.67
C GLN A 14 7.08 -8.32 1.89
N ARG A 15 6.93 -7.35 2.81
CA ARG A 15 5.63 -6.73 3.16
C ARG A 15 5.29 -5.58 2.21
N SER A 16 5.28 -5.86 0.91
CA SER A 16 5.12 -4.91 -0.21
C SER A 16 3.68 -4.40 -0.41
N ARG A 17 2.96 -4.11 0.68
CA ARG A 17 1.52 -3.80 0.71
C ARG A 17 1.26 -2.29 0.78
N LEU A 18 0.49 -1.79 -0.18
CA LEU A 18 0.07 -0.39 -0.34
C LEU A 18 -1.43 -0.25 -0.10
N PHE A 19 -1.80 0.92 0.40
CA PHE A 19 -3.15 1.39 0.70
C PHE A 19 -3.47 2.57 -0.23
N VAL A 20 -4.68 2.62 -0.78
CA VAL A 20 -5.10 3.60 -1.79
C VAL A 20 -6.44 4.22 -1.39
N GLY A 21 -6.42 5.53 -1.08
CA GLY A 21 -7.57 6.34 -0.68
C GLY A 21 -7.95 7.42 -1.69
N ASN A 22 -9.11 8.03 -1.47
CA ASN A 22 -9.75 9.04 -2.35
C ASN A 22 -10.23 8.44 -3.69
N LEU A 23 -10.36 7.10 -3.77
CA LEU A 23 -10.70 6.38 -5.01
C LEU A 23 -12.03 6.86 -5.61
N PRO A 24 -12.13 7.02 -6.95
CA PRO A 24 -13.37 7.42 -7.60
C PRO A 24 -14.43 6.31 -7.51
N PRO A 25 -15.72 6.64 -7.71
CA PRO A 25 -16.81 5.68 -7.73
C PRO A 25 -16.82 4.80 -9.00
N ASP A 26 -15.89 5.04 -9.93
CA ASP A 26 -15.78 4.37 -11.24
C ASP A 26 -14.65 3.32 -11.30
N ILE A 27 -13.89 3.10 -10.21
CA ILE A 27 -12.70 2.22 -10.22
C ILE A 27 -13.13 0.73 -10.20
N THR A 28 -12.34 -0.12 -10.87
CA THR A 28 -12.51 -1.57 -10.94
C THR A 28 -11.20 -2.28 -10.62
N GLU A 29 -11.26 -3.58 -10.35
CA GLU A 29 -10.08 -4.44 -10.17
C GLU A 29 -9.24 -4.51 -11.47
N GLU A 30 -9.84 -4.30 -12.65
CA GLU A 30 -9.13 -4.19 -13.91
C GLU A 30 -8.37 -2.85 -14.02
N GLU A 31 -9.01 -1.73 -13.65
CA GLU A 31 -8.35 -0.42 -13.64
C GLU A 31 -7.23 -0.36 -12.60
N MET A 32 -7.41 -0.96 -11.42
CA MET A 32 -6.38 -0.95 -10.37
C MET A 32 -5.17 -1.81 -10.75
N ARG A 33 -5.37 -2.93 -11.48
CA ARG A 33 -4.28 -3.69 -12.07
C ARG A 33 -3.56 -2.90 -13.18
N LYS A 34 -4.30 -2.15 -14.01
CA LYS A 34 -3.71 -1.36 -15.11
C LYS A 34 -2.95 -0.11 -14.62
N LEU A 35 -3.45 0.58 -13.58
CA LEU A 35 -2.78 1.70 -12.90
C LEU A 35 -1.41 1.34 -12.34
N PHE A 36 -1.18 0.05 -12.05
CA PHE A 36 0.06 -0.49 -11.49
C PHE A 36 0.84 -1.36 -12.51
N GLU A 37 0.47 -1.38 -13.80
CA GLU A 37 1.03 -2.31 -14.80
C GLU A 37 2.53 -2.10 -15.07
N LYS A 38 3.05 -0.87 -14.84
CA LYS A 38 4.49 -0.56 -14.91
C LYS A 38 5.33 -1.30 -13.84
N TYR A 39 4.67 -1.78 -12.77
CA TYR A 39 5.24 -2.50 -11.65
C TYR A 39 4.90 -4.01 -11.68
N GLY A 40 4.33 -4.49 -12.81
CA GLY A 40 3.91 -5.87 -13.00
C GLY A 40 2.57 -6.20 -12.33
N LYS A 41 2.17 -7.46 -12.35
CA LYS A 41 0.96 -7.95 -11.67
C LYS A 41 1.11 -7.96 -10.13
N ALA A 42 0.02 -7.66 -9.41
CA ALA A 42 -0.02 -7.70 -7.95
C ALA A 42 -0.45 -9.09 -7.44
N GLY A 43 0.02 -9.47 -6.24
CA GLY A 43 -0.32 -10.73 -5.57
C GLY A 43 -1.58 -10.66 -4.72
N GLU A 44 -2.12 -9.46 -4.49
CA GLU A 44 -3.39 -9.18 -3.83
C GLU A 44 -3.94 -7.84 -4.32
N VAL A 45 -5.24 -7.76 -4.60
CA VAL A 45 -5.97 -6.54 -5.01
C VAL A 45 -7.36 -6.54 -4.34
N PHE A 46 -7.74 -5.44 -3.68
CA PHE A 46 -9.06 -5.25 -3.07
C PHE A 46 -9.53 -3.78 -3.16
N ILE A 47 -10.84 -3.58 -3.35
CA ILE A 47 -11.52 -2.27 -3.37
C ILE A 47 -12.86 -2.40 -2.65
N HIS A 48 -13.18 -1.47 -1.75
CA HIS A 48 -14.46 -1.44 -1.03
C HIS A 48 -15.17 -0.08 -1.16
N LYS A 49 -16.31 -0.06 -1.87
CA LYS A 49 -17.04 1.16 -2.26
C LYS A 49 -17.72 1.85 -1.06
N ASP A 50 -18.18 1.10 -0.07
CA ASP A 50 -18.88 1.62 1.11
C ASP A 50 -17.97 2.35 2.10
N LYS A 51 -16.64 2.21 1.96
CA LYS A 51 -15.63 2.95 2.74
C LYS A 51 -14.81 3.94 1.89
N GLY A 52 -14.67 3.72 0.57
CA GLY A 52 -13.95 4.61 -0.35
C GLY A 52 -12.43 4.36 -0.42
N PHE A 53 -12.00 3.12 -0.18
CA PHE A 53 -10.60 2.72 -0.06
C PHE A 53 -10.32 1.37 -0.74
N GLY A 54 -9.05 1.16 -1.09
CA GLY A 54 -8.51 -0.08 -1.64
C GLY A 54 -7.11 -0.41 -1.13
N PHE A 55 -6.67 -1.64 -1.42
CA PHE A 55 -5.39 -2.22 -1.01
C PHE A 55 -4.80 -3.00 -2.20
N ILE A 56 -3.47 -3.03 -2.29
CA ILE A 56 -2.73 -3.74 -3.35
C ILE A 56 -1.34 -4.15 -2.86
N ARG A 57 -0.88 -5.36 -3.22
CA ARG A 57 0.37 -5.93 -2.69
C ARG A 57 1.25 -6.42 -3.84
N LEU A 58 2.45 -5.85 -3.97
CA LEU A 58 3.36 -6.08 -5.12
C LEU A 58 4.36 -7.22 -4.84
N GLU A 59 5.29 -7.47 -5.77
CA GLU A 59 6.27 -8.56 -5.66
C GLU A 59 7.53 -8.17 -4.87
N THR A 60 7.90 -6.88 -4.82
CA THR A 60 9.15 -6.36 -4.24
C THR A 60 8.98 -4.96 -3.67
N ARG A 61 9.68 -4.67 -2.55
CA ARG A 61 9.62 -3.38 -1.85
C ARG A 61 10.06 -2.19 -2.74
N THR A 62 11.04 -2.39 -3.63
CA THR A 62 11.55 -1.35 -4.56
C THR A 62 10.44 -0.86 -5.49
N LEU A 63 9.69 -1.78 -6.09
CA LEU A 63 8.53 -1.45 -6.93
C LEU A 63 7.40 -0.80 -6.11
N ALA A 64 7.18 -1.22 -4.86
CA ALA A 64 6.19 -0.60 -3.98
C ALA A 64 6.57 0.83 -3.56
N GLU A 65 7.85 1.12 -3.34
CA GLU A 65 8.37 2.48 -3.10
C GLU A 65 8.17 3.37 -4.34
N ILE A 66 8.57 2.89 -5.52
CA ILE A 66 8.40 3.61 -6.79
C ILE A 66 6.91 3.88 -7.06
N ALA A 67 6.04 2.87 -6.93
CA ALA A 67 4.60 3.02 -7.08
C ALA A 67 4.02 4.04 -6.09
N LYS A 68 4.40 3.99 -4.81
CA LYS A 68 3.99 4.99 -3.81
C LYS A 68 4.43 6.40 -4.21
N VAL A 69 5.69 6.59 -4.61
CA VAL A 69 6.23 7.90 -5.02
C VAL A 69 5.55 8.43 -6.31
N GLU A 70 5.23 7.55 -7.26
CA GLU A 70 4.64 7.91 -8.56
C GLU A 70 3.12 8.17 -8.50
N LEU A 71 2.38 7.51 -7.60
CA LEU A 71 0.91 7.51 -7.58
C LEU A 71 0.31 8.42 -6.49
N ASP A 72 1.05 8.75 -5.42
CA ASP A 72 0.53 9.64 -4.37
C ASP A 72 0.32 11.07 -4.90
N ASN A 73 -0.87 11.61 -4.65
CA ASN A 73 -1.40 12.89 -5.13
C ASN A 73 -1.66 12.92 -6.66
N MET A 74 -1.68 11.77 -7.35
CA MET A 74 -2.00 11.68 -8.78
C MET A 74 -3.51 11.87 -9.02
N PRO A 75 -3.93 12.67 -10.02
CA PRO A 75 -5.33 12.88 -10.36
C PRO A 75 -5.90 11.68 -11.13
N LEU A 76 -7.14 11.31 -10.82
CA LEU A 76 -7.92 10.28 -11.52
C LEU A 76 -9.41 10.67 -11.55
N ARG A 77 -9.99 10.90 -12.75
CA ARG A 77 -11.43 11.19 -12.96
C ARG A 77 -11.94 12.43 -12.18
N GLY A 78 -11.05 13.39 -11.89
CA GLY A 78 -11.34 14.61 -11.11
C GLY A 78 -11.14 14.46 -9.59
N LYS A 79 -10.87 13.24 -9.12
CA LYS A 79 -10.46 12.93 -7.74
C LYS A 79 -8.93 12.96 -7.62
N GLN A 80 -8.39 12.91 -6.39
CA GLN A 80 -6.97 12.67 -6.16
C GLN A 80 -6.75 11.20 -5.76
N LEU A 81 -5.53 10.83 -5.36
CA LEU A 81 -5.19 9.49 -4.89
C LEU A 81 -4.20 9.61 -3.73
N ARG A 82 -4.60 9.16 -2.53
CA ARG A 82 -3.73 9.08 -1.36
C ARG A 82 -3.09 7.70 -1.34
N VAL A 83 -1.76 7.60 -1.44
CA VAL A 83 -1.05 6.31 -1.58
C VAL A 83 0.06 6.22 -0.55
N ARG A 84 0.03 5.16 0.26
CA ARG A 84 0.93 4.94 1.41
C ARG A 84 1.07 3.45 1.73
N PHE A 85 2.08 3.08 2.51
CA PHE A 85 2.25 1.71 3.00
C PHE A 85 1.17 1.37 4.05
N ALA A 86 0.70 0.12 4.05
CA ALA A 86 -0.35 -0.38 4.93
C ALA A 86 0.15 -0.73 6.35
N CYS A 87 1.00 0.13 6.94
CA CYS A 87 1.72 -0.11 8.20
C CYS A 87 0.81 -0.23 9.45
N HIS A 88 -0.41 0.30 9.39
CA HIS A 88 -1.44 0.12 10.42
C HIS A 88 -2.19 -1.23 10.30
N SER A 89 -1.99 -1.96 9.21
CA SER A 89 -2.67 -3.22 8.87
C SER A 89 -1.66 -4.38 8.86
N ALA A 90 -1.05 -4.62 10.02
CA ALA A 90 0.00 -5.62 10.27
C ALA A 90 0.03 -6.02 11.76
N SER A 91 0.64 -7.17 12.07
CA SER A 91 0.73 -7.67 13.45
C SER A 91 1.76 -6.89 14.29
N LEU A 92 1.32 -6.28 15.39
CA LEU A 92 2.13 -5.46 16.31
C LEU A 92 1.43 -5.39 17.67
N THR A 93 2.10 -5.91 18.71
CA THR A 93 1.60 -6.05 20.10
C THR A 93 2.77 -5.89 21.06
N SER A 94 2.52 -5.34 22.24
CA SER A 94 3.50 -5.17 23.31
C SER A 94 2.86 -5.34 24.70
N GLY A 95 3.42 -6.21 25.54
CA GLY A 95 2.96 -6.50 26.90
C GLY A 95 3.65 -5.65 27.98
N PRO A 96 3.37 -5.91 29.28
CA PRO A 96 4.03 -5.23 30.39
C PRO A 96 5.51 -5.65 30.50
N SER A 97 6.38 -4.70 30.79
CA SER A 97 7.84 -4.93 30.85
C SER A 97 8.28 -5.74 32.08
N SER A 98 7.54 -5.63 33.19
CA SER A 98 7.67 -6.45 34.42
C SER A 98 8.97 -6.22 35.23
N GLY A 99 9.81 -5.25 34.83
CA GLY A 99 11.08 -4.90 35.49
C GLY A 99 11.81 -3.75 34.81
N GLY A 1 9.66 -24.56 -15.53
CA GLY A 1 9.26 -23.92 -14.26
C GLY A 1 10.41 -23.15 -13.64
N SER A 2 10.94 -23.60 -12.51
CA SER A 2 12.01 -22.96 -11.74
C SER A 2 12.92 -24.00 -11.05
N SER A 3 14.17 -23.66 -10.76
CA SER A 3 15.16 -24.55 -10.16
C SER A 3 16.32 -23.77 -9.50
N GLY A 4 17.02 -24.40 -8.55
CA GLY A 4 18.09 -23.81 -7.72
C GLY A 4 17.54 -23.20 -6.44
N SER A 5 18.28 -23.38 -5.34
CA SER A 5 17.94 -22.84 -4.01
C SER A 5 18.58 -21.46 -3.77
N SER A 6 17.85 -20.53 -3.14
CA SER A 6 18.34 -19.18 -2.82
C SER A 6 19.45 -19.19 -1.75
N GLY A 7 20.56 -18.51 -2.02
CA GLY A 7 21.72 -18.42 -1.12
C GLY A 7 21.58 -17.35 -0.03
N GLY A 8 22.51 -17.36 0.93
CA GLY A 8 22.56 -16.43 2.07
C GLY A 8 21.70 -16.87 3.26
N GLU A 9 21.60 -15.99 4.26
CA GLU A 9 20.83 -16.18 5.49
C GLU A 9 19.57 -15.29 5.52
N LYS A 10 18.55 -15.71 6.26
CA LYS A 10 17.32 -14.92 6.47
C LYS A 10 17.59 -13.68 7.35
N THR A 11 16.87 -12.59 7.06
CA THR A 11 16.93 -11.28 7.74
C THR A 11 15.53 -10.68 7.88
N PHE A 12 15.41 -9.56 8.60
CA PHE A 12 14.12 -8.89 8.83
C PHE A 12 13.47 -8.47 7.49
N THR A 13 12.17 -8.75 7.37
CA THR A 13 11.37 -8.65 6.13
C THR A 13 10.00 -8.05 6.45
N GLN A 14 9.43 -7.31 5.50
CA GLN A 14 8.14 -6.64 5.63
C GLN A 14 7.35 -6.70 4.32
N ARG A 15 6.02 -6.85 4.41
CA ARG A 15 5.14 -7.04 3.25
C ARG A 15 5.04 -5.80 2.37
N SER A 16 4.99 -6.00 1.05
CA SER A 16 4.98 -4.93 0.04
C SER A 16 3.56 -4.40 -0.26
N ARG A 17 2.72 -4.23 0.78
CA ARG A 17 1.35 -3.74 0.70
C ARG A 17 1.26 -2.21 0.67
N LEU A 18 0.44 -1.72 -0.26
CA LEU A 18 0.03 -0.32 -0.38
C LEU A 18 -1.47 -0.18 -0.12
N PHE A 19 -1.81 0.82 0.68
CA PHE A 19 -3.15 1.33 0.94
C PHE A 19 -3.43 2.46 -0.06
N VAL A 20 -4.64 2.50 -0.62
CA VAL A 20 -5.04 3.50 -1.63
C VAL A 20 -6.38 4.12 -1.23
N GLY A 21 -6.35 5.40 -0.85
CA GLY A 21 -7.52 6.20 -0.44
C GLY A 21 -7.91 7.28 -1.45
N ASN A 22 -9.03 7.95 -1.17
CA ASN A 22 -9.66 8.96 -2.04
C ASN A 22 -10.19 8.37 -3.37
N LEU A 23 -10.41 7.05 -3.44
CA LEU A 23 -10.73 6.35 -4.69
C LEU A 23 -12.07 6.82 -5.30
N PRO A 24 -12.14 6.98 -6.64
CA PRO A 24 -13.34 7.39 -7.36
C PRO A 24 -14.41 6.29 -7.38
N PRO A 25 -15.67 6.61 -7.74
CA PRO A 25 -16.72 5.62 -7.95
C PRO A 25 -16.55 4.82 -9.27
N ASP A 26 -15.55 5.15 -10.08
CA ASP A 26 -15.29 4.59 -11.42
C ASP A 26 -14.08 3.64 -11.47
N ILE A 27 -13.54 3.22 -10.32
CA ILE A 27 -12.43 2.26 -10.21
C ILE A 27 -12.97 0.82 -10.10
N THR A 28 -12.30 -0.13 -10.78
CA THR A 28 -12.49 -1.58 -10.63
C THR A 28 -11.11 -2.24 -10.54
N GLU A 29 -11.09 -3.54 -10.27
CA GLU A 29 -9.85 -4.33 -10.28
C GLU A 29 -9.14 -4.32 -11.64
N GLU A 30 -9.86 -4.05 -12.74
CA GLU A 30 -9.27 -3.93 -14.07
C GLU A 30 -8.52 -2.59 -14.25
N GLU A 31 -9.12 -1.48 -13.82
CA GLU A 31 -8.44 -0.18 -13.78
C GLU A 31 -7.26 -0.20 -12.80
N MET A 32 -7.42 -0.79 -11.62
CA MET A 32 -6.38 -0.85 -10.59
C MET A 32 -5.17 -1.69 -11.03
N ARG A 33 -5.39 -2.79 -11.76
CA ARG A 33 -4.30 -3.55 -12.40
C ARG A 33 -3.62 -2.76 -13.52
N LYS A 34 -4.37 -1.98 -14.31
CA LYS A 34 -3.83 -1.18 -15.41
C LYS A 34 -3.03 0.05 -14.91
N LEU A 35 -3.50 0.73 -13.86
CA LEU A 35 -2.83 1.84 -13.17
C LEU A 35 -1.47 1.44 -12.59
N PHE A 36 -1.31 0.17 -12.21
CA PHE A 36 -0.09 -0.39 -11.62
C PHE A 36 0.70 -1.28 -12.60
N GLU A 37 0.34 -1.31 -13.89
CA GLU A 37 0.93 -2.23 -14.88
C GLU A 37 2.44 -2.01 -15.09
N LYS A 38 2.93 -0.78 -14.85
CA LYS A 38 4.34 -0.39 -14.97
C LYS A 38 5.23 -0.95 -13.83
N TYR A 39 4.63 -1.61 -12.84
CA TYR A 39 5.28 -2.30 -11.73
C TYR A 39 5.09 -3.84 -11.82
N GLY A 40 4.54 -4.32 -12.94
CA GLY A 40 4.13 -5.72 -13.13
C GLY A 40 2.74 -6.01 -12.53
N LYS A 41 2.30 -7.27 -12.61
CA LYS A 41 1.05 -7.69 -11.98
C LYS A 41 1.16 -7.74 -10.44
N ALA A 42 0.07 -7.39 -9.74
CA ALA A 42 -0.02 -7.47 -8.28
C ALA A 42 -0.23 -8.92 -7.80
N GLY A 43 0.15 -9.19 -6.55
CA GLY A 43 -0.06 -10.47 -5.87
C GLY A 43 -1.34 -10.53 -5.03
N GLU A 44 -2.00 -9.39 -4.82
CA GLU A 44 -3.24 -9.20 -4.06
C GLU A 44 -3.87 -7.86 -4.44
N VAL A 45 -5.19 -7.82 -4.66
CA VAL A 45 -5.96 -6.62 -5.05
C VAL A 45 -7.33 -6.65 -4.37
N PHE A 46 -7.71 -5.57 -3.70
CA PHE A 46 -9.03 -5.36 -3.08
C PHE A 46 -9.49 -3.89 -3.17
N ILE A 47 -10.79 -3.66 -3.39
CA ILE A 47 -11.42 -2.34 -3.49
C ILE A 47 -12.77 -2.38 -2.75
N HIS A 48 -12.99 -1.44 -1.82
CA HIS A 48 -14.23 -1.32 -1.06
C HIS A 48 -14.96 0.01 -1.38
N LYS A 49 -16.02 -0.07 -2.19
CA LYS A 49 -16.76 1.07 -2.72
C LYS A 49 -17.59 1.85 -1.69
N ASP A 50 -17.92 1.25 -0.54
CA ASP A 50 -18.81 1.83 0.46
C ASP A 50 -18.08 2.73 1.47
N LYS A 51 -16.73 2.64 1.54
CA LYS A 51 -15.88 3.52 2.34
C LYS A 51 -14.88 4.36 1.50
N GLY A 52 -14.59 3.97 0.26
CA GLY A 52 -13.72 4.71 -0.68
C GLY A 52 -12.23 4.38 -0.55
N PHE A 53 -11.91 3.15 -0.14
CA PHE A 53 -10.54 2.68 0.12
C PHE A 53 -10.26 1.32 -0.55
N GLY A 54 -9.01 1.10 -0.94
CA GLY A 54 -8.50 -0.13 -1.54
C GLY A 54 -7.09 -0.48 -1.06
N PHE A 55 -6.66 -1.70 -1.41
CA PHE A 55 -5.42 -2.33 -0.96
C PHE A 55 -4.81 -3.12 -2.13
N ILE A 56 -3.49 -3.12 -2.24
CA ILE A 56 -2.76 -3.79 -3.32
C ILE A 56 -1.36 -4.20 -2.87
N ARG A 57 -0.85 -5.36 -3.31
CA ARG A 57 0.48 -5.87 -2.94
C ARG A 57 1.34 -6.08 -4.19
N LEU A 58 2.52 -5.46 -4.23
CA LEU A 58 3.46 -5.58 -5.36
C LEU A 58 4.55 -6.62 -5.08
N GLU A 59 5.35 -6.97 -6.08
CA GLU A 59 6.28 -8.10 -6.01
C GLU A 59 7.53 -7.83 -5.13
N THR A 60 7.94 -6.55 -4.98
CA THR A 60 9.12 -6.15 -4.18
C THR A 60 8.89 -4.81 -3.49
N ARG A 61 9.67 -4.56 -2.43
CA ARG A 61 9.73 -3.28 -1.72
C ARG A 61 10.16 -2.12 -2.64
N THR A 62 11.01 -2.39 -3.64
CA THR A 62 11.49 -1.40 -4.63
C THR A 62 10.36 -0.98 -5.55
N LEU A 63 9.57 -1.94 -6.06
CA LEU A 63 8.39 -1.65 -6.87
C LEU A 63 7.33 -0.90 -6.06
N ALA A 64 7.11 -1.29 -4.79
CA ALA A 64 6.18 -0.62 -3.89
C ALA A 64 6.62 0.82 -3.54
N GLU A 65 7.92 1.10 -3.38
CA GLU A 65 8.47 2.45 -3.19
C GLU A 65 8.28 3.33 -4.43
N ILE A 66 8.61 2.82 -5.62
CA ILE A 66 8.44 3.56 -6.88
C ILE A 66 6.96 3.87 -7.13
N ALA A 67 6.07 2.88 -6.98
CA ALA A 67 4.62 3.08 -7.09
C ALA A 67 4.08 4.06 -6.05
N LYS A 68 4.52 3.97 -4.78
CA LYS A 68 4.21 4.99 -3.75
C LYS A 68 4.61 6.39 -4.22
N VAL A 69 5.85 6.58 -4.67
CA VAL A 69 6.35 7.91 -5.08
C VAL A 69 5.64 8.43 -6.35
N GLU A 70 5.28 7.54 -7.28
CA GLU A 70 4.67 7.92 -8.56
C GLU A 70 3.13 8.10 -8.53
N LEU A 71 2.42 7.47 -7.59
CA LEU A 71 0.95 7.46 -7.54
C LEU A 71 0.35 8.35 -6.43
N ASP A 72 1.10 8.66 -5.37
CA ASP A 72 0.60 9.54 -4.30
C ASP A 72 0.39 10.98 -4.81
N ASN A 73 -0.80 11.53 -4.56
CA ASN A 73 -1.30 12.83 -5.04
C ASN A 73 -1.61 12.87 -6.56
N MET A 74 -1.66 11.72 -7.25
CA MET A 74 -2.02 11.64 -8.68
C MET A 74 -3.54 11.82 -8.86
N PRO A 75 -3.98 12.60 -9.87
CA PRO A 75 -5.40 12.77 -10.19
C PRO A 75 -5.95 11.55 -10.94
N LEU A 76 -7.18 11.14 -10.61
CA LEU A 76 -7.94 10.09 -11.28
C LEU A 76 -9.43 10.43 -11.27
N ARG A 77 -10.08 10.53 -12.45
CA ARG A 77 -11.54 10.69 -12.61
C ARG A 77 -12.11 11.97 -11.92
N GLY A 78 -11.26 12.98 -11.70
CA GLY A 78 -11.59 14.22 -10.99
C GLY A 78 -11.36 14.18 -9.47
N LYS A 79 -10.84 13.08 -8.94
CA LYS A 79 -10.49 12.87 -7.52
C LYS A 79 -8.97 12.76 -7.32
N GLN A 80 -8.50 13.04 -6.10
CA GLN A 80 -7.12 12.79 -5.68
C GLN A 80 -6.88 11.28 -5.44
N LEU A 81 -5.63 10.87 -5.18
CA LEU A 81 -5.27 9.53 -4.72
C LEU A 81 -4.28 9.66 -3.57
N ARG A 82 -4.65 9.16 -2.39
CA ARG A 82 -3.77 9.05 -1.22
C ARG A 82 -3.12 7.66 -1.25
N VAL A 83 -1.80 7.56 -1.25
CA VAL A 83 -1.07 6.28 -1.30
C VAL A 83 -0.04 6.23 -0.17
N ARG A 84 -0.08 5.15 0.61
CA ARG A 84 0.81 4.90 1.76
C ARG A 84 1.07 3.39 1.93
N PHE A 85 2.07 3.02 2.73
CA PHE A 85 2.29 1.63 3.14
C PHE A 85 1.27 1.22 4.21
N ALA A 86 0.72 0.00 4.10
CA ALA A 86 -0.25 -0.53 5.06
C ALA A 86 0.47 -1.21 6.24
N CYS A 87 0.39 -0.61 7.44
CA CYS A 87 1.05 -1.08 8.65
C CYS A 87 0.03 -1.64 9.67
N HIS A 88 0.35 -2.78 10.28
CA HIS A 88 -0.53 -3.47 11.25
C HIS A 88 -0.59 -2.78 12.64
N SER A 89 0.44 -2.00 12.99
CA SER A 89 0.63 -1.35 14.29
C SER A 89 1.47 -0.06 14.16
N ALA A 90 1.42 0.80 15.17
CA ALA A 90 2.29 1.98 15.28
C ALA A 90 3.75 1.61 15.59
N SER A 91 4.68 2.54 15.39
CA SER A 91 6.13 2.37 15.60
C SER A 91 6.83 3.72 15.82
N LEU A 92 8.10 3.69 16.24
CA LEU A 92 8.90 4.84 16.66
C LEU A 92 10.28 4.86 15.96
N THR A 93 11.00 5.99 16.08
CA THR A 93 12.29 6.26 15.44
C THR A 93 13.08 7.31 16.22
N SER A 94 14.40 7.29 16.09
CA SER A 94 15.31 8.29 16.67
C SER A 94 15.28 9.61 15.87
N GLY A 95 15.67 10.72 16.52
CA GLY A 95 15.65 12.08 15.96
C GLY A 95 15.59 13.16 17.04
N PRO A 96 14.40 13.39 17.65
CA PRO A 96 14.23 14.34 18.75
C PRO A 96 14.82 13.77 20.05
N SER A 97 15.87 14.41 20.57
CA SER A 97 16.64 13.99 21.74
C SER A 97 17.63 15.08 22.21
N SER A 98 18.25 14.93 23.38
CA SER A 98 19.30 15.84 23.87
C SER A 98 20.66 15.57 23.18
N GLY A 99 21.41 16.64 22.89
CA GLY A 99 22.73 16.58 22.22
C GLY A 99 23.39 17.95 22.09
N GLY A 1 18.26 7.92 25.28
CA GLY A 1 17.33 7.06 24.53
C GLY A 1 17.62 5.58 24.81
N SER A 2 16.65 4.85 25.34
CA SER A 2 16.72 3.40 25.58
C SER A 2 16.58 2.57 24.28
N SER A 3 16.96 1.28 24.31
CA SER A 3 16.87 0.37 23.16
C SER A 3 15.42 -0.09 22.83
N GLY A 4 14.49 0.05 23.78
CA GLY A 4 13.07 -0.30 23.65
C GLY A 4 12.73 -1.66 24.26
N SER A 5 11.45 -1.85 24.60
CA SER A 5 10.95 -3.04 25.31
C SER A 5 10.39 -4.14 24.38
N SER A 6 10.34 -3.91 23.07
CA SER A 6 9.82 -4.83 22.06
C SER A 6 10.89 -5.76 21.47
N GLY A 7 10.47 -6.96 21.01
CA GLY A 7 11.34 -7.98 20.41
C GLY A 7 10.57 -9.14 19.78
N GLY A 8 11.30 -10.15 19.28
CA GLY A 8 10.72 -11.37 18.67
C GLY A 8 10.30 -11.18 17.21
N GLU A 9 11.07 -10.40 16.45
CA GLU A 9 10.79 -10.03 15.05
C GLU A 9 11.76 -10.69 14.06
N LYS A 10 11.28 -10.95 12.84
CA LYS A 10 12.09 -11.54 11.75
C LYS A 10 13.13 -10.56 11.17
N THR A 11 14.18 -11.11 10.54
CA THR A 11 15.26 -10.38 9.83
C THR A 11 14.84 -9.85 8.45
N PHE A 12 13.66 -10.25 7.95
CA PHE A 12 13.03 -9.78 6.71
C PHE A 12 11.51 -9.96 6.79
N THR A 13 10.76 -9.08 6.12
CA THR A 13 9.29 -9.00 6.17
C THR A 13 8.73 -8.53 4.82
N GLN A 14 7.70 -9.21 4.31
CA GLN A 14 7.08 -8.92 3.01
C GLN A 14 5.90 -7.93 3.10
N ARG A 15 6.09 -6.83 3.86
CA ARG A 15 5.12 -5.74 4.03
C ARG A 15 5.05 -4.81 2.80
N SER A 16 5.15 -5.37 1.59
CA SER A 16 5.11 -4.68 0.29
C SER A 16 3.66 -4.33 -0.14
N ARG A 17 2.81 -3.96 0.83
CA ARG A 17 1.39 -3.68 0.67
C ARG A 17 1.10 -2.18 0.79
N LEU A 18 0.39 -1.65 -0.19
CA LEU A 18 -0.02 -0.25 -0.29
C LEU A 18 -1.52 -0.11 -0.02
N PHE A 19 -1.84 0.82 0.87
CA PHE A 19 -3.19 1.31 1.15
C PHE A 19 -3.46 2.50 0.22
N VAL A 20 -4.64 2.55 -0.40
CA VAL A 20 -5.00 3.55 -1.41
C VAL A 20 -6.35 4.19 -1.04
N GLY A 21 -6.36 5.51 -0.87
CA GLY A 21 -7.51 6.32 -0.50
C GLY A 21 -7.91 7.37 -1.54
N ASN A 22 -9.05 8.03 -1.30
CA ASN A 22 -9.68 9.02 -2.18
C ASN A 22 -10.16 8.43 -3.53
N LEU A 23 -10.29 7.10 -3.63
CA LEU A 23 -10.57 6.39 -4.89
C LEU A 23 -11.87 6.86 -5.57
N PRO A 24 -11.93 6.93 -6.92
CA PRO A 24 -13.13 7.29 -7.66
C PRO A 24 -14.18 6.16 -7.57
N PRO A 25 -15.47 6.46 -7.79
CA PRO A 25 -16.53 5.44 -7.86
C PRO A 25 -16.46 4.59 -9.15
N ASP A 26 -15.61 4.99 -10.11
CA ASP A 26 -15.39 4.33 -11.40
C ASP A 26 -14.24 3.30 -11.38
N ILE A 27 -13.62 3.03 -10.21
CA ILE A 27 -12.48 2.10 -10.12
C ILE A 27 -12.96 0.63 -10.07
N THR A 28 -12.17 -0.26 -10.67
CA THR A 28 -12.38 -1.72 -10.72
C THR A 28 -11.07 -2.42 -10.43
N GLU A 29 -11.11 -3.73 -10.18
CA GLU A 29 -9.91 -4.56 -10.03
C GLU A 29 -9.00 -4.49 -11.27
N GLU A 30 -9.57 -4.39 -12.48
CA GLU A 30 -8.84 -4.33 -13.75
C GLU A 30 -8.29 -2.95 -14.06
N GLU A 31 -8.96 -1.89 -13.61
CA GLU A 31 -8.47 -0.50 -13.69
C GLU A 31 -7.34 -0.25 -12.69
N MET A 32 -7.47 -0.81 -11.48
CA MET A 32 -6.39 -0.85 -10.49
C MET A 32 -5.19 -1.64 -11.02
N ARG A 33 -5.42 -2.78 -11.68
CA ARG A 33 -4.37 -3.55 -12.36
C ARG A 33 -3.72 -2.77 -13.51
N LYS A 34 -4.45 -1.83 -14.14
CA LYS A 34 -3.94 -0.88 -15.14
C LYS A 34 -3.08 0.24 -14.50
N LEU A 35 -3.56 0.87 -13.42
CA LEU A 35 -2.86 1.92 -12.66
C LEU A 35 -1.48 1.46 -12.17
N PHE A 36 -1.36 0.18 -11.82
CA PHE A 36 -0.14 -0.44 -11.30
C PHE A 36 0.62 -1.28 -12.35
N GLU A 37 0.24 -1.22 -13.64
CA GLU A 37 0.80 -2.07 -14.70
C GLU A 37 2.29 -1.81 -14.98
N LYS A 38 2.78 -0.60 -14.67
CA LYS A 38 4.21 -0.22 -14.73
C LYS A 38 5.08 -1.07 -13.78
N TYR A 39 4.46 -1.59 -12.70
CA TYR A 39 5.11 -2.36 -11.64
C TYR A 39 4.85 -3.87 -11.77
N GLY A 40 4.35 -4.33 -12.93
CA GLY A 40 4.01 -5.72 -13.21
C GLY A 40 2.59 -6.07 -12.75
N LYS A 41 2.41 -7.31 -12.29
CA LYS A 41 1.14 -7.81 -11.74
C LYS A 41 1.20 -7.89 -10.19
N ALA A 42 0.18 -7.35 -9.53
CA ALA A 42 0.04 -7.40 -8.07
C ALA A 42 -0.26 -8.83 -7.57
N GLY A 43 0.24 -9.18 -6.37
CA GLY A 43 0.00 -10.47 -5.72
C GLY A 43 -1.35 -10.55 -5.00
N GLU A 44 -1.97 -9.40 -4.71
CA GLU A 44 -3.33 -9.28 -4.17
C GLU A 44 -3.89 -7.87 -4.46
N VAL A 45 -5.21 -7.78 -4.69
CA VAL A 45 -5.95 -6.54 -5.00
C VAL A 45 -7.33 -6.58 -4.33
N PHE A 46 -7.68 -5.52 -3.60
CA PHE A 46 -8.98 -5.32 -2.94
C PHE A 46 -9.44 -3.87 -3.04
N ILE A 47 -10.75 -3.65 -3.25
CA ILE A 47 -11.41 -2.34 -3.33
C ILE A 47 -12.78 -2.44 -2.63
N HIS A 48 -13.08 -1.52 -1.72
CA HIS A 48 -14.35 -1.46 -1.00
C HIS A 48 -15.07 -0.11 -1.18
N LYS A 49 -16.09 -0.09 -2.05
CA LYS A 49 -16.80 1.14 -2.47
C LYS A 49 -17.74 1.74 -1.41
N ASP A 50 -18.09 0.97 -0.37
CA ASP A 50 -18.89 1.43 0.76
C ASP A 50 -18.11 2.34 1.73
N LYS A 51 -16.77 2.27 1.70
CA LYS A 51 -15.86 3.07 2.53
C LYS A 51 -14.95 4.03 1.72
N GLY A 52 -14.69 3.74 0.44
CA GLY A 52 -13.90 4.60 -0.48
C GLY A 52 -12.40 4.33 -0.44
N PHE A 53 -12.00 3.09 -0.13
CA PHE A 53 -10.60 2.69 0.08
C PHE A 53 -10.29 1.34 -0.59
N GLY A 54 -9.02 1.13 -0.90
CA GLY A 54 -8.47 -0.10 -1.49
C GLY A 54 -7.08 -0.44 -0.96
N PHE A 55 -6.64 -1.66 -1.29
CA PHE A 55 -5.42 -2.30 -0.84
C PHE A 55 -4.80 -3.07 -2.01
N ILE A 56 -3.47 -3.03 -2.14
CA ILE A 56 -2.77 -3.70 -3.25
C ILE A 56 -1.35 -4.13 -2.84
N ARG A 57 -0.98 -5.38 -3.13
CA ARG A 57 0.31 -5.99 -2.77
C ARG A 57 1.21 -6.10 -4.00
N LEU A 58 2.41 -5.53 -3.98
CA LEU A 58 3.39 -5.65 -5.07
C LEU A 58 4.45 -6.71 -4.70
N GLU A 59 5.12 -7.30 -5.70
CA GLU A 59 5.97 -8.48 -5.48
C GLU A 59 7.27 -8.22 -4.69
N THR A 60 7.73 -6.96 -4.60
CA THR A 60 8.96 -6.52 -3.90
C THR A 60 8.83 -5.09 -3.38
N ARG A 61 9.55 -4.80 -2.29
CA ARG A 61 9.58 -3.47 -1.64
C ARG A 61 9.96 -2.31 -2.59
N THR A 62 10.88 -2.55 -3.54
CA THR A 62 11.35 -1.55 -4.53
C THR A 62 10.20 -1.05 -5.40
N LEU A 63 9.36 -1.96 -5.90
CA LEU A 63 8.16 -1.64 -6.66
C LEU A 63 7.17 -0.84 -5.81
N ALA A 64 6.95 -1.25 -4.54
CA ALA A 64 6.04 -0.56 -3.63
C ALA A 64 6.51 0.87 -3.28
N GLU A 65 7.82 1.10 -3.17
CA GLU A 65 8.40 2.45 -3.01
C GLU A 65 8.21 3.31 -4.26
N ILE A 66 8.52 2.79 -5.45
CA ILE A 66 8.34 3.53 -6.72
C ILE A 66 6.86 3.86 -6.93
N ALA A 67 5.95 2.90 -6.73
CA ALA A 67 4.51 3.11 -6.83
C ALA A 67 4.00 4.15 -5.80
N LYS A 68 4.46 4.11 -4.55
CA LYS A 68 4.20 5.18 -3.57
C LYS A 68 4.68 6.55 -4.09
N VAL A 69 5.92 6.66 -4.56
CA VAL A 69 6.48 7.93 -5.06
C VAL A 69 5.74 8.46 -6.30
N GLU A 70 5.26 7.58 -7.18
CA GLU A 70 4.62 7.94 -8.46
C GLU A 70 3.11 8.19 -8.36
N LEU A 71 2.38 7.48 -7.49
CA LEU A 71 0.90 7.50 -7.44
C LEU A 71 0.33 8.43 -6.35
N ASP A 72 1.09 8.75 -5.31
CA ASP A 72 0.61 9.60 -4.21
C ASP A 72 0.44 11.05 -4.67
N ASN A 73 -0.79 11.56 -4.52
CA ASN A 73 -1.29 12.85 -5.03
C ASN A 73 -1.49 12.88 -6.57
N MET A 74 -1.49 11.73 -7.26
CA MET A 74 -1.76 11.65 -8.71
C MET A 74 -3.26 11.90 -9.00
N PRO A 75 -3.60 12.66 -10.05
CA PRO A 75 -4.98 12.90 -10.46
C PRO A 75 -5.55 11.67 -11.21
N LEU A 76 -6.83 11.35 -10.92
CA LEU A 76 -7.60 10.30 -11.59
C LEU A 76 -9.07 10.72 -11.70
N ARG A 77 -9.59 10.90 -12.93
CA ARG A 77 -10.99 11.32 -13.22
C ARG A 77 -11.37 12.68 -12.60
N GLY A 78 -10.39 13.52 -12.23
CA GLY A 78 -10.56 14.79 -11.51
C GLY A 78 -10.49 14.68 -9.99
N LYS A 79 -10.42 13.46 -9.43
CA LYS A 79 -10.14 13.21 -8.01
C LYS A 79 -8.62 13.17 -7.75
N GLN A 80 -8.19 13.47 -6.53
CA GLN A 80 -6.82 13.21 -6.08
C GLN A 80 -6.74 11.77 -5.55
N LEU A 81 -5.53 11.22 -5.42
CA LEU A 81 -5.29 9.89 -4.84
C LEU A 81 -4.35 10.02 -3.64
N ARG A 82 -4.66 9.28 -2.56
CA ARG A 82 -3.77 9.11 -1.39
C ARG A 82 -3.16 7.71 -1.42
N VAL A 83 -1.86 7.59 -1.16
CA VAL A 83 -1.15 6.29 -1.10
C VAL A 83 -0.17 6.27 0.07
N ARG A 84 -0.19 5.17 0.84
CA ARG A 84 0.75 4.90 1.95
C ARG A 84 1.00 3.40 2.12
N PHE A 85 2.04 3.01 2.86
CA PHE A 85 2.29 1.62 3.25
C PHE A 85 1.28 1.16 4.32
N ALA A 86 0.74 -0.05 4.17
CA ALA A 86 -0.13 -0.67 5.16
C ALA A 86 0.68 -1.23 6.35
N CYS A 87 0.33 -0.83 7.57
CA CYS A 87 1.03 -1.15 8.82
C CYS A 87 0.12 -0.97 10.04
N HIS A 88 0.21 -1.88 11.01
CA HIS A 88 -0.65 -1.95 12.20
C HIS A 88 0.13 -2.49 13.42
N SER A 89 -0.05 -1.87 14.59
CA SER A 89 0.61 -2.25 15.85
C SER A 89 -0.08 -1.59 17.07
N ALA A 90 -0.32 -2.35 18.13
CA ALA A 90 -0.88 -1.88 19.40
C ALA A 90 0.21 -1.22 20.29
N SER A 91 0.92 -0.24 19.72
CA SER A 91 2.02 0.46 20.39
C SER A 91 1.50 1.58 21.31
N LEU A 92 1.64 1.41 22.63
CA LEU A 92 1.30 2.41 23.65
C LEU A 92 2.46 3.38 23.87
N THR A 93 2.14 4.63 24.23
CA THR A 93 3.10 5.67 24.62
C THR A 93 3.56 5.50 26.07
N SER A 94 4.34 6.46 26.58
CA SER A 94 4.95 6.43 27.91
C SER A 94 5.12 7.85 28.49
N GLY A 95 5.62 7.96 29.74
CA GLY A 95 5.72 9.22 30.49
C GLY A 95 6.81 10.18 29.95
N PRO A 96 6.75 11.48 30.32
CA PRO A 96 7.67 12.52 29.86
C PRO A 96 9.02 12.54 30.60
N SER A 97 9.32 11.54 31.44
CA SER A 97 10.60 11.39 32.15
C SER A 97 11.78 11.05 31.22
N SER A 98 13.00 11.41 31.62
CA SER A 98 14.23 11.21 30.85
C SER A 98 14.77 9.76 30.91
N GLY A 99 15.41 9.31 29.82
CA GLY A 99 15.99 7.97 29.66
C GLY A 99 16.58 7.74 28.27
N GLY A 1 16.91 14.71 4.97
CA GLY A 1 17.99 15.20 4.08
C GLY A 1 17.67 14.90 2.62
N SER A 2 18.64 14.37 1.88
CA SER A 2 18.54 14.09 0.43
C SER A 2 19.34 12.83 0.04
N SER A 3 18.80 12.02 -0.87
CA SER A 3 19.43 10.81 -1.47
C SER A 3 19.63 9.61 -0.51
N GLY A 4 19.33 9.76 0.79
CA GLY A 4 19.37 8.71 1.81
C GLY A 4 18.03 8.01 2.02
N SER A 5 18.05 6.91 2.76
CA SER A 5 16.88 6.10 3.13
C SER A 5 17.20 5.16 4.31
N SER A 6 16.20 4.46 4.85
CA SER A 6 16.33 3.49 5.94
C SER A 6 16.74 2.08 5.45
N GLY A 7 17.43 1.32 6.30
CA GLY A 7 17.91 -0.03 5.99
C GLY A 7 16.84 -1.09 6.22
N GLY A 8 16.43 -1.79 5.15
CA GLY A 8 15.52 -2.95 5.20
C GLY A 8 16.26 -4.27 5.37
N GLU A 9 15.54 -5.33 5.74
CA GLU A 9 16.06 -6.68 5.97
C GLU A 9 15.05 -7.75 5.52
N LYS A 10 15.55 -8.82 4.90
CA LYS A 10 14.74 -9.90 4.31
C LYS A 10 14.51 -11.10 5.28
N THR A 11 14.39 -10.81 6.58
CA THR A 11 14.19 -11.79 7.68
C THR A 11 12.85 -12.54 7.62
N PHE A 12 11.89 -12.03 6.84
CA PHE A 12 10.61 -12.67 6.52
C PHE A 12 10.07 -12.16 5.17
N THR A 13 8.99 -12.78 4.67
CA THR A 13 8.33 -12.44 3.39
C THR A 13 7.94 -10.97 3.36
N GLN A 14 8.33 -10.26 2.31
CA GLN A 14 8.13 -8.82 2.15
C GLN A 14 6.63 -8.47 2.18
N ARG A 15 6.26 -7.46 2.98
CA ARG A 15 4.89 -6.99 3.09
C ARG A 15 4.45 -6.26 1.80
N SER A 16 5.16 -5.20 1.42
CA SER A 16 4.97 -4.43 0.16
C SER A 16 3.50 -4.03 -0.14
N ARG A 17 2.69 -3.82 0.91
CA ARG A 17 1.28 -3.44 0.85
C ARG A 17 1.12 -1.93 0.76
N LEU A 18 0.26 -1.49 -0.16
CA LEU A 18 -0.13 -0.10 -0.38
C LEU A 18 -1.63 0.08 -0.17
N PHE A 19 -1.97 1.04 0.68
CA PHE A 19 -3.33 1.56 0.91
C PHE A 19 -3.58 2.71 -0.06
N VAL A 20 -4.76 2.74 -0.69
CA VAL A 20 -5.14 3.76 -1.67
C VAL A 20 -6.49 4.38 -1.27
N GLY A 21 -6.45 5.66 -0.91
CA GLY A 21 -7.60 6.48 -0.54
C GLY A 21 -8.01 7.47 -1.62
N ASN A 22 -9.14 8.16 -1.37
CA ASN A 22 -9.76 9.15 -2.27
C ASN A 22 -10.31 8.54 -3.58
N LEU A 23 -10.49 7.22 -3.64
CA LEU A 23 -10.82 6.50 -4.87
C LEU A 23 -12.17 6.95 -5.50
N PRO A 24 -12.24 7.05 -6.85
CA PRO A 24 -13.46 7.38 -7.58
C PRO A 24 -14.50 6.23 -7.50
N PRO A 25 -15.80 6.52 -7.74
CA PRO A 25 -16.87 5.54 -7.66
C PRO A 25 -16.91 4.55 -8.85
N ASP A 26 -16.02 4.70 -9.84
CA ASP A 26 -15.98 3.94 -11.09
C ASP A 26 -14.70 3.08 -11.26
N ILE A 27 -13.92 2.92 -10.18
CA ILE A 27 -12.72 2.07 -10.14
C ILE A 27 -13.09 0.60 -9.91
N THR A 28 -12.45 -0.32 -10.63
CA THR A 28 -12.50 -1.78 -10.41
C THR A 28 -11.09 -2.35 -10.34
N GLU A 29 -10.99 -3.64 -10.06
CA GLU A 29 -9.73 -4.39 -10.05
C GLU A 29 -8.96 -4.24 -11.39
N GLU A 30 -9.66 -4.11 -12.52
CA GLU A 30 -9.05 -4.01 -13.84
C GLU A 30 -8.38 -2.64 -14.08
N GLU A 31 -8.93 -1.55 -13.53
CA GLU A 31 -8.28 -0.25 -13.53
C GLU A 31 -7.08 -0.25 -12.57
N MET A 32 -7.25 -0.79 -11.37
CA MET A 32 -6.20 -0.82 -10.34
C MET A 32 -4.99 -1.68 -10.77
N ARG A 33 -5.22 -2.77 -11.54
CA ARG A 33 -4.15 -3.53 -12.20
C ARG A 33 -3.42 -2.68 -13.25
N LYS A 34 -4.15 -1.94 -14.09
CA LYS A 34 -3.58 -1.12 -15.17
C LYS A 34 -2.81 0.12 -14.64
N LEU A 35 -3.32 0.77 -13.58
CA LEU A 35 -2.67 1.90 -12.89
C LEU A 35 -1.30 1.54 -12.29
N PHE A 36 -1.06 0.24 -12.02
CA PHE A 36 0.17 -0.29 -11.42
C PHE A 36 0.95 -1.19 -12.40
N GLU A 37 0.59 -1.23 -13.70
CA GLU A 37 1.17 -2.17 -14.67
C GLU A 37 2.66 -1.90 -14.99
N LYS A 38 3.13 -0.67 -14.73
CA LYS A 38 4.55 -0.28 -14.77
C LYS A 38 5.41 -1.09 -13.75
N TYR A 39 4.75 -1.65 -12.73
CA TYR A 39 5.33 -2.43 -11.63
C TYR A 39 4.92 -3.92 -11.69
N GLY A 40 4.33 -4.35 -12.82
CA GLY A 40 3.92 -5.74 -13.05
C GLY A 40 2.59 -6.09 -12.39
N LYS A 41 2.25 -7.39 -12.39
CA LYS A 41 1.07 -7.92 -11.70
C LYS A 41 1.26 -7.89 -10.17
N ALA A 42 0.28 -7.34 -9.44
CA ALA A 42 0.22 -7.38 -7.98
C ALA A 42 -0.15 -8.79 -7.47
N GLY A 43 0.33 -9.15 -6.28
CA GLY A 43 0.05 -10.43 -5.61
C GLY A 43 -1.25 -10.45 -4.82
N GLU A 44 -1.86 -9.28 -4.59
CA GLU A 44 -3.18 -9.09 -3.98
C GLU A 44 -3.76 -7.74 -4.41
N VAL A 45 -5.05 -7.69 -4.75
CA VAL A 45 -5.81 -6.47 -5.11
C VAL A 45 -7.22 -6.57 -4.51
N PHE A 46 -7.66 -5.55 -3.76
CA PHE A 46 -9.02 -5.46 -3.20
C PHE A 46 -9.52 -4.00 -3.16
N ILE A 47 -10.80 -3.81 -3.49
CA ILE A 47 -11.52 -2.53 -3.47
C ILE A 47 -12.93 -2.78 -2.93
N HIS A 48 -13.44 -1.90 -2.06
CA HIS A 48 -14.85 -1.94 -1.65
C HIS A 48 -15.46 -0.54 -1.43
N LYS A 49 -16.62 -0.32 -2.08
CA LYS A 49 -17.35 0.96 -2.10
C LYS A 49 -18.06 1.30 -0.77
N ASP A 50 -18.16 0.33 0.15
CA ASP A 50 -18.73 0.49 1.51
C ASP A 50 -18.06 1.62 2.30
N LYS A 51 -16.76 1.86 2.07
CA LYS A 51 -16.02 3.03 2.57
C LYS A 51 -15.33 3.88 1.48
N GLY A 52 -15.08 3.32 0.29
CA GLY A 52 -14.43 4.03 -0.84
C GLY A 52 -12.90 4.02 -0.75
N PHE A 53 -12.32 2.86 -0.40
CA PHE A 53 -10.89 2.63 -0.21
C PHE A 53 -10.45 1.28 -0.82
N GLY A 54 -9.17 1.21 -1.18
CA GLY A 54 -8.54 0.05 -1.81
C GLY A 54 -7.18 -0.30 -1.23
N PHE A 55 -6.75 -1.52 -1.50
CA PHE A 55 -5.51 -2.14 -1.05
C PHE A 55 -4.88 -2.91 -2.22
N ILE A 56 -3.55 -2.84 -2.36
CA ILE A 56 -2.79 -3.53 -3.40
C ILE A 56 -1.41 -3.91 -2.88
N ARG A 57 -0.92 -5.11 -3.23
CA ARG A 57 0.33 -5.68 -2.69
C ARG A 57 1.28 -6.07 -3.82
N LEU A 58 2.44 -5.41 -3.91
CA LEU A 58 3.39 -5.62 -5.02
C LEU A 58 4.43 -6.69 -4.67
N GLU A 59 5.20 -7.16 -5.65
CA GLU A 59 6.10 -8.31 -5.47
C GLU A 59 7.39 -7.98 -4.70
N THR A 60 7.78 -6.69 -4.61
CA THR A 60 8.99 -6.24 -3.89
C THR A 60 8.76 -4.90 -3.20
N ARG A 61 9.56 -4.65 -2.15
CA ARG A 61 9.62 -3.36 -1.47
C ARG A 61 10.06 -2.22 -2.40
N THR A 62 10.98 -2.49 -3.34
CA THR A 62 11.51 -1.53 -4.33
C THR A 62 10.39 -1.03 -5.24
N LEU A 63 9.61 -1.94 -5.82
CA LEU A 63 8.46 -1.58 -6.66
C LEU A 63 7.38 -0.88 -5.84
N ALA A 64 7.12 -1.28 -4.59
CA ALA A 64 6.15 -0.61 -3.71
C ALA A 64 6.57 0.84 -3.36
N GLU A 65 7.86 1.11 -3.14
CA GLU A 65 8.38 2.47 -2.95
C GLU A 65 8.23 3.32 -4.21
N ILE A 66 8.65 2.81 -5.37
CA ILE A 66 8.53 3.53 -6.65
C ILE A 66 7.06 3.84 -6.95
N ALA A 67 6.17 2.86 -6.83
CA ALA A 67 4.73 3.05 -7.01
C ALA A 67 4.16 4.08 -6.03
N LYS A 68 4.50 4.03 -4.74
CA LYS A 68 4.06 5.03 -3.75
C LYS A 68 4.56 6.44 -4.11
N VAL A 69 5.81 6.59 -4.54
CA VAL A 69 6.37 7.90 -4.95
C VAL A 69 5.72 8.42 -6.25
N GLU A 70 5.39 7.53 -7.19
CA GLU A 70 4.84 7.89 -8.51
C GLU A 70 3.32 8.17 -8.49
N LEU A 71 2.55 7.51 -7.61
CA LEU A 71 1.08 7.52 -7.62
C LEU A 71 0.43 8.40 -6.54
N ASP A 72 1.15 8.75 -5.47
CA ASP A 72 0.62 9.61 -4.41
C ASP A 72 0.38 11.05 -4.91
N ASN A 73 -0.85 11.52 -4.65
CA ASN A 73 -1.41 12.82 -5.06
C ASN A 73 -1.70 12.90 -6.59
N MET A 74 -1.77 11.77 -7.30
CA MET A 74 -2.14 11.71 -8.73
C MET A 74 -3.65 11.89 -8.93
N PRO A 75 -4.10 12.67 -9.94
CA PRO A 75 -5.50 12.83 -10.28
C PRO A 75 -6.05 11.62 -11.05
N LEU A 76 -7.31 11.25 -10.77
CA LEU A 76 -8.07 10.20 -11.47
C LEU A 76 -9.55 10.57 -11.53
N ARG A 77 -10.10 10.79 -12.74
CA ARG A 77 -11.52 11.05 -13.01
C ARG A 77 -12.10 12.28 -12.26
N GLY A 78 -11.25 13.25 -11.90
CA GLY A 78 -11.61 14.45 -11.12
C GLY A 78 -11.47 14.30 -9.59
N LYS A 79 -11.08 13.12 -9.11
CA LYS A 79 -10.69 12.84 -7.71
C LYS A 79 -9.16 12.81 -7.57
N GLN A 80 -8.66 12.85 -6.32
CA GLN A 80 -7.24 12.64 -5.99
C GLN A 80 -6.99 11.15 -5.67
N LEU A 81 -5.73 10.77 -5.44
CA LEU A 81 -5.33 9.44 -4.98
C LEU A 81 -4.27 9.58 -3.90
N ARG A 82 -4.61 9.26 -2.65
CA ARG A 82 -3.65 9.28 -1.54
C ARG A 82 -3.08 7.88 -1.34
N VAL A 83 -1.76 7.72 -1.41
CA VAL A 83 -1.09 6.41 -1.35
C VAL A 83 -0.07 6.37 -0.20
N ARG A 84 -0.22 5.36 0.67
CA ARG A 84 0.64 5.10 1.84
C ARG A 84 0.90 3.60 2.00
N PHE A 85 1.87 3.22 2.84
CA PHE A 85 2.12 1.81 3.19
C PHE A 85 1.10 1.31 4.24
N ALA A 86 0.54 0.12 4.03
CA ALA A 86 -0.35 -0.56 4.98
C ALA A 86 0.45 -1.48 5.91
N CYS A 87 1.06 -0.88 6.94
CA CYS A 87 1.92 -1.55 7.94
C CYS A 87 2.10 -0.66 9.18
N HIS A 88 2.48 -1.23 10.32
CA HIS A 88 2.62 -0.54 11.62
C HIS A 88 3.67 0.59 11.62
N SER A 89 4.65 0.55 10.71
CA SER A 89 5.61 1.64 10.44
C SER A 89 6.49 2.00 11.65
N ALA A 90 6.76 1.04 12.53
CA ALA A 90 7.45 1.22 13.81
C ALA A 90 8.39 0.04 14.13
N SER A 91 9.51 0.34 14.80
CA SER A 91 10.62 -0.58 15.10
C SER A 91 11.60 0.07 16.10
N LEU A 92 12.50 -0.72 16.68
CA LEU A 92 13.55 -0.23 17.57
C LEU A 92 14.58 0.65 16.82
N THR A 93 15.07 1.69 17.50
CA THR A 93 16.17 2.56 17.04
C THR A 93 17.51 2.00 17.45
N SER A 94 18.55 2.24 16.66
CA SER A 94 19.94 1.94 17.02
C SER A 94 20.43 2.84 18.17
N GLY A 95 21.23 2.28 19.09
CA GLY A 95 21.77 3.02 20.24
C GLY A 95 22.74 4.13 19.82
N PRO A 96 22.79 5.27 20.54
CA PRO A 96 23.63 6.41 20.19
C PRO A 96 25.12 6.07 20.34
N SER A 97 25.92 6.53 19.39
CA SER A 97 27.36 6.22 19.28
C SER A 97 28.22 7.50 19.26
N SER A 98 27.77 8.52 20.00
CA SER A 98 28.40 9.84 20.11
C SER A 98 28.13 10.44 21.51
N GLY A 99 29.17 11.00 22.15
CA GLY A 99 29.14 11.52 23.53
C GLY A 99 29.33 10.41 24.58
N GLY A 1 -13.79 -23.11 -2.69
CA GLY A 1 -14.85 -22.49 -1.86
C GLY A 1 -15.12 -23.30 -0.60
N SER A 2 -15.63 -22.65 0.45
CA SER A 2 -16.09 -23.29 1.71
C SER A 2 -14.94 -23.99 2.49
N SER A 3 -13.73 -23.41 2.47
CA SER A 3 -12.52 -23.98 3.08
C SER A 3 -11.54 -22.90 3.57
N GLY A 4 -10.93 -23.12 4.74
CA GLY A 4 -9.99 -22.21 5.40
C GLY A 4 -8.58 -22.83 5.47
N SER A 5 -8.22 -23.34 6.65
CA SER A 5 -6.99 -24.13 6.90
C SER A 5 -5.69 -23.31 6.78
N SER A 6 -5.75 -21.99 6.97
CA SER A 6 -4.63 -21.05 6.85
C SER A 6 -4.85 -19.78 7.70
N GLY A 7 -3.76 -19.15 8.15
CA GLY A 7 -3.77 -17.97 9.03
C GLY A 7 -2.40 -17.67 9.67
N GLY A 8 -2.42 -16.93 10.78
CA GLY A 8 -1.24 -16.52 11.54
C GLY A 8 -0.64 -15.18 11.10
N GLU A 9 0.45 -14.79 11.76
CA GLU A 9 1.16 -13.51 11.60
C GLU A 9 2.54 -13.60 12.26
N LYS A 10 3.55 -12.92 11.68
CA LYS A 10 4.90 -12.81 12.25
C LYS A 10 5.04 -11.50 13.04
N THR A 11 5.67 -11.57 14.23
CA THR A 11 5.91 -10.41 15.14
C THR A 11 6.76 -9.32 14.50
N PHE A 12 7.65 -9.70 13.57
CA PHE A 12 8.50 -8.79 12.79
C PHE A 12 8.47 -9.22 11.31
N THR A 13 8.23 -8.26 10.41
CA THR A 13 8.06 -8.48 8.96
C THR A 13 8.14 -7.15 8.20
N GLN A 14 8.18 -7.21 6.87
CA GLN A 14 8.33 -6.07 5.96
C GLN A 14 7.42 -6.28 4.73
N ARG A 15 6.12 -6.02 4.90
CA ARG A 15 5.11 -6.18 3.85
C ARG A 15 5.27 -5.15 2.71
N SER A 16 5.03 -5.61 1.49
CA SER A 16 5.10 -4.80 0.25
C SER A 16 3.70 -4.32 -0.21
N ARG A 17 2.78 -4.12 0.75
CA ARG A 17 1.38 -3.75 0.50
C ARG A 17 1.16 -2.25 0.65
N LEU A 18 0.49 -1.67 -0.33
CA LEU A 18 0.05 -0.28 -0.40
C LEU A 18 -1.45 -0.17 -0.10
N PHE A 19 -1.83 0.99 0.42
CA PHE A 19 -3.17 1.38 0.85
C PHE A 19 -3.55 2.67 0.12
N VAL A 20 -4.70 2.68 -0.57
CA VAL A 20 -5.10 3.75 -1.49
C VAL A 20 -6.44 4.33 -1.04
N GLY A 21 -6.41 5.60 -0.58
CA GLY A 21 -7.60 6.39 -0.23
C GLY A 21 -8.05 7.29 -1.37
N ASN A 22 -9.26 7.84 -1.23
CA ASN A 22 -9.89 8.79 -2.17
C ASN A 22 -10.18 8.17 -3.56
N LEU A 23 -10.37 6.84 -3.64
CA LEU A 23 -10.74 6.17 -4.89
C LEU A 23 -12.10 6.66 -5.41
N PRO A 24 -12.28 6.77 -6.75
CA PRO A 24 -13.51 7.24 -7.37
C PRO A 24 -14.65 6.22 -7.23
N PRO A 25 -15.92 6.64 -7.41
CA PRO A 25 -17.10 5.74 -7.34
C PRO A 25 -17.22 4.78 -8.53
N ASP A 26 -16.23 4.72 -9.44
CA ASP A 26 -16.27 3.96 -10.70
C ASP A 26 -14.93 3.25 -11.06
N ILE A 27 -14.05 3.06 -10.08
CA ILE A 27 -12.84 2.21 -10.21
C ILE A 27 -13.24 0.71 -10.22
N THR A 28 -12.45 -0.12 -10.90
CA THR A 28 -12.56 -1.59 -10.87
C THR A 28 -11.21 -2.21 -10.52
N GLU A 29 -11.22 -3.49 -10.12
CA GLU A 29 -10.01 -4.29 -9.94
C GLU A 29 -9.17 -4.35 -11.23
N GLU A 30 -9.82 -4.34 -12.41
CA GLU A 30 -9.15 -4.31 -13.71
C GLU A 30 -8.44 -2.95 -13.95
N GLU A 31 -9.09 -1.84 -13.60
CA GLU A 31 -8.47 -0.51 -13.69
C GLU A 31 -7.30 -0.37 -12.71
N MET A 32 -7.42 -0.89 -11.49
CA MET A 32 -6.33 -0.86 -10.49
C MET A 32 -5.14 -1.73 -10.93
N ARG A 33 -5.41 -2.90 -11.54
CA ARG A 33 -4.39 -3.77 -12.15
C ARG A 33 -3.66 -3.08 -13.31
N LYS A 34 -4.38 -2.30 -14.14
CA LYS A 34 -3.82 -1.52 -15.24
C LYS A 34 -3.00 -0.32 -14.73
N LEU A 35 -3.51 0.45 -13.76
CA LEU A 35 -2.82 1.58 -13.12
C LEU A 35 -1.46 1.20 -12.52
N PHE A 36 -1.29 -0.05 -12.09
CA PHE A 36 -0.08 -0.58 -11.47
C PHE A 36 0.71 -1.53 -12.41
N GLU A 37 0.34 -1.62 -13.71
CA GLU A 37 0.93 -2.59 -14.64
C GLU A 37 2.43 -2.38 -14.92
N LYS A 38 2.93 -1.15 -14.71
CA LYS A 38 4.36 -0.80 -14.73
C LYS A 38 5.19 -1.61 -13.72
N TYR A 39 4.56 -2.04 -12.63
CA TYR A 39 5.18 -2.75 -11.50
C TYR A 39 4.93 -4.28 -11.56
N GLY A 40 4.41 -4.79 -12.67
CA GLY A 40 4.05 -6.19 -12.87
C GLY A 40 2.66 -6.53 -12.33
N LYS A 41 2.35 -7.82 -12.23
CA LYS A 41 1.09 -8.33 -11.67
C LYS A 41 1.15 -8.29 -10.12
N ALA A 42 0.19 -7.61 -9.49
CA ALA A 42 0.07 -7.56 -8.02
C ALA A 42 -0.37 -8.92 -7.45
N GLY A 43 0.15 -9.27 -6.27
CA GLY A 43 -0.12 -10.53 -5.57
C GLY A 43 -1.38 -10.49 -4.67
N GLU A 44 -1.96 -9.31 -4.48
CA GLU A 44 -3.23 -9.07 -3.79
C GLU A 44 -3.82 -7.74 -4.30
N VAL A 45 -5.11 -7.72 -4.62
CA VAL A 45 -5.87 -6.51 -5.00
C VAL A 45 -7.27 -6.56 -4.37
N PHE A 46 -7.65 -5.51 -3.63
CA PHE A 46 -8.96 -5.34 -2.99
C PHE A 46 -9.44 -3.89 -3.08
N ILE A 47 -10.74 -3.70 -3.33
CA ILE A 47 -11.43 -2.39 -3.35
C ILE A 47 -12.80 -2.57 -2.69
N HIS A 48 -13.16 -1.70 -1.76
CA HIS A 48 -14.46 -1.71 -1.08
C HIS A 48 -15.23 -0.39 -1.29
N LYS A 49 -16.29 -0.44 -2.10
CA LYS A 49 -17.04 0.75 -2.56
C LYS A 49 -17.94 1.40 -1.49
N ASP A 50 -18.26 0.68 -0.41
CA ASP A 50 -19.04 1.20 0.73
C ASP A 50 -18.19 2.06 1.69
N LYS A 51 -16.85 1.92 1.64
CA LYS A 51 -15.89 2.71 2.43
C LYS A 51 -15.10 3.74 1.59
N GLY A 52 -14.85 3.45 0.30
CA GLY A 52 -14.11 4.33 -0.63
C GLY A 52 -12.59 4.14 -0.60
N PHE A 53 -12.13 2.94 -0.26
CA PHE A 53 -10.72 2.59 -0.07
C PHE A 53 -10.35 1.27 -0.78
N GLY A 54 -9.06 1.11 -1.08
CA GLY A 54 -8.48 -0.11 -1.63
C GLY A 54 -7.06 -0.41 -1.14
N PHE A 55 -6.61 -1.63 -1.37
CA PHE A 55 -5.30 -2.16 -0.99
C PHE A 55 -4.71 -2.96 -2.17
N ILE A 56 -3.38 -2.94 -2.31
CA ILE A 56 -2.68 -3.58 -3.43
C ILE A 56 -1.24 -3.96 -3.04
N ARG A 57 -0.85 -5.22 -3.25
CA ARG A 57 0.43 -5.78 -2.78
C ARG A 57 1.32 -6.15 -3.96
N LEU A 58 2.52 -5.55 -4.02
CA LEU A 58 3.46 -5.73 -5.14
C LEU A 58 4.53 -6.79 -4.79
N GLU A 59 5.29 -7.25 -5.78
CA GLU A 59 6.17 -8.42 -5.61
C GLU A 59 7.40 -8.17 -4.70
N THR A 60 7.84 -6.90 -4.56
CA THR A 60 8.98 -6.47 -3.73
C THR A 60 8.72 -5.11 -3.10
N ARG A 61 9.47 -4.78 -2.04
CA ARG A 61 9.44 -3.45 -1.44
C ARG A 61 9.91 -2.36 -2.42
N THR A 62 10.85 -2.69 -3.33
CA THR A 62 11.37 -1.76 -4.35
C THR A 62 10.25 -1.31 -5.28
N LEU A 63 9.44 -2.25 -5.77
CA LEU A 63 8.24 -1.94 -6.57
C LEU A 63 7.25 -1.09 -5.77
N ALA A 64 6.98 -1.45 -4.51
CA ALA A 64 6.06 -0.71 -3.64
C ALA A 64 6.54 0.72 -3.31
N GLU A 65 7.85 0.94 -3.15
CA GLU A 65 8.46 2.25 -2.92
C GLU A 65 8.36 3.14 -4.18
N ILE A 66 8.65 2.59 -5.36
CA ILE A 66 8.48 3.32 -6.64
C ILE A 66 7.01 3.68 -6.83
N ALA A 67 6.09 2.72 -6.74
CA ALA A 67 4.66 2.94 -6.89
C ALA A 67 4.10 3.96 -5.87
N LYS A 68 4.52 3.89 -4.61
CA LYS A 68 4.22 4.89 -3.58
C LYS A 68 4.58 6.31 -4.03
N VAL A 69 5.80 6.52 -4.53
CA VAL A 69 6.27 7.85 -4.93
C VAL A 69 5.63 8.32 -6.26
N GLU A 70 5.41 7.41 -7.21
CA GLU A 70 4.88 7.74 -8.54
C GLU A 70 3.37 8.00 -8.57
N LEU A 71 2.60 7.51 -7.58
CA LEU A 71 1.14 7.58 -7.54
C LEU A 71 0.58 8.53 -6.47
N ASP A 72 1.44 9.19 -5.68
CA ASP A 72 1.01 10.07 -4.58
C ASP A 72 0.25 11.32 -5.08
N ASN A 73 -0.96 11.52 -4.53
CA ASN A 73 -1.93 12.55 -4.93
C ASN A 73 -2.33 12.50 -6.42
N MET A 74 -2.19 11.35 -7.09
CA MET A 74 -2.39 11.26 -8.55
C MET A 74 -3.85 11.57 -8.93
N PRO A 75 -4.09 12.40 -9.95
CA PRO A 75 -5.43 12.71 -10.43
C PRO A 75 -6.00 11.51 -11.21
N LEU A 76 -7.19 11.07 -10.83
CA LEU A 76 -8.02 10.08 -11.53
C LEU A 76 -9.46 10.59 -11.55
N ARG A 77 -9.93 11.03 -12.73
CA ARG A 77 -11.33 11.41 -12.99
C ARG A 77 -11.84 12.54 -12.05
N GLY A 78 -10.93 13.42 -11.61
CA GLY A 78 -11.18 14.56 -10.70
C GLY A 78 -10.87 14.28 -9.22
N LYS A 79 -10.51 13.05 -8.84
CA LYS A 79 -10.15 12.66 -7.47
C LYS A 79 -8.61 12.56 -7.32
N GLN A 80 -8.06 12.96 -6.17
CA GLN A 80 -6.62 12.88 -5.89
C GLN A 80 -6.35 11.68 -4.96
N LEU A 81 -5.58 10.73 -5.47
CA LEU A 81 -5.37 9.42 -4.85
C LEU A 81 -4.30 9.46 -3.75
N ARG A 82 -4.67 9.13 -2.50
CA ARG A 82 -3.79 9.21 -1.34
C ARG A 82 -3.17 7.85 -1.04
N VAL A 83 -1.89 7.65 -1.34
CA VAL A 83 -1.20 6.35 -1.28
C VAL A 83 -0.30 6.26 -0.04
N ARG A 84 -0.44 5.19 0.74
CA ARG A 84 0.29 4.90 1.98
C ARG A 84 0.79 3.44 2.00
N PHE A 85 1.64 3.08 2.96
CA PHE A 85 2.02 1.68 3.23
C PHE A 85 1.06 1.05 4.26
N ALA A 86 0.70 -0.22 4.05
CA ALA A 86 -0.20 -0.99 4.92
C ALA A 86 0.58 -1.83 5.96
N CYS A 87 1.28 -1.14 6.87
CA CYS A 87 2.16 -1.72 7.91
C CYS A 87 2.39 -0.76 9.09
N HIS A 88 3.06 -1.27 10.13
CA HIS A 88 3.40 -0.53 11.36
C HIS A 88 4.66 -1.10 12.05
N SER A 89 5.54 -0.23 12.54
CA SER A 89 6.81 -0.55 13.20
C SER A 89 7.40 0.71 13.88
N ALA A 90 8.64 0.61 14.41
CA ALA A 90 9.40 1.71 14.99
C ALA A 90 10.87 1.62 14.57
N SER A 91 11.35 2.61 13.82
CA SER A 91 12.70 2.67 13.24
C SER A 91 13.61 3.65 14.03
N LEU A 92 13.45 3.66 15.36
CA LEU A 92 14.04 4.61 16.30
C LEU A 92 14.61 3.88 17.53
N THR A 93 15.40 4.61 18.34
CA THR A 93 16.04 4.14 19.58
C THR A 93 16.36 5.32 20.49
N SER A 94 16.56 5.06 21.77
CA SER A 94 16.85 6.07 22.80
C SER A 94 18.33 6.50 22.81
N GLY A 95 18.59 7.80 22.99
CA GLY A 95 19.94 8.38 23.07
C GLY A 95 20.77 7.89 24.27
N PRO A 96 20.27 8.02 25.53
CA PRO A 96 20.97 7.58 26.74
C PRO A 96 20.76 6.07 26.98
N SER A 97 21.22 5.24 26.04
CA SER A 97 21.16 3.78 26.12
C SER A 97 22.30 3.16 26.97
N SER A 98 22.02 2.00 27.58
CA SER A 98 22.95 1.27 28.48
C SER A 98 22.77 -0.25 28.36
N GLY A 99 23.87 -1.01 28.46
CA GLY A 99 23.90 -2.48 28.38
C GLY A 99 25.31 -3.05 28.36
N GLY A 1 -7.64 -25.25 -7.82
CA GLY A 1 -7.17 -24.00 -7.17
C GLY A 1 -6.08 -24.27 -6.14
N SER A 2 -5.37 -23.23 -5.72
CA SER A 2 -4.31 -23.31 -4.69
C SER A 2 -4.91 -23.19 -3.27
N SER A 3 -4.54 -24.09 -2.37
CA SER A 3 -4.99 -24.07 -0.96
C SER A 3 -4.14 -23.11 -0.11
N GLY A 4 -4.67 -21.90 0.11
CA GLY A 4 -4.03 -20.82 0.88
C GLY A 4 -4.44 -20.82 2.36
N SER A 5 -4.75 -19.64 2.88
CA SER A 5 -5.04 -19.38 4.30
C SER A 5 -5.85 -18.08 4.49
N SER A 6 -6.17 -17.71 5.73
CA SER A 6 -6.93 -16.50 6.09
C SER A 6 -6.55 -16.00 7.49
N GLY A 7 -6.67 -14.68 7.72
CA GLY A 7 -6.26 -14.02 8.97
C GLY A 7 -4.76 -13.66 9.04
N GLY A 8 -4.05 -13.72 7.91
CA GLY A 8 -2.61 -13.43 7.79
C GLY A 8 -1.73 -14.66 7.99
N GLU A 9 -0.52 -14.46 8.52
CA GLU A 9 0.51 -15.48 8.72
C GLU A 9 1.45 -15.07 9.88
N LYS A 10 1.93 -16.05 10.65
CA LYS A 10 2.64 -15.80 11.91
C LYS A 10 4.15 -15.48 11.77
N THR A 11 4.73 -15.69 10.57
CA THR A 11 6.16 -15.45 10.25
C THR A 11 6.38 -14.03 9.72
N PHE A 12 7.64 -13.66 9.50
CA PHE A 12 8.04 -12.37 8.95
C PHE A 12 7.40 -12.13 7.57
N THR A 13 6.80 -10.94 7.39
CA THR A 13 5.96 -10.57 6.24
C THR A 13 6.42 -9.23 5.67
N GLN A 14 6.44 -9.12 4.34
CA GLN A 14 6.89 -7.93 3.61
C GLN A 14 5.95 -6.72 3.76
N ARG A 15 6.50 -5.51 3.67
CA ARG A 15 5.78 -4.24 3.77
C ARG A 15 5.47 -3.58 2.42
N SER A 16 5.41 -4.36 1.33
CA SER A 16 5.05 -3.89 -0.02
C SER A 16 3.54 -3.69 -0.25
N ARG A 17 2.72 -3.78 0.80
CA ARG A 17 1.30 -3.46 0.79
C ARG A 17 1.08 -1.95 0.81
N LEU A 18 0.41 -1.44 -0.22
CA LEU A 18 0.05 -0.04 -0.39
C LEU A 18 -1.45 0.16 -0.11
N PHE A 19 -1.74 1.21 0.65
CA PHE A 19 -3.06 1.77 0.94
C PHE A 19 -3.34 2.87 -0.10
N VAL A 20 -4.54 2.88 -0.68
CA VAL A 20 -4.94 3.85 -1.72
C VAL A 20 -6.30 4.44 -1.34
N GLY A 21 -6.30 5.69 -0.90
CA GLY A 21 -7.48 6.43 -0.44
C GLY A 21 -7.99 7.45 -1.45
N ASN A 22 -9.24 7.88 -1.23
CA ASN A 22 -9.96 8.86 -2.06
C ASN A 22 -10.31 8.31 -3.47
N LEU A 23 -10.47 6.98 -3.60
CA LEU A 23 -10.75 6.32 -4.89
C LEU A 23 -12.10 6.77 -5.47
N PRO A 24 -12.21 6.87 -6.82
CA PRO A 24 -13.43 7.27 -7.52
C PRO A 24 -14.51 6.17 -7.45
N PRO A 25 -15.77 6.48 -7.80
CA PRO A 25 -16.86 5.50 -7.86
C PRO A 25 -16.76 4.56 -9.08
N ASP A 26 -15.82 4.80 -10.01
CA ASP A 26 -15.71 4.10 -11.30
C ASP A 26 -14.53 3.11 -11.38
N ILE A 27 -13.75 2.95 -10.30
CA ILE A 27 -12.56 2.07 -10.29
C ILE A 27 -12.97 0.59 -10.21
N THR A 28 -12.21 -0.27 -10.92
CA THR A 28 -12.36 -1.73 -10.94
C THR A 28 -11.04 -2.41 -10.64
N GLU A 29 -11.07 -3.71 -10.35
CA GLU A 29 -9.86 -4.52 -10.20
C GLU A 29 -9.00 -4.50 -11.49
N GLU A 30 -9.62 -4.39 -12.67
CA GLU A 30 -8.94 -4.27 -13.96
C GLU A 30 -8.25 -2.91 -14.12
N GLU A 31 -8.89 -1.81 -13.71
CA GLU A 31 -8.26 -0.48 -13.71
C GLU A 31 -7.13 -0.41 -12.69
N MET A 32 -7.32 -0.98 -11.49
CA MET A 32 -6.29 -1.02 -10.45
C MET A 32 -5.08 -1.87 -10.88
N ARG A 33 -5.30 -2.99 -11.58
CA ARG A 33 -4.21 -3.76 -12.18
C ARG A 33 -3.48 -2.92 -13.24
N LYS A 34 -4.20 -2.28 -14.15
CA LYS A 34 -3.63 -1.44 -15.22
C LYS A 34 -2.81 -0.24 -14.67
N LEU A 35 -3.28 0.40 -13.60
CA LEU A 35 -2.60 1.51 -12.90
C LEU A 35 -1.25 1.11 -12.26
N PHE A 36 -1.10 -0.15 -11.84
CA PHE A 36 0.08 -0.67 -11.16
C PHE A 36 0.92 -1.64 -12.01
N GLU A 37 0.47 -1.99 -13.23
CA GLU A 37 1.08 -2.97 -14.13
C GLU A 37 2.52 -2.66 -14.56
N LYS A 38 2.88 -1.37 -14.60
CA LYS A 38 4.26 -0.89 -14.81
C LYS A 38 5.26 -1.47 -13.79
N TYR A 39 4.77 -1.88 -12.62
CA TYR A 39 5.53 -2.45 -11.49
C TYR A 39 5.30 -3.98 -11.35
N GLY A 40 4.72 -4.61 -12.38
CA GLY A 40 4.33 -6.03 -12.41
C GLY A 40 2.90 -6.25 -11.93
N LYS A 41 2.41 -7.48 -12.07
CA LYS A 41 1.10 -7.89 -11.54
C LYS A 41 1.12 -7.95 -10.00
N ALA A 42 0.11 -7.37 -9.36
CA ALA A 42 -0.04 -7.36 -7.90
C ALA A 42 -0.38 -8.76 -7.34
N GLY A 43 0.13 -9.09 -6.15
CA GLY A 43 -0.11 -10.35 -5.44
C GLY A 43 -1.41 -10.35 -4.60
N GLU A 44 -2.02 -9.19 -4.41
CA GLU A 44 -3.29 -8.97 -3.71
C GLU A 44 -3.89 -7.64 -4.19
N VAL A 45 -5.19 -7.60 -4.47
CA VAL A 45 -5.95 -6.39 -4.83
C VAL A 45 -7.31 -6.43 -4.10
N PHE A 46 -7.66 -5.35 -3.41
CA PHE A 46 -8.97 -5.14 -2.76
C PHE A 46 -9.43 -3.69 -2.91
N ILE A 47 -10.72 -3.49 -3.16
CA ILE A 47 -11.36 -2.18 -3.37
C ILE A 47 -12.72 -2.19 -2.65
N HIS A 48 -12.92 -1.27 -1.70
CA HIS A 48 -14.12 -1.21 -0.85
C HIS A 48 -14.92 0.09 -1.09
N LYS A 49 -15.96 0.00 -1.91
CA LYS A 49 -16.78 1.15 -2.35
C LYS A 49 -17.70 1.74 -1.26
N ASP A 50 -17.93 1.02 -0.16
CA ASP A 50 -18.72 1.48 0.99
C ASP A 50 -17.97 2.54 1.84
N LYS A 51 -16.63 2.56 1.77
CA LYS A 51 -15.76 3.51 2.49
C LYS A 51 -14.93 4.43 1.56
N GLY A 52 -14.63 4.01 0.33
CA GLY A 52 -13.86 4.79 -0.66
C GLY A 52 -12.35 4.55 -0.62
N PHE A 53 -11.92 3.36 -0.18
CA PHE A 53 -10.53 2.98 0.05
C PHE A 53 -10.21 1.60 -0.57
N GLY A 54 -8.95 1.43 -0.98
CA GLY A 54 -8.42 0.19 -1.55
C GLY A 54 -7.00 -0.13 -1.06
N PHE A 55 -6.59 -1.36 -1.34
CA PHE A 55 -5.32 -1.96 -0.90
C PHE A 55 -4.73 -2.78 -2.05
N ILE A 56 -3.40 -2.77 -2.20
CA ILE A 56 -2.70 -3.48 -3.28
C ILE A 56 -1.28 -3.88 -2.86
N ARG A 57 -0.90 -5.14 -3.07
CA ARG A 57 0.41 -5.70 -2.70
C ARG A 57 1.29 -5.88 -3.93
N LEU A 58 2.47 -5.26 -3.96
CA LEU A 58 3.44 -5.44 -5.05
C LEU A 58 4.52 -6.47 -4.68
N GLU A 59 5.32 -6.91 -5.64
CA GLU A 59 6.26 -8.03 -5.45
C GLU A 59 7.40 -7.71 -4.47
N THR A 60 7.85 -6.45 -4.42
CA THR A 60 8.96 -5.98 -3.56
C THR A 60 8.69 -4.61 -2.96
N ARG A 61 9.39 -4.30 -1.86
CA ARG A 61 9.36 -2.98 -1.23
C ARG A 61 9.84 -1.85 -2.16
N THR A 62 10.78 -2.14 -3.07
CA THR A 62 11.34 -1.19 -4.05
C THR A 62 10.30 -0.80 -5.09
N LEU A 63 9.60 -1.80 -5.65
CA LEU A 63 8.47 -1.57 -6.56
C LEU A 63 7.36 -0.76 -5.88
N ALA A 64 7.04 -1.07 -4.62
CA ALA A 64 6.05 -0.35 -3.83
C ALA A 64 6.45 1.09 -3.49
N GLU A 65 7.73 1.38 -3.24
CA GLU A 65 8.23 2.76 -3.06
C GLU A 65 8.12 3.57 -4.36
N ILE A 66 8.55 3.00 -5.50
CA ILE A 66 8.43 3.64 -6.81
C ILE A 66 6.96 3.92 -7.15
N ALA A 67 6.07 2.94 -6.98
CA ALA A 67 4.64 3.12 -7.18
C ALA A 67 4.05 4.20 -6.26
N LYS A 68 4.40 4.21 -4.96
CA LYS A 68 3.98 5.27 -4.04
C LYS A 68 4.42 6.65 -4.53
N VAL A 69 5.70 6.80 -4.90
CA VAL A 69 6.25 8.08 -5.40
C VAL A 69 5.58 8.52 -6.71
N GLU A 70 5.22 7.59 -7.60
CA GLU A 70 4.60 7.88 -8.89
C GLU A 70 3.07 8.09 -8.84
N LEU A 71 2.36 7.54 -7.84
CA LEU A 71 0.89 7.52 -7.78
C LEU A 71 0.29 8.41 -6.69
N ASP A 72 1.05 8.82 -5.67
CA ASP A 72 0.52 9.73 -4.64
C ASP A 72 0.17 11.11 -5.21
N ASN A 73 -1.05 11.55 -4.93
CA ASN A 73 -1.69 12.78 -5.44
C ASN A 73 -1.81 12.81 -6.98
N MET A 74 -1.87 11.63 -7.62
CA MET A 74 -2.20 11.50 -9.04
C MET A 74 -3.72 11.74 -9.25
N PRO A 75 -4.12 12.50 -10.30
CA PRO A 75 -5.51 12.70 -10.65
C PRO A 75 -6.09 11.47 -11.37
N LEU A 76 -7.31 11.08 -10.99
CA LEU A 76 -8.11 10.01 -11.62
C LEU A 76 -9.59 10.40 -11.55
N ARG A 77 -10.29 10.46 -12.69
CA ARG A 77 -11.74 10.75 -12.77
C ARG A 77 -12.15 12.10 -12.15
N GLY A 78 -11.21 13.05 -12.05
CA GLY A 78 -11.40 14.37 -11.41
C GLY A 78 -11.15 14.37 -9.88
N LYS A 79 -10.74 13.23 -9.31
CA LYS A 79 -10.40 13.05 -7.88
C LYS A 79 -8.88 12.94 -7.70
N GLN A 80 -8.34 13.40 -6.56
CA GLN A 80 -6.95 13.11 -6.18
C GLN A 80 -6.88 11.74 -5.47
N LEU A 81 -5.68 11.20 -5.26
CA LEU A 81 -5.45 9.88 -4.67
C LEU A 81 -4.41 9.95 -3.56
N ARG A 82 -4.71 9.44 -2.37
CA ARG A 82 -3.78 9.40 -1.22
C ARG A 82 -3.11 8.03 -1.17
N VAL A 83 -1.81 7.94 -1.45
CA VAL A 83 -1.09 6.65 -1.56
C VAL A 83 0.03 6.60 -0.52
N ARG A 84 0.01 5.55 0.31
CA ARG A 84 0.97 5.32 1.40
C ARG A 84 1.16 3.82 1.65
N PHE A 85 2.10 3.45 2.52
CA PHE A 85 2.23 2.07 3.01
C PHE A 85 1.13 1.72 4.03
N ALA A 86 0.69 0.46 4.00
CA ALA A 86 -0.33 -0.10 4.90
C ALA A 86 0.26 -0.65 6.21
N CYS A 87 1.49 -0.25 6.57
CA CYS A 87 2.23 -0.71 7.75
C CYS A 87 1.44 -0.55 9.06
N HIS A 88 1.36 -1.63 9.84
CA HIS A 88 0.79 -1.62 11.19
C HIS A 88 1.77 -1.01 12.23
N SER A 89 1.23 -0.60 13.38
CA SER A 89 2.03 -0.02 14.48
C SER A 89 1.38 -0.35 15.84
N ALA A 90 2.12 -1.07 16.70
CA ALA A 90 1.68 -1.55 18.00
C ALA A 90 2.90 -1.91 18.86
N SER A 91 3.11 -1.17 19.94
CA SER A 91 4.24 -1.30 20.88
C SER A 91 3.99 -0.45 22.14
N LEU A 92 4.73 -0.71 23.23
CA LEU A 92 4.61 -0.03 24.51
C LEU A 92 5.88 0.80 24.79
N THR A 93 5.71 2.05 25.24
CA THR A 93 6.78 2.98 25.61
C THR A 93 7.50 2.56 26.88
N SER A 94 6.81 1.86 27.79
CA SER A 94 7.41 1.26 28.98
C SER A 94 8.16 -0.04 28.63
N GLY A 95 9.46 -0.09 28.92
CA GLY A 95 10.34 -1.23 28.60
C GLY A 95 11.83 -0.84 28.69
N PRO A 96 12.48 -0.98 29.85
CA PRO A 96 13.86 -0.56 30.08
C PRO A 96 14.86 -1.53 29.44
N SER A 97 16.07 -1.02 29.14
CA SER A 97 17.19 -1.83 28.65
C SER A 97 17.92 -2.55 29.80
N SER A 98 18.45 -3.75 29.54
CA SER A 98 19.24 -4.53 30.52
C SER A 98 20.65 -3.96 30.74
N GLY A 99 21.15 -4.07 31.99
CA GLY A 99 22.47 -3.58 32.42
C GLY A 99 22.66 -3.63 33.94
N GLY A 1 8.21 20.49 19.43
CA GLY A 1 9.16 20.04 18.39
C GLY A 1 8.47 19.95 17.03
N SER A 2 8.98 19.08 16.14
CA SER A 2 8.38 18.82 14.82
C SER A 2 7.22 17.81 14.91
N SER A 3 6.42 17.68 13.85
CA SER A 3 5.19 16.87 13.76
C SER A 3 4.71 16.77 12.29
N GLY A 4 3.47 16.34 12.06
CA GLY A 4 2.79 16.33 10.75
C GLY A 4 3.47 15.36 9.78
N SER A 5 4.20 15.91 8.82
CA SER A 5 5.05 15.16 7.88
C SER A 5 6.22 14.42 8.56
N SER A 6 6.55 14.77 9.80
CA SER A 6 7.64 14.18 10.60
C SER A 6 7.11 13.63 11.93
N GLY A 7 6.17 12.67 11.86
CA GLY A 7 5.55 11.99 13.00
C GLY A 7 6.44 10.91 13.62
N GLY A 8 7.66 11.27 14.01
CA GLY A 8 8.69 10.37 14.56
C GLY A 8 9.59 9.74 13.48
N GLU A 9 10.51 8.89 13.94
CA GLU A 9 11.45 8.16 13.07
C GLU A 9 10.78 6.94 12.41
N LYS A 10 11.01 6.74 11.11
CA LYS A 10 10.47 5.61 10.34
C LYS A 10 11.05 4.24 10.76
N THR A 11 10.34 3.16 10.41
CA THR A 11 10.73 1.75 10.65
C THR A 11 10.66 0.95 9.35
N PHE A 12 11.40 -0.16 9.31
CA PHE A 12 11.40 -1.11 8.18
C PHE A 12 10.21 -2.08 8.27
N THR A 13 9.80 -2.61 7.11
CA THR A 13 8.66 -3.54 6.94
C THR A 13 8.98 -4.61 5.90
N GLN A 14 8.49 -5.82 6.14
CA GLN A 14 8.70 -7.01 5.29
C GLN A 14 7.46 -7.35 4.44
N ARG A 15 6.66 -6.33 4.09
CA ARG A 15 5.36 -6.47 3.42
C ARG A 15 5.14 -5.33 2.41
N SER A 16 4.85 -5.68 1.17
CA SER A 16 4.75 -4.76 0.01
C SER A 16 3.32 -4.26 -0.25
N ARG A 17 2.49 -4.17 0.81
CA ARG A 17 1.08 -3.78 0.75
C ARG A 17 0.91 -2.25 0.80
N LEU A 18 0.28 -1.70 -0.22
CA LEU A 18 -0.08 -0.29 -0.36
C LEU A 18 -1.58 -0.09 -0.12
N PHE A 19 -1.91 0.93 0.65
CA PHE A 19 -3.26 1.46 0.86
C PHE A 19 -3.54 2.54 -0.19
N VAL A 20 -4.74 2.55 -0.76
CA VAL A 20 -5.18 3.56 -1.73
C VAL A 20 -6.54 4.11 -1.31
N GLY A 21 -6.52 5.35 -0.80
CA GLY A 21 -7.68 6.12 -0.37
C GLY A 21 -8.14 7.14 -1.40
N ASN A 22 -9.33 7.70 -1.16
CA ASN A 22 -9.98 8.69 -2.04
C ASN A 22 -10.25 8.12 -3.46
N LEU A 23 -10.60 6.83 -3.54
CA LEU A 23 -10.87 6.17 -4.83
C LEU A 23 -12.14 6.74 -5.50
N PRO A 24 -12.18 6.81 -6.85
CA PRO A 24 -13.38 7.20 -7.58
C PRO A 24 -14.46 6.11 -7.51
N PRO A 25 -15.75 6.46 -7.73
CA PRO A 25 -16.86 5.50 -7.79
C PRO A 25 -16.86 4.65 -9.08
N ASP A 26 -15.90 4.90 -9.99
CA ASP A 26 -15.77 4.26 -11.32
C ASP A 26 -14.52 3.36 -11.43
N ILE A 27 -13.88 3.02 -10.30
CA ILE A 27 -12.71 2.14 -10.24
C ILE A 27 -13.15 0.65 -10.25
N THR A 28 -12.31 -0.22 -10.81
CA THR A 28 -12.46 -1.69 -10.81
C THR A 28 -11.14 -2.35 -10.49
N GLU A 29 -11.16 -3.67 -10.26
CA GLU A 29 -9.94 -4.47 -10.14
C GLU A 29 -9.07 -4.37 -11.41
N GLU A 30 -9.68 -4.28 -12.59
CA GLU A 30 -8.97 -4.19 -13.87
C GLU A 30 -8.31 -2.82 -14.07
N GLU A 31 -8.98 -1.72 -13.69
CA GLU A 31 -8.40 -0.38 -13.69
C GLU A 31 -7.26 -0.28 -12.68
N MET A 32 -7.46 -0.76 -11.45
CA MET A 32 -6.43 -0.74 -10.41
C MET A 32 -5.21 -1.61 -10.77
N ARG A 33 -5.42 -2.75 -11.45
CA ARG A 33 -4.35 -3.57 -12.01
C ARG A 33 -3.59 -2.80 -13.11
N LYS A 34 -4.29 -2.13 -14.03
CA LYS A 34 -3.67 -1.36 -15.12
C LYS A 34 -2.87 -0.16 -14.59
N LEU A 35 -3.39 0.57 -13.60
CA LEU A 35 -2.74 1.72 -12.94
C LEU A 35 -1.37 1.38 -12.30
N PHE A 36 -1.15 0.10 -11.95
CA PHE A 36 0.07 -0.38 -11.28
C PHE A 36 0.89 -1.36 -12.15
N GLU A 37 0.44 -1.72 -13.35
CA GLU A 37 1.03 -2.75 -14.21
C GLU A 37 2.47 -2.48 -14.67
N LYS A 38 2.86 -1.21 -14.76
CA LYS A 38 4.24 -0.78 -15.03
C LYS A 38 5.24 -1.23 -13.93
N TYR A 39 4.72 -1.52 -12.73
CA TYR A 39 5.46 -1.98 -11.55
C TYR A 39 5.25 -3.50 -11.32
N GLY A 40 4.94 -4.24 -12.39
CA GLY A 40 4.67 -5.68 -12.41
C GLY A 40 3.20 -6.00 -12.14
N LYS A 41 2.89 -7.30 -12.07
CA LYS A 41 1.54 -7.77 -11.71
C LYS A 41 1.17 -7.40 -10.25
N ALA A 42 -0.11 -7.08 -10.02
CA ALA A 42 -0.65 -6.92 -8.69
C ALA A 42 -0.83 -8.32 -8.04
N GLY A 43 -0.12 -8.56 -6.94
CA GLY A 43 -0.07 -9.85 -6.24
C GLY A 43 -1.26 -10.08 -5.30
N GLU A 44 -2.00 -9.02 -4.98
CA GLU A 44 -3.30 -9.03 -4.30
C GLU A 44 -4.00 -7.70 -4.55
N VAL A 45 -5.33 -7.69 -4.67
CA VAL A 45 -6.16 -6.51 -4.95
C VAL A 45 -7.50 -6.61 -4.20
N PHE A 46 -7.88 -5.53 -3.50
CA PHE A 46 -9.18 -5.35 -2.86
C PHE A 46 -9.67 -3.90 -3.01
N ILE A 47 -10.95 -3.73 -3.33
CA ILE A 47 -11.67 -2.44 -3.39
C ILE A 47 -13.06 -2.64 -2.80
N HIS A 48 -13.52 -1.69 -1.98
CA HIS A 48 -14.91 -1.67 -1.50
C HIS A 48 -15.52 -0.25 -1.46
N LYS A 49 -16.67 -0.09 -2.14
CA LYS A 49 -17.43 1.17 -2.21
C LYS A 49 -18.10 1.55 -0.87
N ASP A 50 -18.26 0.58 0.04
CA ASP A 50 -18.92 0.72 1.35
C ASP A 50 -18.33 1.84 2.20
N LYS A 51 -17.00 2.02 2.15
CA LYS A 51 -16.31 3.20 2.73
C LYS A 51 -15.49 4.00 1.68
N GLY A 52 -15.22 3.45 0.49
CA GLY A 52 -14.55 4.14 -0.62
C GLY A 52 -13.02 4.00 -0.60
N PHE A 53 -12.52 2.80 -0.28
CA PHE A 53 -11.10 2.51 -0.07
C PHE A 53 -10.68 1.19 -0.74
N GLY A 54 -9.37 1.06 -0.98
CA GLY A 54 -8.74 -0.15 -1.52
C GLY A 54 -7.31 -0.38 -1.03
N PHE A 55 -6.83 -1.60 -1.30
CA PHE A 55 -5.51 -2.10 -0.96
C PHE A 55 -4.94 -2.92 -2.12
N ILE A 56 -3.62 -2.89 -2.29
CA ILE A 56 -2.92 -3.58 -3.37
C ILE A 56 -1.52 -4.02 -2.91
N ARG A 57 -1.15 -5.28 -3.17
CA ARG A 57 0.19 -5.81 -2.91
C ARG A 57 0.97 -5.87 -4.22
N LEU A 58 2.19 -5.32 -4.26
CA LEU A 58 3.10 -5.49 -5.40
C LEU A 58 4.14 -6.58 -5.09
N GLU A 59 4.86 -7.06 -6.10
CA GLU A 59 5.70 -8.26 -5.96
C GLU A 59 7.02 -8.02 -5.20
N THR A 60 7.49 -6.76 -5.07
CA THR A 60 8.69 -6.38 -4.31
C THR A 60 8.51 -5.02 -3.63
N ARG A 61 9.24 -4.81 -2.52
CA ARG A 61 9.25 -3.54 -1.78
C ARG A 61 9.78 -2.36 -2.62
N THR A 62 10.75 -2.62 -3.52
CA THR A 62 11.33 -1.60 -4.42
C THR A 62 10.29 -1.08 -5.39
N LEU A 63 9.53 -1.98 -6.02
CA LEU A 63 8.44 -1.61 -6.92
C LEU A 63 7.29 -0.93 -6.17
N ALA A 64 7.00 -1.35 -4.92
CA ALA A 64 6.03 -0.67 -4.05
C ALA A 64 6.44 0.76 -3.66
N GLU A 65 7.72 1.01 -3.36
CA GLU A 65 8.22 2.37 -3.09
C GLU A 65 8.10 3.27 -4.33
N ILE A 66 8.55 2.79 -5.49
CA ILE A 66 8.46 3.52 -6.76
C ILE A 66 7.00 3.85 -7.09
N ALA A 67 6.10 2.86 -7.04
CA ALA A 67 4.67 3.07 -7.28
C ALA A 67 4.07 4.08 -6.28
N LYS A 68 4.38 3.96 -4.98
CA LYS A 68 3.92 4.91 -3.95
C LYS A 68 4.39 6.34 -4.27
N VAL A 69 5.66 6.54 -4.62
CA VAL A 69 6.19 7.87 -4.96
C VAL A 69 5.59 8.42 -6.27
N GLU A 70 5.32 7.56 -7.26
CA GLU A 70 4.77 7.96 -8.56
C GLU A 70 3.24 8.19 -8.57
N LEU A 71 2.48 7.58 -7.65
CA LEU A 71 1.01 7.57 -7.66
C LEU A 71 0.37 8.42 -6.54
N ASP A 72 1.09 8.80 -5.49
CA ASP A 72 0.53 9.61 -4.41
C ASP A 72 0.18 11.04 -4.85
N ASN A 73 -1.03 11.47 -4.47
CA ASN A 73 -1.68 12.74 -4.83
C ASN A 73 -2.03 12.86 -6.33
N MET A 74 -2.02 11.76 -7.09
CA MET A 74 -2.32 11.76 -8.52
C MET A 74 -3.82 12.01 -8.76
N PRO A 75 -4.18 12.88 -9.74
CA PRO A 75 -5.56 13.13 -10.11
C PRO A 75 -6.13 11.97 -10.94
N LEU A 76 -7.30 11.46 -10.55
CA LEU A 76 -8.08 10.44 -11.27
C LEU A 76 -9.57 10.80 -11.22
N ARG A 77 -10.17 11.14 -12.36
CA ARG A 77 -11.60 11.47 -12.50
C ARG A 77 -12.06 12.67 -11.62
N GLY A 78 -11.12 13.54 -11.24
CA GLY A 78 -11.32 14.69 -10.32
C GLY A 78 -11.03 14.38 -8.85
N LYS A 79 -10.69 13.14 -8.50
CA LYS A 79 -10.31 12.71 -7.15
C LYS A 79 -8.78 12.78 -6.97
N GLN A 80 -8.30 13.07 -5.75
CA GLN A 80 -6.87 13.07 -5.42
C GLN A 80 -6.52 11.79 -4.65
N LEU A 81 -5.76 10.89 -5.29
CA LEU A 81 -5.47 9.56 -4.76
C LEU A 81 -4.46 9.61 -3.61
N ARG A 82 -4.85 9.13 -2.43
CA ARG A 82 -3.98 9.05 -1.25
C ARG A 82 -3.29 7.69 -1.22
N VAL A 83 -1.97 7.63 -1.41
CA VAL A 83 -1.20 6.38 -1.58
C VAL A 83 -0.07 6.31 -0.54
N ARG A 84 -0.11 5.26 0.29
CA ARG A 84 0.76 5.08 1.46
C ARG A 84 0.92 3.60 1.83
N PHE A 85 2.02 3.25 2.50
CA PHE A 85 2.24 1.87 2.99
C PHE A 85 1.24 1.51 4.10
N ALA A 86 0.64 0.32 3.98
CA ALA A 86 -0.32 -0.21 4.94
C ALA A 86 0.41 -0.92 6.09
N CYS A 87 0.19 -0.47 7.34
CA CYS A 87 0.92 -0.90 8.53
C CYS A 87 0.14 -0.63 9.84
N HIS A 88 0.64 -1.16 10.95
CA HIS A 88 0.02 -1.11 12.29
C HIS A 88 1.06 -1.33 13.42
N SER A 89 0.60 -1.55 14.66
CA SER A 89 1.44 -1.89 15.82
C SER A 89 0.67 -2.74 16.84
N ALA A 90 1.40 -3.50 17.67
CA ALA A 90 0.85 -4.44 18.65
C ALA A 90 1.78 -4.60 19.85
N SER A 91 1.22 -4.57 21.07
CA SER A 91 1.97 -4.66 22.33
C SER A 91 1.84 -6.05 23.01
N LEU A 92 1.11 -6.98 22.37
CA LEU A 92 0.80 -8.33 22.87
C LEU A 92 2.08 -9.09 23.27
N THR A 93 2.23 -9.33 24.58
CA THR A 93 3.38 -9.97 25.27
C THR A 93 4.75 -9.37 24.91
N SER A 94 4.79 -8.10 24.52
CA SER A 94 5.99 -7.41 24.02
C SER A 94 6.47 -6.33 25.01
N GLY A 95 7.31 -6.74 25.97
CA GLY A 95 7.92 -5.87 26.99
C GLY A 95 9.38 -6.26 27.29
N PRO A 96 10.38 -5.61 26.64
CA PRO A 96 11.80 -5.87 26.88
C PRO A 96 12.36 -5.15 28.11
N SER A 97 11.60 -4.23 28.73
CA SER A 97 11.99 -3.51 29.95
C SER A 97 12.23 -4.43 31.16
N SER A 98 13.18 -4.08 32.03
CA SER A 98 13.58 -4.89 33.20
C SER A 98 12.45 -5.07 34.22
N GLY A 99 12.09 -6.33 34.53
CA GLY A 99 11.03 -6.71 35.49
C GLY A 99 10.68 -8.19 35.43
N GLY A 1 8.42 -12.96 25.98
CA GLY A 1 7.07 -12.75 25.39
C GLY A 1 7.09 -13.04 23.89
N SER A 2 6.43 -12.21 23.09
CA SER A 2 6.31 -12.33 21.62
C SER A 2 6.27 -10.94 20.95
N SER A 3 6.69 -10.85 19.68
CA SER A 3 6.75 -9.62 18.89
C SER A 3 6.85 -9.94 17.37
N GLY A 4 6.61 -8.94 16.51
CA GLY A 4 6.58 -9.10 15.05
C GLY A 4 5.28 -9.71 14.57
N SER A 5 5.36 -10.78 13.76
CA SER A 5 4.21 -11.49 13.19
C SER A 5 4.58 -12.93 12.79
N SER A 6 3.71 -13.90 13.09
CA SER A 6 3.97 -15.33 12.84
C SER A 6 3.74 -15.74 11.38
N GLY A 7 4.65 -16.54 10.81
CA GLY A 7 4.53 -17.12 9.47
C GLY A 7 3.68 -18.40 9.45
N GLY A 8 3.10 -18.71 8.29
CA GLY A 8 2.30 -19.92 8.05
C GLY A 8 3.15 -21.07 7.48
N GLU A 9 2.60 -21.79 6.50
CA GLU A 9 3.25 -22.89 5.78
C GLU A 9 4.34 -22.43 4.79
N LYS A 10 4.61 -21.12 4.70
CA LYS A 10 5.58 -20.48 3.81
C LYS A 10 6.25 -19.25 4.46
N THR A 11 7.44 -18.87 3.96
CA THR A 11 8.28 -17.78 4.48
C THR A 11 8.34 -16.64 3.47
N PHE A 12 7.50 -15.62 3.68
CA PHE A 12 7.28 -14.48 2.79
C PHE A 12 7.18 -13.18 3.61
N THR A 13 8.26 -12.88 4.34
CA THR A 13 8.41 -11.67 5.17
C THR A 13 8.77 -10.48 4.28
N GLN A 14 7.88 -9.48 4.23
CA GLN A 14 7.95 -8.31 3.35
C GLN A 14 6.97 -7.22 3.80
N ARG A 15 7.10 -6.01 3.24
CA ARG A 15 6.34 -4.79 3.61
C ARG A 15 5.95 -3.97 2.37
N SER A 16 5.45 -4.69 1.37
CA SER A 16 5.09 -4.18 0.02
C SER A 16 3.61 -3.75 -0.11
N ARG A 17 2.81 -3.89 0.97
CA ARG A 17 1.37 -3.60 0.96
C ARG A 17 1.11 -2.09 0.99
N LEU A 18 0.35 -1.60 0.02
CA LEU A 18 -0.03 -0.21 -0.18
C LEU A 18 -1.55 -0.04 0.02
N PHE A 19 -1.91 1.06 0.66
CA PHE A 19 -3.27 1.56 0.89
C PHE A 19 -3.55 2.67 -0.12
N VAL A 20 -4.78 2.75 -0.64
CA VAL A 20 -5.20 3.75 -1.63
C VAL A 20 -6.54 4.38 -1.21
N GLY A 21 -6.52 5.68 -0.91
CA GLY A 21 -7.68 6.50 -0.56
C GLY A 21 -8.06 7.51 -1.63
N ASN A 22 -9.18 8.20 -1.43
CA ASN A 22 -9.81 9.16 -2.35
C ASN A 22 -10.35 8.51 -3.66
N LEU A 23 -10.43 7.17 -3.74
CA LEU A 23 -10.76 6.44 -4.96
C LEU A 23 -12.09 6.90 -5.62
N PRO A 24 -12.16 6.91 -6.97
CA PRO A 24 -13.35 7.31 -7.73
C PRO A 24 -14.48 6.26 -7.63
N PRO A 25 -15.72 6.62 -8.02
CA PRO A 25 -16.87 5.72 -7.94
C PRO A 25 -16.88 4.61 -9.02
N ASP A 26 -15.97 4.67 -10.00
CA ASP A 26 -15.92 3.80 -11.17
C ASP A 26 -14.60 3.01 -11.31
N ILE A 27 -13.88 2.81 -10.19
CA ILE A 27 -12.68 1.97 -10.13
C ILE A 27 -13.07 0.48 -9.97
N THR A 28 -12.31 -0.40 -10.63
CA THR A 28 -12.46 -1.86 -10.64
C THR A 28 -11.10 -2.53 -10.49
N GLU A 29 -11.09 -3.84 -10.22
CA GLU A 29 -9.87 -4.62 -10.05
C GLU A 29 -9.00 -4.64 -11.32
N GLU A 30 -9.60 -4.53 -12.52
CA GLU A 30 -8.88 -4.40 -13.78
C GLU A 30 -8.20 -3.04 -13.94
N GLU A 31 -8.93 -1.96 -13.68
CA GLU A 31 -8.37 -0.60 -13.65
C GLU A 31 -7.23 -0.48 -12.62
N MET A 32 -7.37 -1.08 -11.44
CA MET A 32 -6.34 -1.03 -10.38
C MET A 32 -5.08 -1.83 -10.76
N ARG A 33 -5.22 -2.96 -11.47
CA ARG A 33 -4.09 -3.69 -12.05
C ARG A 33 -3.43 -2.90 -13.19
N LYS A 34 -4.21 -2.18 -14.02
CA LYS A 34 -3.70 -1.34 -15.10
C LYS A 34 -2.97 -0.09 -14.58
N LEU A 35 -3.47 0.57 -13.54
CA LEU A 35 -2.83 1.71 -12.86
C LEU A 35 -1.44 1.36 -12.28
N PHE A 36 -1.20 0.09 -11.97
CA PHE A 36 0.04 -0.42 -11.39
C PHE A 36 0.84 -1.29 -12.39
N GLU A 37 0.49 -1.30 -13.68
CA GLU A 37 1.08 -2.21 -14.68
C GLU A 37 2.56 -1.92 -14.97
N LYS A 38 3.03 -0.69 -14.70
CA LYS A 38 4.46 -0.31 -14.74
C LYS A 38 5.30 -1.11 -13.73
N TYR A 39 4.66 -1.66 -12.70
CA TYR A 39 5.26 -2.43 -11.60
C TYR A 39 4.92 -3.93 -11.68
N GLY A 40 4.39 -4.38 -12.82
CA GLY A 40 3.99 -5.77 -13.07
C GLY A 40 2.64 -6.13 -12.46
N LYS A 41 2.32 -7.42 -12.45
CA LYS A 41 1.11 -7.95 -11.82
C LYS A 41 1.25 -8.01 -10.29
N ALA A 42 0.32 -7.38 -9.56
CA ALA A 42 0.26 -7.40 -8.09
C ALA A 42 -0.13 -8.80 -7.57
N GLY A 43 0.36 -9.15 -6.37
CA GLY A 43 0.11 -10.45 -5.72
C GLY A 43 -1.16 -10.48 -4.87
N GLU A 44 -1.74 -9.32 -4.58
CA GLU A 44 -3.03 -9.15 -3.89
C GLU A 44 -3.64 -7.79 -4.29
N VAL A 45 -4.94 -7.76 -4.58
CA VAL A 45 -5.70 -6.56 -4.98
C VAL A 45 -7.11 -6.62 -4.37
N PHE A 46 -7.54 -5.56 -3.69
CA PHE A 46 -8.89 -5.42 -3.10
C PHE A 46 -9.39 -3.97 -3.16
N ILE A 47 -10.70 -3.79 -3.38
CA ILE A 47 -11.39 -2.50 -3.37
C ILE A 47 -12.73 -2.66 -2.62
N HIS A 48 -12.98 -1.80 -1.64
CA HIS A 48 -14.21 -1.79 -0.85
C HIS A 48 -14.99 -0.48 -1.08
N LYS A 49 -15.92 -0.51 -2.04
CA LYS A 49 -16.68 0.67 -2.50
C LYS A 49 -17.78 1.13 -1.51
N ASP A 50 -18.09 0.31 -0.51
CA ASP A 50 -18.95 0.65 0.62
C ASP A 50 -18.30 1.65 1.61
N LYS A 51 -16.95 1.73 1.63
CA LYS A 51 -16.18 2.69 2.43
C LYS A 51 -15.34 3.68 1.59
N GLY A 52 -14.99 3.34 0.35
CA GLY A 52 -14.28 4.21 -0.61
C GLY A 52 -12.75 4.09 -0.56
N PHE A 53 -12.24 2.88 -0.33
CA PHE A 53 -10.81 2.59 -0.10
C PHE A 53 -10.37 1.28 -0.78
N GLY A 54 -9.09 1.21 -1.15
CA GLY A 54 -8.45 0.05 -1.79
C GLY A 54 -7.10 -0.31 -1.18
N PHE A 55 -6.67 -1.53 -1.47
CA PHE A 55 -5.47 -2.18 -0.95
C PHE A 55 -4.80 -3.00 -2.06
N ILE A 56 -3.48 -2.99 -2.13
CA ILE A 56 -2.70 -3.67 -3.18
C ILE A 56 -1.30 -4.04 -2.68
N ARG A 57 -0.71 -5.14 -3.16
CA ARG A 57 0.60 -5.63 -2.68
C ARG A 57 1.45 -6.12 -3.87
N LEU A 58 2.66 -5.59 -3.99
CA LEU A 58 3.54 -5.80 -5.16
C LEU A 58 4.64 -6.84 -4.88
N GLU A 59 5.45 -7.16 -5.88
CA GLU A 59 6.44 -8.25 -5.78
C GLU A 59 7.70 -7.88 -4.97
N THR A 60 8.07 -6.59 -4.86
CA THR A 60 9.27 -6.12 -4.15
C THR A 60 9.04 -4.77 -3.46
N ARG A 61 9.81 -4.52 -2.39
CA ARG A 61 9.84 -3.23 -1.70
C ARG A 61 10.25 -2.08 -2.62
N THR A 62 11.14 -2.31 -3.59
CA THR A 62 11.60 -1.34 -4.58
C THR A 62 10.44 -0.86 -5.44
N LEU A 63 9.67 -1.80 -5.99
CA LEU A 63 8.48 -1.49 -6.78
C LEU A 63 7.39 -0.82 -5.93
N ALA A 64 7.21 -1.22 -4.67
CA ALA A 64 6.26 -0.57 -3.76
C ALA A 64 6.64 0.88 -3.40
N GLU A 65 7.93 1.19 -3.26
CA GLU A 65 8.42 2.57 -3.07
C GLU A 65 8.22 3.42 -4.33
N ILE A 66 8.57 2.89 -5.51
CA ILE A 66 8.35 3.59 -6.79
C ILE A 66 6.86 3.84 -7.02
N ALA A 67 6.00 2.83 -6.84
CA ALA A 67 4.55 2.98 -6.94
C ALA A 67 4.00 4.01 -5.94
N LYS A 68 4.44 4.00 -4.67
CA LYS A 68 4.13 5.05 -3.69
C LYS A 68 4.49 6.44 -4.23
N VAL A 69 5.74 6.65 -4.67
CA VAL A 69 6.21 7.98 -5.10
C VAL A 69 5.53 8.44 -6.40
N GLU A 70 5.19 7.52 -7.30
CA GLU A 70 4.53 7.80 -8.59
C GLU A 70 3.03 8.08 -8.49
N LEU A 71 2.31 7.39 -7.60
CA LEU A 71 0.83 7.38 -7.56
C LEU A 71 0.24 8.26 -6.45
N ASP A 72 0.99 8.62 -5.41
CA ASP A 72 0.52 9.52 -4.36
C ASP A 72 0.32 10.94 -4.91
N ASN A 73 -0.83 11.55 -4.56
CA ASN A 73 -1.36 12.81 -5.09
C ASN A 73 -1.59 12.84 -6.62
N MET A 74 -1.65 11.68 -7.30
CA MET A 74 -1.97 11.60 -8.73
C MET A 74 -3.47 11.80 -8.98
N PRO A 75 -3.86 12.57 -10.03
CA PRO A 75 -5.26 12.76 -10.41
C PRO A 75 -5.80 11.53 -11.16
N LEU A 76 -7.06 11.17 -10.88
CA LEU A 76 -7.81 10.10 -11.55
C LEU A 76 -9.30 10.47 -11.63
N ARG A 77 -9.86 10.59 -12.85
CA ARG A 77 -11.31 10.74 -13.09
C ARG A 77 -11.94 11.99 -12.43
N GLY A 78 -11.13 13.02 -12.14
CA GLY A 78 -11.53 14.25 -11.44
C GLY A 78 -11.35 14.20 -9.91
N LYS A 79 -10.84 13.09 -9.37
CA LYS A 79 -10.51 12.89 -7.95
C LYS A 79 -8.97 12.86 -7.75
N GLN A 80 -8.51 12.99 -6.51
CA GLN A 80 -7.10 12.74 -6.15
C GLN A 80 -6.91 11.26 -5.76
N LEU A 81 -5.67 10.85 -5.49
CA LEU A 81 -5.32 9.54 -4.96
C LEU A 81 -4.34 9.69 -3.81
N ARG A 82 -4.74 9.30 -2.59
CA ARG A 82 -3.86 9.27 -1.42
C ARG A 82 -3.24 7.88 -1.32
N VAL A 83 -1.91 7.77 -1.37
CA VAL A 83 -1.21 6.47 -1.37
C VAL A 83 -0.19 6.44 -0.23
N ARG A 84 -0.22 5.37 0.59
CA ARG A 84 0.67 5.15 1.73
C ARG A 84 0.97 3.65 1.92
N PHE A 85 1.99 3.32 2.70
CA PHE A 85 2.22 1.94 3.15
C PHE A 85 1.15 1.54 4.16
N ALA A 86 0.54 0.37 3.96
CA ALA A 86 -0.55 -0.15 4.78
C ALA A 86 -0.01 -0.83 6.05
N CYS A 87 0.51 -0.03 6.98
CA CYS A 87 1.26 -0.46 8.16
C CYS A 87 1.20 0.57 9.30
N HIS A 88 1.67 0.16 10.48
CA HIS A 88 1.70 0.94 11.74
C HIS A 88 2.77 0.35 12.71
N SER A 89 2.98 0.98 13.87
CA SER A 89 4.02 0.58 14.83
C SER A 89 3.61 0.83 16.29
N ALA A 90 4.01 -0.06 17.20
CA ALA A 90 3.67 -0.04 18.62
C ALA A 90 4.59 0.92 19.43
N SER A 91 4.80 2.13 18.92
CA SER A 91 5.62 3.16 19.58
C SER A 91 4.83 3.85 20.71
N LEU A 92 5.18 3.52 21.97
CA LEU A 92 4.63 4.18 23.16
C LEU A 92 5.36 5.51 23.42
N THR A 93 4.60 6.52 23.87
CA THR A 93 5.06 7.89 24.15
C THR A 93 4.29 8.44 25.35
N SER A 94 5.00 9.02 26.31
CA SER A 94 4.44 9.56 27.56
C SER A 94 5.44 10.54 28.23
N GLY A 95 4.92 11.55 28.93
CA GLY A 95 5.72 12.56 29.63
C GLY A 95 4.89 13.35 30.66
N PRO A 96 4.63 12.79 31.87
CA PRO A 96 3.84 13.44 32.91
C PRO A 96 4.64 14.49 33.72
N SER A 97 5.96 14.58 33.52
CA SER A 97 6.84 15.55 34.19
C SER A 97 6.48 17.01 33.89
N SER A 98 6.53 17.88 34.89
CA SER A 98 6.24 19.33 34.75
C SER A 98 7.36 20.08 34.01
N GLY A 99 7.01 20.82 32.94
CA GLY A 99 7.92 21.63 32.12
C GLY A 99 7.26 22.18 30.86
N GLY A 1 0.87 9.57 16.66
CA GLY A 1 2.09 10.29 17.09
C GLY A 1 2.69 11.12 15.96
N SER A 2 3.55 12.08 16.30
CA SER A 2 4.14 13.05 15.36
C SER A 2 5.61 13.33 15.72
N SER A 3 6.53 13.12 14.78
CA SER A 3 7.99 13.30 14.97
C SER A 3 8.72 13.24 13.61
N GLY A 4 9.87 13.92 13.50
CA GLY A 4 10.80 13.80 12.37
C GLY A 4 11.74 12.60 12.49
N SER A 5 12.55 12.36 11.47
CA SER A 5 13.59 11.31 11.47
C SER A 5 14.84 11.73 12.28
N SER A 6 15.57 10.74 12.82
CA SER A 6 16.72 10.97 13.71
C SER A 6 18.09 10.92 12.99
N GLY A 7 18.09 10.76 11.65
CA GLY A 7 19.30 10.61 10.84
C GLY A 7 19.89 9.19 10.90
N GLY A 8 21.19 9.08 10.61
CA GLY A 8 21.93 7.80 10.60
C GLY A 8 21.71 6.99 9.32
N GLU A 9 21.80 5.67 9.43
CA GLU A 9 21.58 4.73 8.33
C GLU A 9 20.09 4.62 7.96
N LYS A 10 19.81 4.29 6.69
CA LYS A 10 18.44 4.10 6.18
C LYS A 10 17.70 2.90 6.83
N THR A 11 16.36 2.94 6.77
CA THR A 11 15.46 1.86 7.23
C THR A 11 14.87 1.09 6.04
N PHE A 12 14.20 -0.02 6.35
CA PHE A 12 13.73 -1.02 5.38
C PHE A 12 12.36 -1.58 5.80
N THR A 13 11.45 -1.80 4.83
CA THR A 13 10.15 -2.45 5.06
C THR A 13 10.26 -3.97 4.89
N GLN A 14 9.37 -4.69 5.57
CA GLN A 14 9.22 -6.14 5.48
C GLN A 14 8.10 -6.55 4.49
N ARG A 15 7.26 -5.60 4.04
CA ARG A 15 6.04 -5.85 3.25
C ARG A 15 5.86 -4.81 2.14
N SER A 16 5.39 -5.27 0.98
CA SER A 16 5.13 -4.47 -0.23
C SER A 16 3.63 -4.07 -0.37
N ARG A 17 2.87 -4.11 0.72
CA ARG A 17 1.45 -3.71 0.77
C ARG A 17 1.30 -2.19 0.77
N LEU A 18 0.48 -1.69 -0.15
CA LEU A 18 0.09 -0.28 -0.28
C LEU A 18 -1.42 -0.12 -0.02
N PHE A 19 -1.75 0.97 0.66
CA PHE A 19 -3.09 1.49 0.89
C PHE A 19 -3.37 2.60 -0.14
N VAL A 20 -4.59 2.66 -0.68
CA VAL A 20 -5.01 3.68 -1.65
C VAL A 20 -6.38 4.24 -1.24
N GLY A 21 -6.39 5.50 -0.80
CA GLY A 21 -7.59 6.27 -0.45
C GLY A 21 -7.99 7.28 -1.51
N ASN A 22 -9.17 7.89 -1.31
CA ASN A 22 -9.79 8.87 -2.21
C ASN A 22 -10.19 8.26 -3.58
N LEU A 23 -10.31 6.94 -3.67
CA LEU A 23 -10.66 6.22 -4.90
C LEU A 23 -12.02 6.67 -5.48
N PRO A 24 -12.16 6.74 -6.81
CA PRO A 24 -13.40 7.13 -7.48
C PRO A 24 -14.49 6.06 -7.32
N PRO A 25 -15.77 6.42 -7.47
CA PRO A 25 -16.90 5.46 -7.38
C PRO A 25 -16.99 4.52 -8.59
N ASP A 26 -16.10 4.65 -9.58
CA ASP A 26 -16.10 3.91 -10.85
C ASP A 26 -14.90 2.96 -11.02
N ILE A 27 -14.04 2.80 -10.00
CA ILE A 27 -12.83 1.97 -10.07
C ILE A 27 -13.19 0.46 -10.01
N THR A 28 -12.45 -0.35 -10.78
CA THR A 28 -12.55 -1.82 -10.83
C THR A 28 -11.18 -2.43 -10.53
N GLU A 29 -11.16 -3.73 -10.23
CA GLU A 29 -9.90 -4.48 -10.08
C GLU A 29 -9.07 -4.48 -11.37
N GLU A 30 -9.70 -4.35 -12.54
CA GLU A 30 -9.02 -4.22 -13.84
C GLU A 30 -8.39 -2.83 -14.02
N GLU A 31 -9.08 -1.76 -13.60
CA GLU A 31 -8.50 -0.42 -13.60
C GLU A 31 -7.37 -0.29 -12.57
N MET A 32 -7.49 -0.93 -11.40
CA MET A 32 -6.43 -0.96 -10.39
C MET A 32 -5.21 -1.75 -10.88
N ARG A 33 -5.42 -2.88 -11.55
CA ARG A 33 -4.33 -3.63 -12.21
C ARG A 33 -3.63 -2.77 -13.27
N LYS A 34 -4.37 -1.95 -14.02
CA LYS A 34 -3.82 -1.03 -15.04
C LYS A 34 -3.08 0.18 -14.43
N LEU A 35 -3.59 0.77 -13.34
CA LEU A 35 -2.93 1.84 -12.57
C LEU A 35 -1.53 1.43 -12.08
N PHE A 36 -1.32 0.14 -11.82
CA PHE A 36 -0.08 -0.44 -11.31
C PHE A 36 0.67 -1.28 -12.36
N GLU A 37 0.31 -1.20 -13.65
CA GLU A 37 0.90 -2.05 -14.71
C GLU A 37 2.36 -1.69 -15.07
N LYS A 38 2.80 -0.46 -14.75
CA LYS A 38 4.20 -0.04 -14.92
C LYS A 38 5.17 -0.85 -14.02
N TYR A 39 4.62 -1.49 -12.98
CA TYR A 39 5.32 -2.31 -11.99
C TYR A 39 5.15 -3.82 -12.25
N GLY A 40 4.55 -4.20 -13.39
CA GLY A 40 4.27 -5.59 -13.75
C GLY A 40 2.84 -5.94 -13.37
N LYS A 41 2.69 -6.78 -12.33
CA LYS A 41 1.41 -7.08 -11.68
C LYS A 41 1.53 -7.10 -10.15
N ALA A 42 0.40 -6.91 -9.47
CA ALA A 42 0.27 -7.13 -8.04
C ALA A 42 0.00 -8.63 -7.76
N GLY A 43 0.43 -9.11 -6.59
CA GLY A 43 0.14 -10.45 -6.08
C GLY A 43 -1.16 -10.53 -5.28
N GLU A 44 -1.73 -9.39 -4.86
CA GLU A 44 -3.05 -9.28 -4.27
C GLU A 44 -3.65 -7.88 -4.52
N VAL A 45 -4.97 -7.81 -4.72
CA VAL A 45 -5.75 -6.60 -5.06
C VAL A 45 -7.10 -6.64 -4.32
N PHE A 46 -7.45 -5.57 -3.61
CA PHE A 46 -8.72 -5.40 -2.90
C PHE A 46 -9.25 -3.96 -3.02
N ILE A 47 -10.57 -3.83 -3.23
CA ILE A 47 -11.29 -2.54 -3.37
C ILE A 47 -12.65 -2.70 -2.67
N HIS A 48 -12.99 -1.80 -1.74
CA HIS A 48 -14.28 -1.83 -1.04
C HIS A 48 -15.12 -0.56 -1.29
N LYS A 49 -16.18 -0.72 -2.11
CA LYS A 49 -17.06 0.38 -2.57
C LYS A 49 -17.85 1.07 -1.44
N ASP A 50 -18.13 0.34 -0.36
CA ASP A 50 -18.93 0.80 0.79
C ASP A 50 -18.11 1.63 1.79
N LYS A 51 -16.79 1.67 1.63
CA LYS A 51 -15.86 2.50 2.41
C LYS A 51 -15.16 3.59 1.55
N GLY A 52 -14.88 3.32 0.27
CA GLY A 52 -14.18 4.24 -0.64
C GLY A 52 -12.65 4.10 -0.60
N PHE A 53 -12.15 2.91 -0.25
CA PHE A 53 -10.73 2.62 -0.01
C PHE A 53 -10.34 1.25 -0.60
N GLY A 54 -9.05 1.10 -0.92
CA GLY A 54 -8.45 -0.12 -1.47
C GLY A 54 -7.04 -0.39 -0.96
N PHE A 55 -6.59 -1.62 -1.24
CA PHE A 55 -5.28 -2.16 -0.86
C PHE A 55 -4.71 -2.99 -2.02
N ILE A 56 -3.39 -3.01 -2.16
CA ILE A 56 -2.69 -3.69 -3.27
C ILE A 56 -1.27 -4.08 -2.85
N ARG A 57 -0.80 -5.28 -3.23
CA ARG A 57 0.47 -5.85 -2.76
C ARG A 57 1.38 -6.15 -3.97
N LEU A 58 2.51 -5.45 -4.11
CA LEU A 58 3.39 -5.58 -5.28
C LEU A 58 4.44 -6.68 -5.09
N GLU A 59 5.14 -7.09 -6.16
CA GLU A 59 6.00 -8.28 -6.09
C GLU A 59 7.32 -8.08 -5.33
N THR A 60 7.75 -6.82 -5.12
CA THR A 60 8.91 -6.43 -4.29
C THR A 60 8.65 -5.10 -3.59
N ARG A 61 9.40 -4.84 -2.52
CA ARG A 61 9.39 -3.53 -1.86
C ARG A 61 9.93 -2.40 -2.77
N THR A 62 10.92 -2.70 -3.63
CA THR A 62 11.46 -1.77 -4.64
C THR A 62 10.35 -1.24 -5.56
N LEU A 63 9.48 -2.12 -6.03
CA LEU A 63 8.29 -1.74 -6.80
C LEU A 63 7.32 -0.90 -5.94
N ALA A 64 7.08 -1.29 -4.69
CA ALA A 64 6.18 -0.59 -3.77
C ALA A 64 6.62 0.85 -3.45
N GLU A 65 7.90 1.13 -3.19
CA GLU A 65 8.42 2.48 -3.08
C GLU A 65 8.18 3.32 -4.34
N ILE A 66 8.55 2.81 -5.51
CA ILE A 66 8.41 3.56 -6.78
C ILE A 66 6.94 3.85 -7.07
N ALA A 67 6.06 2.86 -6.93
CA ALA A 67 4.61 3.03 -7.08
C ALA A 67 4.05 4.05 -6.08
N LYS A 68 4.44 3.99 -4.80
CA LYS A 68 4.02 4.97 -3.80
C LYS A 68 4.48 6.39 -4.17
N VAL A 69 5.73 6.57 -4.61
CA VAL A 69 6.27 7.88 -5.03
C VAL A 69 5.54 8.40 -6.29
N GLU A 70 5.19 7.53 -7.23
CA GLU A 70 4.54 7.91 -8.51
C GLU A 70 3.03 8.18 -8.39
N LEU A 71 2.32 7.44 -7.55
CA LEU A 71 0.84 7.45 -7.47
C LEU A 71 0.29 8.36 -6.37
N ASP A 72 1.09 8.72 -5.37
CA ASP A 72 0.70 9.64 -4.30
C ASP A 72 0.29 11.01 -4.86
N ASN A 73 -0.96 11.40 -4.57
CA ASN A 73 -1.62 12.63 -5.02
C ASN A 73 -1.82 12.70 -6.55
N MET A 74 -1.80 11.57 -7.26
CA MET A 74 -2.10 11.51 -8.70
C MET A 74 -3.61 11.72 -8.96
N PRO A 75 -3.99 12.53 -9.97
CA PRO A 75 -5.37 12.78 -10.33
C PRO A 75 -5.98 11.59 -11.10
N LEU A 76 -7.25 11.28 -10.79
CA LEU A 76 -8.06 10.27 -11.48
C LEU A 76 -9.54 10.68 -11.46
N ARG A 77 -10.16 10.93 -12.62
CA ARG A 77 -11.60 11.27 -12.77
C ARG A 77 -12.04 12.45 -11.88
N GLY A 78 -11.19 13.47 -11.76
CA GLY A 78 -11.42 14.68 -10.93
C GLY A 78 -11.13 14.49 -9.43
N LYS A 79 -10.76 13.28 -9.01
CA LYS A 79 -10.42 12.92 -7.62
C LYS A 79 -8.89 12.84 -7.46
N GLN A 80 -8.39 12.92 -6.22
CA GLN A 80 -6.99 12.65 -5.88
C GLN A 80 -6.84 11.18 -5.45
N LEU A 81 -5.61 10.71 -5.25
CA LEU A 81 -5.30 9.35 -4.79
C LEU A 81 -4.29 9.39 -3.64
N ARG A 82 -4.73 9.07 -2.42
CA ARG A 82 -3.88 9.16 -1.22
C ARG A 82 -3.21 7.81 -0.98
N VAL A 83 -1.90 7.71 -1.26
CA VAL A 83 -1.17 6.44 -1.16
C VAL A 83 -0.25 6.41 0.06
N ARG A 84 -0.32 5.30 0.81
CA ARG A 84 0.50 5.00 2.01
C ARG A 84 0.94 3.53 2.01
N PHE A 85 1.85 3.15 2.91
CA PHE A 85 2.20 1.75 3.18
C PHE A 85 1.24 1.14 4.21
N ALA A 86 0.69 -0.04 3.90
CA ALA A 86 -0.22 -0.81 4.75
C ALA A 86 0.53 -1.93 5.51
N CYS A 87 1.57 -1.55 6.24
CA CYS A 87 2.43 -2.47 7.01
C CYS A 87 1.84 -2.78 8.40
N HIS A 88 1.96 -4.04 8.82
CA HIS A 88 1.37 -4.59 10.05
C HIS A 88 2.29 -4.61 11.29
N SER A 89 3.49 -4.02 11.17
CA SER A 89 4.56 -4.01 12.19
C SER A 89 5.24 -2.63 12.30
N ALA A 90 6.05 -2.43 13.35
CA ALA A 90 6.74 -1.18 13.66
C ALA A 90 8.13 -1.42 14.28
N SER A 91 8.96 -0.37 14.31
CA SER A 91 10.36 -0.40 14.79
C SER A 91 10.74 0.93 15.47
N LEU A 92 11.78 0.91 16.33
CA LEU A 92 12.28 2.06 17.07
C LEU A 92 13.58 2.60 16.46
N THR A 93 13.60 3.88 16.10
CA THR A 93 14.74 4.58 15.46
C THR A 93 15.75 5.11 16.49
N SER A 94 15.34 5.26 17.74
CA SER A 94 16.15 5.84 18.84
C SER A 94 16.19 4.93 20.08
N GLY A 95 17.36 4.84 20.72
CA GLY A 95 17.59 4.01 21.91
C GLY A 95 18.95 4.29 22.57
N PRO A 96 19.05 5.29 23.46
CA PRO A 96 20.30 5.66 24.13
C PRO A 96 20.65 4.68 25.26
N SER A 97 21.95 4.55 25.56
CA SER A 97 22.50 3.64 26.59
C SER A 97 23.79 4.23 27.18
N SER A 98 23.89 4.26 28.53
CA SER A 98 25.06 4.67 29.33
C SER A 98 25.46 6.17 29.27
N GLY A 99 24.73 6.99 28.49
CA GLY A 99 24.96 8.43 28.31
C GLY A 99 23.80 9.14 27.59
#